data_5K8W
#
_entry.id   5K8W
#
_cell.length_a   74.919
_cell.length_b   98.817
_cell.length_c   207.466
_cell.angle_alpha   90.00
_cell.angle_beta   90.00
_cell.angle_gamma   90.00
#
_symmetry.space_group_name_H-M   'P 21 21 2'
#
loop_
_entity.id
_entity.type
_entity.pdbx_description
1 polymer 'Histone-arginine methyltransferase CARM1'
2 non-polymer 9-(7-{[amino(iminio)methyl]amino}-5,6,7-trideoxy-beta-D-ribo-heptofuranosyl)-9H-purin-6-amine
3 non-polymer 1,2-DIMETHOXYETHANE
4 non-polymer 1,2-ETHANEDIOL
5 non-polymer 'TETRAETHYLENE GLYCOL'
6 non-polymer DI(HYDROXYETHYL)ETHER
7 water water
#
_entity_poly.entity_id   1
_entity_poly.type   'polypeptide(L)'
_entity_poly.pdbx_seq_one_letter_code
;GHMGHTLERSVFSERTEESSAVQYFQFYGYLSQQQNMMQDYVRTGTYQRAILQNHTDFKDKIVLDVGCGSGILSFFAAQA
GARKIYAVEASTMAQHAEVLVKSNNLTDRIVVIPGKVEEVSLPEQVDIIISEPMGYMLFNERMLESYLHAKKYLKPSGNM
FPTIGDVHLAPFTDEQLYMEQFTKANFWYQPSFHGVDLSALRGAAVDEYFRQPVVDTFDIRILMAKSVKYTVNFLEAKEG
DLHRIEIPFKFHMLHSGLVHGLAFWFDVAFIGSIMTVWLSTAPTEPLTHWYQVRCLFQSPLFAKAGDTLSGTCLLIANKR
QSYDISIVAQVDQTGSKSSNLLDLKNPFFRYTGTTPSPPPG
;
_entity_poly.pdbx_strand_id   A,B,C,D
#
loop_
_chem_comp.id
_chem_comp.type
_chem_comp.name
_chem_comp.formula
DXE non-polymer 1,2-DIMETHOXYETHANE 'C4 H10 O2'
EDO non-polymer 1,2-ETHANEDIOL 'C2 H6 O2'
GJV non-polymer 9-(7-{[amino(iminio)methyl]amino}-5,6,7-trideoxy-beta-D-ribo-heptofuranosyl)-9H-purin-6-amine 'C13 H21 N8 O3 1'
PEG non-polymer DI(HYDROXYETHYL)ETHER 'C4 H10 O3'
PG4 non-polymer 'TETRAETHYLENE GLYCOL' 'C8 H18 O5'
#
# COMPACT_ATOMS: atom_id res chain seq x y z
N ARG A 9 32.92 -27.37 21.56
CA ARG A 9 32.19 -28.20 22.51
C ARG A 9 31.13 -29.06 21.81
N SER A 10 30.50 -28.53 20.76
CA SER A 10 29.48 -29.24 20.00
C SER A 10 29.98 -29.55 18.61
N VAL A 11 29.26 -30.46 17.94
CA VAL A 11 29.62 -30.83 16.57
C VAL A 11 29.61 -29.59 15.68
N PHE A 12 28.61 -28.72 15.84
CA PHE A 12 28.52 -27.54 15.01
C PHE A 12 29.71 -26.61 15.24
N SER A 13 29.98 -26.28 16.51
CA SER A 13 31.02 -25.31 16.82
C SER A 13 32.40 -25.81 16.43
N GLU A 14 32.65 -27.12 16.53
CA GLU A 14 33.96 -27.65 16.18
C GLU A 14 34.25 -27.58 14.69
N ARG A 15 33.24 -27.38 13.85
CA ARG A 15 33.45 -27.34 12.40
C ARG A 15 33.18 -25.98 11.78
N THR A 16 32.86 -24.97 12.59
CA THR A 16 32.43 -23.66 12.10
C THR A 16 33.19 -22.58 12.85
N GLU A 17 33.85 -21.68 12.11
CA GLU A 17 34.43 -20.49 12.73
C GLU A 17 33.32 -19.62 13.30
N GLU A 18 33.53 -19.12 14.53
CA GLU A 18 32.53 -18.29 15.18
C GLU A 18 32.10 -17.12 14.28
N SER A 19 33.07 -16.43 13.69
CA SER A 19 32.73 -15.27 12.87
C SER A 19 31.80 -15.66 11.73
N SER A 20 31.99 -16.86 11.17
CA SER A 20 31.12 -17.30 10.09
C SER A 20 29.71 -17.61 10.59
N ALA A 21 29.61 -18.24 11.77
CA ALA A 21 28.31 -18.60 12.33
C ALA A 21 27.54 -17.36 12.75
N VAL A 22 28.21 -16.39 13.37
CA VAL A 22 27.54 -15.16 13.78
C VAL A 22 26.85 -14.53 12.58
N GLN A 23 27.60 -14.34 11.50
CA GLN A 23 27.04 -13.73 10.30
C GLN A 23 25.96 -14.61 9.67
N TYR A 24 26.11 -15.92 9.78
CA TYR A 24 25.17 -16.84 9.13
C TYR A 24 23.79 -16.74 9.77
N PHE A 25 23.73 -16.75 11.10
CA PHE A 25 22.42 -16.75 11.75
C PHE A 25 21.82 -15.35 11.81
N GLN A 26 22.63 -14.29 11.79
CA GLN A 26 22.07 -12.95 11.62
C GLN A 26 21.34 -12.85 10.29
N PHE A 27 21.93 -13.41 9.23
CA PHE A 27 21.29 -13.40 7.92
C PHE A 27 19.90 -14.01 7.99
N TYR A 28 19.79 -15.17 8.61
CA TYR A 28 18.50 -15.86 8.69
C TYR A 28 17.60 -15.31 9.79
N GLY A 29 18.05 -14.32 10.55
CA GLY A 29 17.17 -13.66 11.49
C GLY A 29 16.24 -12.64 10.87
N TYR A 30 16.41 -12.34 9.58
CA TYR A 30 15.57 -11.35 8.90
C TYR A 30 14.33 -12.01 8.30
N LEU A 31 13.18 -11.35 8.50
CA LEU A 31 11.94 -11.84 7.92
C LEU A 31 11.97 -11.75 6.39
N SER A 32 12.72 -10.80 5.84
CA SER A 32 12.77 -10.67 4.39
C SER A 32 13.39 -11.91 3.75
N GLN A 33 14.40 -12.50 4.40
CA GLN A 33 15.01 -13.72 3.86
C GLN A 33 14.05 -14.90 3.97
N GLN A 34 13.28 -14.97 5.04
CA GLN A 34 12.21 -15.95 5.14
C GLN A 34 11.20 -15.74 4.03
N GLN A 35 10.77 -14.49 3.84
CA GLN A 35 9.83 -14.17 2.78
C GLN A 35 10.35 -14.60 1.41
N ASN A 36 11.64 -14.38 1.15
N ASN A 36 11.64 -14.36 1.15
CA ASN A 36 12.18 -14.73 -0.15
CA ASN A 36 12.23 -14.73 -0.13
C ASN A 36 12.14 -16.24 -0.37
C ASN A 36 12.12 -16.24 -0.36
N MET A 37 12.46 -17.03 0.65
CA MET A 37 12.36 -18.48 0.52
C MET A 37 10.91 -18.94 0.44
N MET A 38 10.04 -18.36 1.27
CA MET A 38 8.64 -18.76 1.29
C MET A 38 7.94 -18.44 -0.03
N GLN A 39 8.32 -17.35 -0.69
CA GLN A 39 7.68 -16.94 -1.93
C GLN A 39 8.18 -17.71 -3.16
N ASP A 40 9.24 -18.51 -3.02
CA ASP A 40 9.60 -19.46 -4.07
C ASP A 40 8.55 -20.56 -4.10
N TYR A 41 7.63 -20.48 -5.06
CA TYR A 41 6.49 -21.38 -5.08
C TYR A 41 6.92 -22.82 -5.33
N VAL A 42 7.93 -23.01 -6.18
CA VAL A 42 8.46 -24.36 -6.41
C VAL A 42 8.91 -24.97 -5.09
N ARG A 43 9.72 -24.25 -4.32
CA ARG A 43 10.13 -24.72 -3.00
C ARG A 43 8.92 -25.00 -2.11
N THR A 44 8.11 -23.96 -1.84
CA THR A 44 7.08 -24.08 -0.80
C THR A 44 5.94 -24.96 -1.26
N GLY A 45 5.48 -24.80 -2.50
CA GLY A 45 4.45 -25.68 -3.03
C GLY A 45 4.86 -27.14 -3.02
N THR A 46 6.09 -27.44 -3.44
CA THR A 46 6.50 -28.85 -3.56
C THR A 46 6.61 -29.50 -2.19
N TYR A 47 7.10 -28.77 -1.18
CA TYR A 47 7.15 -29.33 0.16
C TYR A 47 5.75 -29.62 0.68
N GLN A 48 4.82 -28.68 0.49
CA GLN A 48 3.45 -28.90 0.96
C GLN A 48 2.82 -30.09 0.25
N ARG A 49 2.98 -30.18 -1.07
CA ARG A 49 2.45 -31.31 -1.82
CA ARG A 49 2.45 -31.32 -1.82
C ARG A 49 3.09 -32.61 -1.36
N ALA A 50 4.39 -32.60 -1.09
CA ALA A 50 5.07 -33.84 -0.68
C ALA A 50 4.58 -34.29 0.69
N ILE A 51 4.29 -33.35 1.58
CA ILE A 51 3.85 -33.70 2.92
C ILE A 51 2.38 -34.13 2.92
N LEU A 52 1.51 -33.35 2.27
CA LEU A 52 0.09 -33.65 2.30
C LEU A 52 -0.23 -34.90 1.49
N GLN A 53 0.42 -35.09 0.35
CA GLN A 53 0.12 -36.27 -0.45
C GLN A 53 0.69 -37.54 0.17
N ASN A 54 1.52 -37.43 1.20
CA ASN A 54 1.96 -38.59 1.98
C ASN A 54 1.49 -38.46 3.41
N HIS A 55 0.22 -38.12 3.59
CA HIS A 55 -0.31 -37.81 4.92
C HIS A 55 -0.19 -38.98 5.89
N THR A 56 -0.11 -40.22 5.40
CA THR A 56 0.04 -41.35 6.29
C THR A 56 1.41 -41.39 6.95
N ASP A 57 2.43 -40.80 6.32
CA ASP A 57 3.74 -40.66 6.95
C ASP A 57 3.74 -39.62 8.07
N PHE A 58 2.67 -38.84 8.21
CA PHE A 58 2.59 -37.79 9.23
C PHE A 58 1.42 -37.94 10.19
N LYS A 59 0.34 -38.60 9.77
CA LYS A 59 -0.86 -38.67 10.59
C LYS A 59 -0.56 -39.25 11.96
N ASP A 60 -0.69 -38.43 13.00
CA ASP A 60 -0.50 -38.84 14.39
C ASP A 60 0.92 -39.34 14.63
N LYS A 61 1.89 -38.70 13.98
CA LYS A 61 3.30 -39.05 14.12
C LYS A 61 4.04 -37.93 14.84
N ILE A 62 5.23 -38.28 15.35
CA ILE A 62 6.13 -37.31 15.97
C ILE A 62 7.11 -36.85 14.89
N VAL A 63 7.25 -35.53 14.75
CA VAL A 63 7.99 -34.93 13.65
C VAL A 63 9.05 -34.00 14.21
N LEU A 64 10.22 -33.97 13.57
CA LEU A 64 11.27 -33.01 13.86
C LEU A 64 11.52 -32.17 12.63
N ASP A 65 11.48 -30.84 12.78
CA ASP A 65 11.71 -29.87 11.71
C ASP A 65 13.03 -29.16 11.99
N VAL A 66 14.05 -29.45 11.18
CA VAL A 66 15.41 -28.98 11.44
C VAL A 66 15.63 -27.65 10.73
N GLY A 67 15.89 -26.61 11.51
CA GLY A 67 16.00 -25.27 10.96
C GLY A 67 14.68 -24.78 10.39
N CYS A 68 13.66 -24.68 11.26
CA CYS A 68 12.30 -24.42 10.80
C CYS A 68 12.11 -23.00 10.27
N GLY A 69 13.00 -22.08 10.58
CA GLY A 69 12.80 -20.70 10.16
C GLY A 69 11.51 -20.17 10.74
N SER A 70 10.65 -19.61 9.89
CA SER A 70 9.35 -19.14 10.34
C SER A 70 8.44 -20.27 10.79
N GLY A 71 8.79 -21.52 10.48
CA GLY A 71 8.00 -22.66 10.90
C GLY A 71 7.07 -23.23 9.85
N ILE A 72 7.13 -22.73 8.62
CA ILE A 72 6.13 -23.09 7.61
C ILE A 72 6.06 -24.60 7.41
N LEU A 73 7.22 -25.27 7.36
CA LEU A 73 7.18 -26.72 7.15
C LEU A 73 6.46 -27.42 8.29
N SER A 74 6.64 -26.94 9.52
CA SER A 74 5.94 -27.53 10.65
C SER A 74 4.42 -27.41 10.49
N PHE A 75 3.95 -26.24 10.03
CA PHE A 75 2.52 -26.06 9.82
C PHE A 75 1.99 -27.02 8.76
N PHE A 76 2.77 -27.27 7.71
CA PHE A 76 2.36 -28.28 6.73
C PHE A 76 2.29 -29.65 7.37
N ALA A 77 3.24 -29.97 8.26
CA ALA A 77 3.17 -31.25 8.95
C ALA A 77 1.91 -31.34 9.80
N ALA A 78 1.54 -30.24 10.46
CA ALA A 78 0.31 -30.22 11.24
C ALA A 78 -0.92 -30.33 10.35
N GLN A 79 -0.93 -29.65 9.20
CA GLN A 79 -2.02 -29.84 8.25
C GLN A 79 -2.18 -31.30 7.88
N ALA A 80 -1.09 -32.05 7.82
CA ALA A 80 -1.12 -33.48 7.52
C ALA A 80 -1.48 -34.32 8.73
N GLY A 81 -1.82 -33.70 9.85
CA GLY A 81 -2.30 -34.44 11.00
C GLY A 81 -1.24 -34.94 11.96
N ALA A 82 -0.11 -34.26 12.05
CA ALA A 82 0.97 -34.75 12.91
C ALA A 82 0.59 -34.58 14.37
N ARG A 83 0.99 -35.55 15.18
CA ARG A 83 0.67 -35.52 16.61
C ARG A 83 1.49 -34.47 17.34
N LYS A 84 2.81 -34.49 17.14
CA LYS A 84 3.72 -33.57 17.81
C LYS A 84 4.84 -33.21 16.86
N ILE A 85 5.13 -31.92 16.75
CA ILE A 85 6.17 -31.42 15.86
C ILE A 85 7.15 -30.62 16.71
N TYR A 86 8.42 -31.02 16.69
CA TYR A 86 9.49 -30.26 17.31
C TYR A 86 10.19 -29.45 16.22
N ALA A 87 10.15 -28.13 16.33
CA ALA A 87 10.68 -27.24 15.31
C ALA A 87 11.90 -26.51 15.88
N VAL A 88 13.08 -26.90 15.40
CA VAL A 88 14.35 -26.40 15.94
C VAL A 88 14.87 -25.30 15.04
N GLU A 89 15.28 -24.18 15.64
CA GLU A 89 15.77 -23.04 14.90
C GLU A 89 16.81 -22.29 15.73
N ALA A 90 17.96 -22.03 15.13
CA ALA A 90 19.07 -21.44 15.87
C ALA A 90 19.10 -19.91 15.82
N SER A 91 18.50 -19.30 14.80
CA SER A 91 18.51 -17.85 14.70
C SER A 91 17.39 -17.24 15.56
N THR A 92 17.36 -15.91 15.60
CA THR A 92 16.30 -15.20 16.30
C THR A 92 14.94 -15.39 15.64
N MET A 93 14.90 -15.93 14.41
CA MET A 93 13.62 -16.27 13.79
C MET A 93 12.79 -17.20 14.66
N ALA A 94 13.41 -17.91 15.61
CA ALA A 94 12.66 -18.81 16.46
C ALA A 94 11.62 -18.08 17.30
N GLN A 95 11.91 -16.83 17.67
CA GLN A 95 10.92 -16.05 18.41
C GLN A 95 9.70 -15.78 17.54
N HIS A 96 9.92 -15.51 16.25
CA HIS A 96 8.80 -15.25 15.35
C HIS A 96 8.01 -16.51 15.09
N ALA A 97 8.70 -17.65 14.94
CA ALA A 97 8.00 -18.91 14.74
C ALA A 97 7.06 -19.20 15.90
N GLU A 98 7.50 -18.93 17.13
CA GLU A 98 6.64 -19.16 18.29
C GLU A 98 5.39 -18.29 18.24
N VAL A 99 5.56 -17.03 17.81
CA VAL A 99 4.41 -16.14 17.65
C VAL A 99 3.39 -16.76 16.69
N LEU A 100 3.87 -17.36 15.60
CA LEU A 100 2.94 -17.94 14.63
C LEU A 100 2.30 -19.21 15.17
N VAL A 101 3.05 -20.02 15.94
CA VAL A 101 2.44 -21.20 16.52
C VAL A 101 1.30 -20.81 17.44
N LYS A 102 1.47 -19.71 18.20
CA LYS A 102 0.40 -19.23 19.06
C LYS A 102 -0.77 -18.68 18.26
N SER A 103 -0.51 -17.73 17.35
CA SER A 103 -1.59 -17.10 16.62
C SER A 103 -2.40 -18.11 15.81
N ASN A 104 -1.79 -19.22 15.42
CA ASN A 104 -2.49 -20.27 14.67
C ASN A 104 -3.06 -21.36 15.58
N ASN A 105 -3.06 -21.15 16.90
CA ASN A 105 -3.71 -22.06 17.85
C ASN A 105 -3.17 -23.49 17.75
N LEU A 106 -1.85 -23.61 17.65
CA LEU A 106 -1.20 -24.92 17.48
C LEU A 106 -0.16 -25.20 18.56
N THR A 107 -0.18 -24.45 19.66
CA THR A 107 0.80 -24.64 20.71
C THR A 107 0.77 -26.05 21.30
N ASP A 108 -0.37 -26.73 21.21
CA ASP A 108 -0.47 -28.08 21.72
C ASP A 108 0.19 -29.12 20.81
N ARG A 109 0.50 -28.76 19.57
CA ARG A 109 1.06 -29.70 18.61
C ARG A 109 2.43 -29.31 18.07
N ILE A 110 2.77 -28.03 18.03
CA ILE A 110 4.06 -27.56 17.55
C ILE A 110 4.81 -26.94 18.73
N VAL A 111 6.03 -27.42 18.96
CA VAL A 111 6.90 -26.93 20.03
C VAL A 111 8.15 -26.37 19.38
N VAL A 112 8.32 -25.05 19.48
CA VAL A 112 9.51 -24.40 18.94
C VAL A 112 10.64 -24.54 19.95
N ILE A 113 11.79 -25.00 19.49
CA ILE A 113 12.96 -25.22 20.33
C ILE A 113 14.08 -24.34 19.80
N PRO A 114 14.37 -23.23 20.46
CA PRO A 114 15.45 -22.36 19.98
C PRO A 114 16.81 -23.00 20.24
N GLY A 115 17.66 -23.00 19.23
CA GLY A 115 19.01 -23.52 19.38
C GLY A 115 19.53 -24.28 18.17
N LYS A 116 20.78 -24.70 18.24
CA LYS A 116 21.36 -25.49 17.16
C LYS A 116 20.96 -26.94 17.34
N VAL A 117 20.57 -27.57 16.23
CA VAL A 117 20.13 -28.96 16.32
C VAL A 117 21.20 -29.86 16.93
N GLU A 118 22.48 -29.45 16.82
CA GLU A 118 23.58 -30.22 17.40
C GLU A 118 23.71 -30.04 18.92
N GLU A 119 23.01 -29.07 19.50
CA GLU A 119 23.18 -28.70 20.90
C GLU A 119 21.91 -28.81 21.73
N VAL A 120 20.72 -28.74 21.11
CA VAL A 120 19.48 -28.81 21.86
C VAL A 120 19.27 -30.23 22.35
N SER A 121 18.23 -30.44 23.17
CA SER A 121 17.84 -31.76 23.63
C SER A 121 16.36 -31.96 23.34
N LEU A 122 16.04 -33.02 22.63
CA LEU A 122 14.64 -33.31 22.34
C LEU A 122 14.06 -34.26 23.39
N PRO A 123 12.77 -34.16 23.69
CA PRO A 123 12.19 -35.03 24.74
C PRO A 123 12.03 -36.47 24.32
N GLU A 124 12.00 -36.78 23.03
CA GLU A 124 11.70 -38.14 22.57
C GLU A 124 12.21 -38.31 21.15
N GLN A 125 12.27 -39.57 20.73
CA GLN A 125 12.57 -39.90 19.35
C GLN A 125 11.37 -39.59 18.46
N VAL A 126 11.65 -39.42 17.16
CA VAL A 126 10.66 -38.97 16.19
C VAL A 126 10.49 -40.01 15.10
N ASP A 127 9.36 -39.94 14.41
CA ASP A 127 9.07 -40.85 13.31
C ASP A 127 9.59 -40.36 11.97
N ILE A 128 9.77 -39.05 11.80
CA ILE A 128 10.20 -38.51 10.51
C ILE A 128 10.85 -37.15 10.76
N ILE A 129 11.92 -36.88 10.02
CA ILE A 129 12.61 -35.60 10.06
C ILE A 129 12.30 -34.88 8.76
N ILE A 130 11.93 -33.61 8.87
CA ILE A 130 11.69 -32.75 7.72
C ILE A 130 12.62 -31.56 7.80
N SER A 131 13.06 -31.08 6.65
CA SER A 131 13.99 -29.97 6.61
C SER A 131 14.13 -29.51 5.17
N GLU A 132 14.62 -28.29 5.02
CA GLU A 132 14.96 -27.74 3.72
C GLU A 132 16.39 -27.23 3.86
N PRO A 133 17.38 -28.14 3.76
CA PRO A 133 18.78 -27.75 3.97
C PRO A 133 19.58 -27.45 2.72
N MET A 134 18.98 -27.54 1.53
CA MET A 134 19.74 -27.38 0.29
C MET A 134 20.21 -25.94 0.13
N GLY A 135 21.52 -25.77 -0.12
CA GLY A 135 22.06 -24.52 -0.55
C GLY A 135 22.42 -24.55 -2.03
N TYR A 136 23.09 -23.47 -2.47
CA TYR A 136 23.66 -23.48 -3.81
C TYR A 136 24.50 -24.73 -3.99
N MET A 137 24.46 -25.30 -5.20
CA MET A 137 25.15 -26.55 -5.49
C MET A 137 24.77 -27.65 -4.51
N LEU A 138 23.59 -27.53 -3.88
CA LEU A 138 23.10 -28.44 -2.85
C LEU A 138 23.84 -28.28 -1.52
N PHE A 139 25.18 -28.30 -1.55
CA PHE A 139 25.98 -28.47 -0.34
C PHE A 139 26.37 -27.15 0.35
N ASN A 140 26.19 -26.00 -0.29
CA ASN A 140 26.58 -24.75 0.34
C ASN A 140 25.81 -24.54 1.63
N GLU A 141 26.49 -23.92 2.61
CA GLU A 141 25.98 -23.68 3.95
C GLU A 141 26.19 -24.88 4.88
N ARG A 142 26.47 -26.05 4.30
CA ARG A 142 26.81 -27.25 5.06
C ARG A 142 25.68 -27.66 6.01
N MET A 143 24.44 -27.32 5.69
CA MET A 143 23.35 -27.69 6.58
C MET A 143 22.86 -29.11 6.36
N LEU A 144 23.27 -29.77 5.27
CA LEU A 144 22.97 -31.20 5.16
C LEU A 144 23.61 -31.98 6.31
N GLU A 145 24.74 -31.51 6.83
CA GLU A 145 25.36 -32.19 7.96
C GLU A 145 24.51 -32.08 9.21
N SER A 146 23.91 -30.91 9.44
CA SER A 146 22.98 -30.75 10.56
C SER A 146 21.76 -31.62 10.35
N TYR A 147 21.29 -31.73 9.11
CA TYR A 147 20.17 -32.61 8.81
C TYR A 147 20.51 -34.04 9.15
N LEU A 148 21.69 -34.50 8.76
CA LEU A 148 22.10 -35.88 9.06
C LEU A 148 22.37 -36.06 10.54
N HIS A 149 23.04 -35.09 11.16
CA HIS A 149 23.25 -35.15 12.60
C HIS A 149 21.94 -35.41 13.34
N ALA A 150 20.84 -34.84 12.84
CA ALA A 150 19.57 -34.96 13.54
C ALA A 150 19.05 -36.40 13.58
N LYS A 151 19.61 -37.30 12.79
CA LYS A 151 19.15 -38.68 12.81
C LYS A 151 19.43 -39.37 14.13
N LYS A 152 20.17 -38.75 15.05
CA LYS A 152 20.27 -39.30 16.39
C LYS A 152 18.93 -39.31 17.12
N TYR A 153 17.95 -38.55 16.65
CA TYR A 153 16.61 -38.49 17.22
C TYR A 153 15.60 -39.31 16.43
N LEU A 154 16.01 -39.94 15.34
CA LEU A 154 15.11 -40.67 14.46
C LEU A 154 14.98 -42.11 14.94
N LYS A 155 13.76 -42.64 14.84
CA LYS A 155 13.52 -44.03 15.18
C LYS A 155 14.05 -44.95 14.07
N PRO A 156 14.38 -46.20 14.42
CA PRO A 156 14.85 -47.15 13.39
C PRO A 156 13.98 -47.19 12.13
N SER A 157 12.67 -47.09 12.28
CA SER A 157 11.80 -47.02 11.11
C SER A 157 11.81 -45.66 10.43
N GLY A 158 12.40 -44.64 11.05
CA GLY A 158 12.11 -43.28 10.67
C GLY A 158 12.43 -43.00 9.21
N ASN A 159 11.80 -41.94 8.72
CA ASN A 159 11.95 -41.50 7.35
C ASN A 159 12.54 -40.10 7.33
N MET A 160 13.01 -39.70 6.16
CA MET A 160 13.64 -38.39 5.95
C MET A 160 12.95 -37.72 4.78
N PHE A 161 12.54 -36.46 4.98
CA PHE A 161 11.89 -35.65 3.95
C PHE A 161 12.68 -34.35 3.81
N PRO A 162 13.52 -34.20 2.77
CA PRO A 162 13.78 -35.07 1.62
C PRO A 162 14.53 -36.35 1.96
N THR A 163 14.32 -37.37 1.14
CA THR A 163 14.90 -38.68 1.39
C THR A 163 16.25 -38.86 0.72
N ILE A 164 16.41 -38.31 -0.50
CA ILE A 164 17.66 -38.40 -1.24
C ILE A 164 17.89 -37.07 -1.94
N GLY A 165 19.16 -36.83 -2.25
CA GLY A 165 19.55 -35.66 -3.01
C GLY A 165 20.51 -36.06 -4.11
N ASP A 166 20.29 -35.53 -5.31
CA ASP A 166 21.15 -35.76 -6.46
C ASP A 166 21.71 -34.42 -6.91
N VAL A 167 23.03 -34.31 -6.98
CA VAL A 167 23.69 -33.19 -7.61
C VAL A 167 24.08 -33.62 -9.02
N HIS A 168 23.79 -32.77 -10.00
CA HIS A 168 24.09 -33.05 -11.39
C HIS A 168 25.20 -32.12 -11.88
N LEU A 169 26.05 -32.66 -12.74
CA LEU A 169 27.18 -31.95 -13.33
C LEU A 169 27.18 -32.20 -14.82
N ALA A 170 27.40 -31.15 -15.60
CA ALA A 170 27.47 -31.28 -17.05
C ALA A 170 28.39 -30.23 -17.64
N PRO A 171 29.17 -30.54 -18.68
CA PRO A 171 30.00 -29.51 -19.32
C PRO A 171 29.16 -28.58 -20.18
N PHE A 172 29.61 -27.32 -20.25
CA PHE A 172 28.89 -26.30 -21.01
C PHE A 172 29.88 -25.50 -21.85
N THR A 173 29.32 -24.82 -22.86
CA THR A 173 30.07 -23.85 -23.65
C THR A 173 29.37 -22.51 -23.54
N ASP A 174 30.15 -21.46 -23.28
CA ASP A 174 29.61 -20.11 -23.14
C ASP A 174 30.73 -19.09 -23.32
N GLU A 175 31.01 -18.75 -24.58
CA GLU A 175 32.06 -17.80 -24.88
C GLU A 175 31.84 -16.47 -24.16
N GLN A 176 30.60 -15.98 -24.15
CA GLN A 176 30.32 -14.69 -23.51
C GLN A 176 30.76 -14.73 -22.06
N LEU A 177 30.32 -15.75 -21.32
CA LEU A 177 30.63 -15.81 -19.90
C LEU A 177 32.13 -15.88 -19.68
N TYR A 178 32.84 -16.71 -20.47
CA TYR A 178 34.28 -16.84 -20.32
C TYR A 178 34.98 -15.51 -20.58
N MET A 179 34.69 -14.87 -21.72
N MET A 179 34.71 -14.89 -21.74
CA MET A 179 35.41 -13.66 -22.09
CA MET A 179 35.39 -13.65 -22.09
C MET A 179 35.05 -12.47 -21.20
C MET A 179 35.12 -12.56 -21.06
N GLU A 180 33.89 -12.54 -20.53
CA GLU A 180 33.50 -11.49 -19.60
C GLU A 180 34.47 -11.37 -18.44
N GLN A 181 35.15 -12.47 -18.07
CA GLN A 181 36.10 -12.44 -16.96
C GLN A 181 37.31 -11.57 -17.30
N PHE A 182 37.77 -11.61 -18.55
CA PHE A 182 38.93 -10.83 -18.94
C PHE A 182 38.57 -9.38 -19.23
N THR A 183 37.38 -9.14 -19.80
CA THR A 183 36.91 -7.78 -19.94
C THR A 183 36.91 -7.06 -18.61
N LYS A 184 36.45 -7.73 -17.55
CA LYS A 184 36.43 -7.10 -16.24
C LYS A 184 37.84 -6.95 -15.67
N ALA A 185 38.65 -8.01 -15.79
CA ALA A 185 40.00 -7.96 -15.22
C ALA A 185 40.91 -7.00 -15.97
N ASN A 186 40.67 -6.80 -17.26
CA ASN A 186 41.52 -5.93 -18.06
C ASN A 186 41.41 -4.46 -17.66
N PHE A 187 40.50 -4.12 -16.74
CA PHE A 187 40.55 -2.79 -16.14
C PHE A 187 41.95 -2.50 -15.61
N TRP A 188 42.60 -3.51 -15.04
CA TRP A 188 43.93 -3.33 -14.48
C TRP A 188 45.04 -3.28 -15.53
N TYR A 189 44.76 -3.69 -16.76
CA TYR A 189 45.79 -3.69 -17.80
C TYR A 189 45.79 -2.34 -18.52
N GLN A 190 46.20 -1.31 -17.76
CA GLN A 190 46.42 -0.01 -18.36
C GLN A 190 47.62 0.65 -17.69
N PRO A 191 48.48 1.33 -18.45
CA PRO A 191 49.75 1.79 -17.91
C PRO A 191 49.69 3.11 -17.17
N SER A 192 48.61 3.89 -17.31
CA SER A 192 48.54 5.18 -16.63
C SER A 192 47.10 5.50 -16.25
N PHE A 193 46.57 4.78 -15.27
CA PHE A 193 45.29 5.14 -14.66
C PHE A 193 45.55 6.28 -13.69
N HIS A 194 45.21 7.50 -14.10
CA HIS A 194 45.50 8.69 -13.29
C HIS A 194 46.98 8.74 -12.91
N GLY A 195 47.84 8.25 -13.82
CA GLY A 195 49.28 8.26 -13.61
C GLY A 195 49.87 6.97 -13.07
N VAL A 196 49.04 5.99 -12.73
CA VAL A 196 49.51 4.78 -12.05
C VAL A 196 49.40 3.60 -13.02
N ASP A 197 50.47 2.82 -13.12
CA ASP A 197 50.48 1.62 -13.93
C ASP A 197 49.89 0.47 -13.12
N LEU A 198 48.68 0.06 -13.46
CA LEU A 198 48.00 -0.98 -12.72
C LEU A 198 48.29 -2.38 -13.24
N SER A 199 48.99 -2.50 -14.36
CA SER A 199 49.01 -3.76 -15.10
C SER A 199 49.56 -4.93 -14.29
N ALA A 200 50.32 -4.68 -13.22
CA ALA A 200 50.91 -5.78 -12.46
C ALA A 200 49.86 -6.59 -11.71
N LEU A 201 48.65 -6.07 -11.57
CA LEU A 201 47.62 -6.79 -10.83
C LEU A 201 46.64 -7.50 -11.74
N ARG A 202 46.84 -7.45 -13.06
CA ARG A 202 45.85 -8.03 -13.96
C ARG A 202 45.70 -9.52 -13.72
N GLY A 203 46.81 -10.23 -13.55
CA GLY A 203 46.75 -11.66 -13.30
C GLY A 203 46.02 -12.00 -12.01
N ALA A 204 46.30 -11.26 -10.94
CA ALA A 204 45.58 -11.47 -9.69
C ALA A 204 44.09 -11.20 -9.85
N ALA A 205 43.72 -10.20 -10.65
CA ALA A 205 42.31 -9.92 -10.88
C ALA A 205 41.63 -11.05 -11.65
N VAL A 206 42.28 -11.54 -12.71
CA VAL A 206 41.77 -12.71 -13.43
C VAL A 206 41.51 -13.86 -12.46
N ASP A 207 42.53 -14.22 -11.67
CA ASP A 207 42.40 -15.35 -10.77
C ASP A 207 41.24 -15.17 -9.81
N GLU A 208 41.03 -13.94 -9.33
CA GLU A 208 39.95 -13.66 -8.38
C GLU A 208 38.58 -13.94 -9.01
N TYR A 209 38.38 -13.54 -10.26
CA TYR A 209 37.10 -13.77 -10.90
C TYR A 209 36.85 -15.25 -11.16
N PHE A 210 37.88 -15.99 -11.55
CA PHE A 210 37.68 -17.41 -11.86
C PHE A 210 37.42 -18.25 -10.62
N ARG A 211 37.87 -17.80 -9.44
CA ARG A 211 37.58 -18.51 -8.20
C ARG A 211 36.11 -18.45 -7.78
N GLN A 212 35.28 -17.60 -8.41
CA GLN A 212 33.89 -17.46 -7.99
C GLN A 212 32.99 -18.35 -8.83
N PRO A 213 32.25 -19.30 -8.25
CA PRO A 213 31.17 -19.93 -9.00
C PRO A 213 30.13 -18.90 -9.42
N VAL A 214 29.64 -19.06 -10.65
CA VAL A 214 28.69 -18.12 -11.24
C VAL A 214 27.28 -18.63 -11.00
N VAL A 215 26.49 -17.86 -10.27
CA VAL A 215 25.11 -18.20 -9.95
C VAL A 215 24.20 -17.44 -10.90
N ASP A 216 23.57 -18.17 -11.81
CA ASP A 216 22.51 -17.65 -12.68
C ASP A 216 21.95 -18.85 -13.45
N THR A 217 21.04 -18.56 -14.38
CA THR A 217 20.45 -19.61 -15.20
C THR A 217 20.93 -19.44 -16.64
N PHE A 218 20.57 -20.41 -17.47
CA PHE A 218 21.09 -20.44 -18.82
C PHE A 218 20.21 -21.32 -19.68
N ASP A 219 20.37 -21.16 -21.01
CA ASP A 219 19.70 -22.03 -21.96
C ASP A 219 20.33 -23.42 -21.95
N ILE A 220 19.48 -24.45 -21.93
CA ILE A 220 19.99 -25.82 -21.89
C ILE A 220 20.82 -26.16 -23.12
N ARG A 221 20.69 -25.38 -24.20
CA ARG A 221 21.45 -25.69 -25.40
C ARG A 221 22.94 -25.42 -25.25
N ILE A 222 23.39 -24.87 -24.12
CA ILE A 222 24.83 -24.72 -23.88
C ILE A 222 25.46 -25.98 -23.29
N LEU A 223 24.66 -26.95 -22.85
CA LEU A 223 25.21 -28.17 -22.30
C LEU A 223 25.73 -29.06 -23.43
N MET A 224 26.92 -29.63 -23.24
N MET A 224 26.92 -29.63 -23.23
CA MET A 224 27.61 -30.37 -24.28
CA MET A 224 27.61 -30.37 -24.28
C MET A 224 27.62 -31.88 -24.05
C MET A 224 27.61 -31.88 -24.05
N ALA A 225 27.03 -32.36 -22.96
CA ALA A 225 27.01 -33.79 -22.67
C ALA A 225 25.97 -34.05 -21.60
N LYS A 226 25.43 -35.26 -21.61
CA LYS A 226 24.44 -35.65 -20.59
C LYS A 226 25.08 -35.56 -19.21
N SER A 227 24.26 -35.19 -18.23
CA SER A 227 24.78 -34.91 -16.90
C SER A 227 25.24 -36.19 -16.21
N VAL A 228 26.23 -36.05 -15.33
CA VAL A 228 26.62 -37.09 -14.40
C VAL A 228 26.00 -36.74 -13.06
N LYS A 229 25.70 -37.76 -12.26
CA LYS A 229 24.91 -37.60 -11.05
C LYS A 229 25.65 -38.18 -9.87
N TYR A 230 25.68 -37.42 -8.77
CA TYR A 230 26.17 -37.89 -7.48
C TYR A 230 25.02 -37.84 -6.49
N THR A 231 24.79 -38.95 -5.80
CA THR A 231 23.62 -39.11 -4.96
C THR A 231 24.00 -39.21 -3.50
N VAL A 232 23.24 -38.53 -2.65
CA VAL A 232 23.36 -38.65 -1.20
C VAL A 232 22.05 -39.24 -0.70
N ASN A 233 22.11 -40.44 -0.13
CA ASN A 233 20.95 -41.06 0.50
C ASN A 233 20.93 -40.61 1.96
N PHE A 234 19.96 -39.75 2.31
CA PHE A 234 19.90 -39.17 3.64
C PHE A 234 19.54 -40.20 4.70
N LEU A 235 18.87 -41.29 4.33
CA LEU A 235 18.63 -42.35 5.29
C LEU A 235 19.90 -43.09 5.68
N GLU A 236 20.92 -43.08 4.82
CA GLU A 236 22.12 -43.87 5.02
C GLU A 236 23.36 -43.05 5.30
N ALA A 237 23.47 -41.83 4.77
CA ALA A 237 24.71 -41.09 4.85
C ALA A 237 25.00 -40.66 6.29
N LYS A 238 26.28 -40.41 6.55
CA LYS A 238 26.73 -39.87 7.83
C LYS A 238 27.35 -38.50 7.60
N GLU A 239 27.32 -37.67 8.65
CA GLU A 239 27.92 -36.33 8.59
C GLU A 239 29.29 -36.36 7.92
N GLY A 240 30.18 -37.25 8.38
CA GLY A 240 31.54 -37.30 7.89
C GLY A 240 31.65 -37.53 6.40
N ASP A 241 30.63 -38.14 5.79
CA ASP A 241 30.66 -38.41 4.36
C ASP A 241 30.66 -37.13 3.55
N LEU A 242 30.23 -36.01 4.11
CA LEU A 242 30.13 -34.76 3.38
C LEU A 242 31.33 -33.84 3.64
N HIS A 243 32.33 -34.32 4.38
CA HIS A 243 33.53 -33.51 4.59
C HIS A 243 34.43 -33.51 3.37
N ARG A 244 34.43 -34.61 2.62
CA ARG A 244 35.22 -34.73 1.39
C ARG A 244 34.34 -35.44 0.37
N ILE A 245 33.87 -34.72 -0.63
CA ILE A 245 32.96 -35.26 -1.64
C ILE A 245 33.73 -35.36 -2.95
N GLU A 246 33.90 -36.58 -3.46
CA GLU A 246 34.62 -36.80 -4.70
C GLU A 246 33.64 -37.26 -5.77
N ILE A 247 33.49 -36.45 -6.81
CA ILE A 247 32.55 -36.73 -7.89
C ILE A 247 33.33 -37.01 -9.18
N PRO A 248 33.67 -38.26 -9.47
CA PRO A 248 34.27 -38.55 -10.78
C PRO A 248 33.27 -38.32 -11.90
N PHE A 249 33.79 -38.01 -13.09
CA PHE A 249 32.93 -37.88 -14.25
C PHE A 249 33.68 -38.36 -15.49
N LYS A 250 32.91 -38.92 -16.42
CA LYS A 250 33.39 -39.25 -17.75
C LYS A 250 32.26 -38.85 -18.71
N PHE A 251 32.34 -37.64 -19.24
CA PHE A 251 31.32 -37.15 -20.15
C PHE A 251 31.57 -37.65 -21.56
N HIS A 252 30.51 -38.01 -22.25
CA HIS A 252 30.58 -38.40 -23.65
C HIS A 252 29.99 -37.25 -24.46
N MET A 253 30.87 -36.50 -25.12
CA MET A 253 30.49 -35.22 -25.70
C MET A 253 29.49 -35.43 -26.83
N LEU A 254 28.34 -34.77 -26.71
CA LEU A 254 27.30 -34.82 -27.74
C LEU A 254 27.56 -33.83 -28.85
N HIS A 255 28.29 -32.75 -28.56
CA HIS A 255 28.55 -31.69 -29.52
C HIS A 255 30.03 -31.36 -29.49
N SER A 256 30.50 -30.77 -30.58
CA SER A 256 31.87 -30.33 -30.71
C SER A 256 31.96 -28.84 -30.35
N GLY A 257 33.01 -28.47 -29.64
CA GLY A 257 33.21 -27.08 -29.27
C GLY A 257 34.13 -26.98 -28.06
N LEU A 258 34.25 -25.75 -27.57
CA LEU A 258 35.10 -25.46 -26.42
C LEU A 258 34.30 -25.59 -25.13
N VAL A 259 34.80 -26.41 -24.22
CA VAL A 259 34.21 -26.57 -22.90
C VAL A 259 34.79 -25.50 -21.99
N HIS A 260 33.93 -24.60 -21.50
CA HIS A 260 34.36 -23.53 -20.62
C HIS A 260 34.18 -23.82 -19.14
N GLY A 261 33.55 -24.94 -18.78
CA GLY A 261 33.41 -25.30 -17.38
C GLY A 261 32.29 -26.31 -17.17
N LEU A 262 31.95 -26.49 -15.90
CA LEU A 262 30.92 -27.43 -15.48
C LEU A 262 29.73 -26.66 -14.89
N ALA A 263 28.53 -27.07 -15.29
CA ALA A 263 27.29 -26.55 -14.73
C ALA A 263 26.80 -27.53 -13.67
N PHE A 264 26.24 -26.97 -12.59
CA PHE A 264 25.74 -27.74 -11.47
C PHE A 264 24.28 -27.39 -11.22
N TRP A 265 23.49 -28.42 -10.92
CA TRP A 265 22.15 -28.26 -10.35
C TRP A 265 21.90 -29.50 -9.48
N PHE A 266 20.74 -29.52 -8.83
CA PHE A 266 20.42 -30.63 -7.95
C PHE A 266 18.92 -30.90 -7.94
N ASP A 267 18.57 -32.12 -7.56
CA ASP A 267 17.20 -32.54 -7.28
C ASP A 267 17.16 -33.20 -5.91
N VAL A 268 15.97 -33.19 -5.30
CA VAL A 268 15.73 -34.00 -4.11
C VAL A 268 14.39 -34.70 -4.29
N ALA A 269 14.25 -35.82 -3.60
CA ALA A 269 13.06 -36.65 -3.68
C ALA A 269 12.53 -36.90 -2.28
N PHE A 270 11.22 -36.73 -2.11
CA PHE A 270 10.53 -37.09 -0.88
C PHE A 270 9.92 -38.47 -1.14
N ILE A 271 10.51 -39.50 -0.55
CA ILE A 271 10.10 -40.87 -0.82
C ILE A 271 9.12 -41.26 0.30
N GLY A 272 7.83 -41.10 0.03
CA GLY A 272 6.81 -41.38 1.02
C GLY A 272 6.15 -42.74 0.78
N SER A 273 5.35 -43.14 1.78
CA SER A 273 4.64 -44.40 1.68
C SER A 273 3.59 -44.39 0.58
N ILE A 274 2.99 -43.24 0.30
CA ILE A 274 1.97 -43.16 -0.75
C ILE A 274 2.61 -42.86 -2.10
N MET A 275 3.54 -41.91 -2.17
CA MET A 275 4.15 -41.57 -3.44
C MET A 275 5.48 -40.84 -3.20
N THR A 276 6.24 -40.70 -4.29
CA THR A 276 7.50 -39.97 -4.28
C THR A 276 7.30 -38.65 -5.02
N VAL A 277 7.77 -37.56 -4.42
CA VAL A 277 7.65 -36.23 -5.00
C VAL A 277 9.06 -35.67 -5.19
N TRP A 278 9.31 -35.10 -6.36
CA TRP A 278 10.60 -34.56 -6.71
C TRP A 278 10.57 -33.04 -6.70
N LEU A 279 11.65 -32.45 -6.19
CA LEU A 279 11.91 -31.02 -6.26
C LEU A 279 13.21 -30.84 -7.05
N SER A 280 13.11 -30.23 -8.23
CA SER A 280 14.24 -30.15 -9.15
C SER A 280 14.59 -28.69 -9.43
N THR A 281 15.90 -28.41 -9.46
CA THR A 281 16.41 -27.11 -9.85
C THR A 281 17.13 -27.17 -11.19
N ALA A 282 16.85 -28.19 -11.99
CA ALA A 282 17.49 -28.35 -13.28
C ALA A 282 17.14 -27.19 -14.20
N PRO A 283 18.02 -26.88 -15.16
CA PRO A 283 17.74 -25.78 -16.10
C PRO A 283 16.56 -26.05 -17.01
N THR A 284 16.07 -27.29 -17.07
CA THR A 284 14.88 -27.61 -17.84
C THR A 284 13.59 -27.36 -17.07
N GLU A 285 13.67 -27.05 -15.79
CA GLU A 285 12.52 -26.82 -14.94
C GLU A 285 12.33 -25.34 -14.65
N PRO A 286 11.15 -24.93 -14.18
CA PRO A 286 10.95 -23.53 -13.80
C PRO A 286 12.03 -23.06 -12.83
N LEU A 287 12.38 -21.79 -12.97
CA LEU A 287 13.47 -21.23 -12.20
C LEU A 287 13.10 -21.12 -10.72
N THR A 288 14.08 -21.37 -9.86
CA THR A 288 13.94 -21.30 -8.41
C THR A 288 14.96 -20.31 -7.87
N HIS A 289 14.88 -20.04 -6.57
CA HIS A 289 15.87 -19.15 -5.95
C HIS A 289 17.25 -19.81 -5.83
N TRP A 290 17.37 -21.11 -6.12
CA TRP A 290 18.68 -21.74 -6.20
C TRP A 290 19.36 -21.51 -7.54
N TYR A 291 18.60 -21.15 -8.57
CA TYR A 291 19.13 -20.96 -9.92
C TYR A 291 19.94 -22.20 -10.33
N GLN A 292 21.05 -21.98 -11.02
CA GLN A 292 22.06 -22.99 -11.30
C GLN A 292 23.42 -22.38 -11.04
N VAL A 293 24.43 -23.23 -10.93
CA VAL A 293 25.80 -22.80 -10.60
C VAL A 293 26.74 -23.31 -11.67
N ARG A 294 27.57 -22.42 -12.20
CA ARG A 294 28.59 -22.79 -13.17
C ARG A 294 29.97 -22.43 -12.62
N CYS A 295 30.91 -23.37 -12.76
CA CYS A 295 32.31 -23.19 -12.40
C CYS A 295 33.13 -23.23 -13.69
N LEU A 296 33.80 -22.13 -13.99
CA LEU A 296 34.61 -22.05 -15.20
C LEU A 296 35.92 -22.83 -15.06
N PHE A 297 36.44 -23.30 -16.21
CA PHE A 297 37.84 -23.67 -16.36
C PHE A 297 38.62 -22.41 -16.72
N GLN A 298 39.82 -22.26 -16.16
CA GLN A 298 40.60 -21.08 -16.52
C GLN A 298 41.15 -21.15 -17.93
N SER A 299 41.24 -22.34 -18.51
CA SER A 299 41.55 -22.50 -19.92
C SER A 299 40.55 -23.48 -20.52
N PRO A 300 39.79 -23.10 -21.55
CA PRO A 300 38.81 -24.02 -22.10
C PRO A 300 39.47 -25.24 -22.74
N LEU A 301 38.66 -26.26 -22.96
CA LEU A 301 39.11 -27.52 -23.53
C LEU A 301 38.32 -27.82 -24.80
N PHE A 302 39.02 -28.04 -25.90
CA PHE A 302 38.36 -28.40 -27.14
C PHE A 302 38.07 -29.89 -27.17
N ALA A 303 36.85 -30.23 -27.59
CA ALA A 303 36.43 -31.61 -27.70
C ALA A 303 35.49 -31.75 -28.89
N LYS A 304 35.58 -32.90 -29.56
CA LYS A 304 34.66 -33.23 -30.63
C LYS A 304 33.51 -34.06 -30.07
N ALA A 305 32.39 -34.02 -30.78
CA ALA A 305 31.30 -34.93 -30.45
C ALA A 305 31.81 -36.36 -30.54
N GLY A 306 31.58 -37.13 -29.48
CA GLY A 306 32.09 -38.48 -29.38
C GLY A 306 33.33 -38.62 -28.51
N ASP A 307 34.10 -37.55 -28.34
CA ASP A 307 35.23 -37.59 -27.42
C ASP A 307 34.73 -37.77 -25.99
N THR A 308 35.68 -38.00 -25.08
CA THR A 308 35.37 -38.20 -23.66
C THR A 308 36.11 -37.17 -22.84
N LEU A 309 35.38 -36.49 -21.95
CA LEU A 309 35.93 -35.54 -21.01
C LEU A 309 35.86 -36.18 -19.63
N SER A 310 37.02 -36.52 -19.08
CA SER A 310 37.12 -37.25 -17.83
C SER A 310 37.88 -36.44 -16.80
N GLY A 311 37.57 -36.66 -15.53
CA GLY A 311 38.18 -35.89 -14.47
C GLY A 311 37.43 -36.09 -13.17
N THR A 312 37.63 -35.14 -12.26
CA THR A 312 37.08 -35.25 -10.93
C THR A 312 36.70 -33.86 -10.42
N CYS A 313 35.60 -33.80 -9.71
CA CYS A 313 35.19 -32.61 -8.95
C CYS A 313 35.29 -33.00 -7.48
N LEU A 314 36.23 -32.40 -6.77
CA LEU A 314 36.43 -32.66 -5.34
C LEU A 314 35.92 -31.46 -4.56
N LEU A 315 35.01 -31.71 -3.61
CA LEU A 315 34.49 -30.69 -2.71
C LEU A 315 35.03 -30.95 -1.31
N ILE A 316 35.82 -30.02 -0.79
CA ILE A 316 36.41 -30.12 0.54
C ILE A 316 35.73 -29.12 1.43
N ALA A 317 35.05 -29.61 2.46
CA ALA A 317 34.36 -28.73 3.40
C ALA A 317 35.35 -27.86 4.16
N ASN A 318 34.92 -26.63 4.45
CA ASN A 318 35.74 -25.67 5.20
C ASN A 318 34.96 -25.15 6.40
N LYS A 319 35.66 -24.41 7.26
CA LYS A 319 35.08 -23.90 8.49
C LYS A 319 34.21 -22.67 8.28
N ARG A 320 34.08 -22.19 7.06
CA ARG A 320 33.18 -21.10 6.74
C ARG A 320 31.82 -21.60 6.25
N GLN A 321 31.42 -22.82 6.64
CA GLN A 321 30.13 -23.37 6.25
C GLN A 321 30.00 -23.46 4.73
N SER A 322 31.09 -23.73 4.02
CA SER A 322 31.00 -23.93 2.58
C SER A 322 32.03 -24.96 2.15
N TYR A 323 32.43 -24.90 0.88
CA TYR A 323 33.34 -25.88 0.32
C TYR A 323 34.37 -25.18 -0.54
N ASP A 324 35.58 -25.73 -0.51
CA ASP A 324 36.57 -25.45 -1.54
C ASP A 324 36.35 -26.45 -2.66
N ILE A 325 36.31 -25.96 -3.89
CA ILE A 325 35.99 -26.78 -5.07
C ILE A 325 37.27 -26.94 -5.88
N SER A 326 37.60 -28.18 -6.20
CA SER A 326 38.72 -28.50 -7.07
C SER A 326 38.18 -29.30 -8.25
N ILE A 327 38.27 -28.73 -9.45
CA ILE A 327 37.86 -29.40 -10.67
C ILE A 327 39.08 -29.61 -11.55
N VAL A 328 39.29 -30.83 -12.00
CA VAL A 328 40.29 -31.12 -13.03
C VAL A 328 39.65 -32.00 -14.09
N ALA A 329 39.92 -31.69 -15.35
CA ALA A 329 39.35 -32.44 -16.45
C ALA A 329 40.36 -32.51 -17.59
N GLN A 330 40.23 -33.56 -18.39
CA GLN A 330 41.06 -33.68 -19.59
C GLN A 330 40.26 -34.36 -20.68
N VAL A 331 40.58 -34.00 -21.93
CA VAL A 331 40.03 -34.68 -23.09
C VAL A 331 40.90 -35.89 -23.36
N ASP A 332 40.35 -37.09 -23.18
CA ASP A 332 41.17 -38.29 -23.25
C ASP A 332 41.80 -38.47 -24.63
N GLN A 333 41.09 -38.07 -25.69
CA GLN A 333 41.60 -38.30 -27.04
C GLN A 333 42.77 -37.38 -27.39
N THR A 334 42.99 -36.31 -26.63
CA THR A 334 44.05 -35.35 -26.95
C THR A 334 45.00 -35.08 -25.80
N GLY A 335 44.62 -35.39 -24.55
CA GLY A 335 45.47 -35.08 -23.42
C GLY A 335 45.39 -33.66 -22.91
N SER A 336 44.75 -32.75 -23.65
CA SER A 336 44.64 -31.38 -23.18
C SER A 336 43.91 -31.34 -21.85
N LYS A 337 44.49 -30.62 -20.89
CA LYS A 337 44.08 -30.69 -19.49
C LYS A 337 43.80 -29.29 -18.96
N SER A 338 42.84 -29.20 -18.04
CA SER A 338 42.53 -27.93 -17.39
C SER A 338 42.00 -28.22 -16.00
N SER A 339 41.98 -27.17 -15.18
CA SER A 339 41.53 -27.31 -13.80
C SER A 339 40.98 -25.96 -13.33
N ASN A 340 40.60 -25.92 -12.06
CA ASN A 340 40.27 -24.66 -11.42
C ASN A 340 40.06 -24.95 -9.94
N LEU A 341 40.20 -23.90 -9.14
CA LEU A 341 39.94 -23.94 -7.71
C LEU A 341 38.98 -22.81 -7.41
N LEU A 342 37.81 -23.14 -6.87
CA LEU A 342 36.76 -22.16 -6.62
C LEU A 342 36.36 -22.15 -5.15
N ASP A 343 35.89 -20.99 -4.71
CA ASP A 343 35.41 -20.75 -3.36
C ASP A 343 33.87 -20.63 -3.42
N LEU A 344 33.18 -21.69 -3.00
CA LEU A 344 31.72 -21.72 -3.05
C LEU A 344 31.08 -20.72 -2.09
N LYS A 345 31.81 -20.26 -1.08
CA LYS A 345 31.24 -19.34 -0.09
C LYS A 345 30.94 -17.96 -0.69
N ASN A 346 31.70 -17.54 -1.71
CA ASN A 346 31.57 -16.21 -2.28
CA ASN A 346 31.58 -16.21 -2.28
C ASN A 346 31.26 -16.31 -3.77
N PRO A 347 30.09 -16.81 -4.13
CA PRO A 347 29.74 -16.91 -5.55
C PRO A 347 29.44 -15.54 -6.13
N PHE A 348 29.51 -15.46 -7.45
CA PHE A 348 29.17 -14.24 -8.18
C PHE A 348 27.75 -14.37 -8.70
N PHE A 349 26.84 -13.55 -8.16
N PHE A 349 26.85 -13.55 -8.16
CA PHE A 349 25.45 -13.53 -8.60
CA PHE A 349 25.45 -13.52 -8.59
C PHE A 349 25.36 -12.72 -9.89
C PHE A 349 25.37 -12.72 -9.90
N ARG A 350 25.12 -13.42 -11.00
CA ARG A 350 25.09 -12.80 -12.32
C ARG A 350 23.69 -12.60 -12.84
N TYR A 351 22.68 -13.25 -12.24
CA TYR A 351 21.32 -13.16 -12.75
C TYR A 351 20.80 -11.72 -12.69
N THR A 352 20.01 -11.37 -13.70
CA THR A 352 19.43 -10.04 -13.79
C THR A 352 17.91 -10.10 -13.97
N ARG B 9 42.95 -5.09 23.31
CA ARG B 9 43.31 -3.85 23.98
C ARG B 9 43.53 -2.73 22.97
N SER B 10 43.59 -3.08 21.68
CA SER B 10 43.62 -2.07 20.64
C SER B 10 42.29 -1.30 20.65
N VAL B 11 42.36 0.00 20.38
CA VAL B 11 41.15 0.80 20.27
C VAL B 11 40.17 0.15 19.29
N PHE B 12 40.67 -0.36 18.16
CA PHE B 12 39.80 -0.94 17.16
C PHE B 12 39.04 -2.13 17.73
N SER B 13 39.76 -3.13 18.25
CA SER B 13 39.10 -4.34 18.71
C SER B 13 38.13 -4.07 19.85
N GLU B 14 38.37 -3.02 20.64
CA GLU B 14 37.51 -2.73 21.77
C GLU B 14 36.13 -2.25 21.34
N ARG B 15 36.03 -1.63 20.17
CA ARG B 15 34.77 -1.10 19.67
C ARG B 15 34.16 -1.92 18.55
N THR B 16 34.76 -3.06 18.19
CA THR B 16 34.34 -3.83 17.04
C THR B 16 34.18 -5.30 17.43
N GLU B 17 33.03 -5.86 17.09
CA GLU B 17 32.84 -7.30 17.24
C GLU B 17 33.72 -8.04 16.23
N GLU B 18 34.39 -9.09 16.71
CA GLU B 18 35.29 -9.86 15.85
C GLU B 18 34.60 -10.29 14.56
N SER B 19 33.37 -10.81 14.67
CA SER B 19 32.68 -11.30 13.48
C SER B 19 32.45 -10.20 12.46
N SER B 20 32.22 -8.96 12.91
CA SER B 20 32.05 -7.86 11.98
C SER B 20 33.36 -7.53 11.27
N ALA B 21 34.46 -7.48 12.02
CA ALA B 21 35.75 -7.12 11.46
C ALA B 21 36.20 -8.14 10.41
N VAL B 22 35.99 -9.42 10.68
CA VAL B 22 36.42 -10.46 9.73
C VAL B 22 35.73 -10.28 8.39
N GLN B 23 34.40 -10.17 8.40
CA GLN B 23 33.64 -9.94 7.17
C GLN B 23 34.05 -8.62 6.51
N TYR B 24 34.23 -7.58 7.32
CA TYR B 24 34.58 -6.26 6.80
C TYR B 24 35.85 -6.31 5.96
N PHE B 25 36.93 -6.83 6.54
CA PHE B 25 38.21 -6.79 5.85
C PHE B 25 38.31 -7.83 4.74
N GLN B 26 37.60 -8.95 4.86
CA GLN B 26 37.47 -9.84 3.70
C GLN B 26 36.83 -9.10 2.52
N PHE B 27 35.78 -8.32 2.77
CA PHE B 27 35.13 -7.58 1.68
C PHE B 27 36.11 -6.67 0.96
N TYR B 28 37.00 -6.01 1.70
CA TYR B 28 37.94 -5.08 1.10
C TYR B 28 39.20 -5.76 0.60
N GLY B 29 39.31 -7.07 0.72
CA GLY B 29 40.39 -7.80 0.10
C GLY B 29 40.21 -8.11 -1.36
N TYR B 30 39.05 -7.77 -1.93
CA TYR B 30 38.73 -8.14 -3.30
C TYR B 30 39.14 -7.03 -4.25
N LEU B 31 39.85 -7.40 -5.31
CA LEU B 31 40.25 -6.41 -6.31
C LEU B 31 39.04 -5.82 -7.02
N SER B 32 37.95 -6.57 -7.13
CA SER B 32 36.74 -6.05 -7.78
C SER B 32 36.17 -4.88 -7.02
N GLN B 33 36.25 -4.90 -5.68
CA GLN B 33 35.81 -3.75 -4.92
C GLN B 33 36.72 -2.55 -5.16
N GLN B 34 38.04 -2.77 -5.26
CA GLN B 34 38.95 -1.67 -5.56
C GLN B 34 38.62 -1.06 -6.92
N GLN B 35 38.40 -1.89 -7.93
CA GLN B 35 38.02 -1.39 -9.25
C GLN B 35 36.76 -0.53 -9.17
N ASN B 36 35.76 -0.97 -8.40
CA ASN B 36 34.52 -0.22 -8.29
C ASN B 36 34.76 1.17 -7.70
N MET B 37 35.53 1.24 -6.61
CA MET B 37 35.83 2.53 -6.02
C MET B 37 36.60 3.40 -7.00
N MET B 38 37.64 2.85 -7.62
CA MET B 38 38.48 3.64 -8.51
C MET B 38 37.70 4.15 -9.71
N GLN B 39 36.72 3.37 -10.20
CA GLN B 39 35.94 3.78 -11.36
C GLN B 39 34.90 4.84 -11.04
N ASP B 40 34.78 5.27 -9.79
CA ASP B 40 34.04 6.48 -9.47
C ASP B 40 34.95 7.65 -9.83
N TYR B 41 34.81 8.16 -11.05
CA TYR B 41 35.72 9.17 -11.56
CA TYR B 41 35.75 9.15 -11.52
C TYR B 41 35.53 10.52 -10.88
N VAL B 42 34.33 10.80 -10.35
CA VAL B 42 34.18 11.98 -9.50
C VAL B 42 35.06 11.85 -8.28
N ARG B 43 35.00 10.69 -7.62
CA ARG B 43 35.77 10.46 -6.41
C ARG B 43 37.27 10.46 -6.69
N THR B 44 37.71 9.65 -7.65
CA THR B 44 39.13 9.50 -7.91
C THR B 44 39.73 10.77 -8.50
N GLY B 45 38.98 11.45 -9.38
CA GLY B 45 39.49 12.66 -10.00
C GLY B 45 39.55 13.82 -9.02
N THR B 46 38.59 13.90 -8.10
CA THR B 46 38.56 15.00 -7.15
C THR B 46 39.65 14.83 -6.09
N TYR B 47 39.92 13.59 -5.70
CA TYR B 47 41.04 13.33 -4.80
C TYR B 47 42.35 13.74 -5.47
N GLN B 48 42.58 13.30 -6.70
CA GLN B 48 43.82 13.67 -7.39
C GLN B 48 43.93 15.18 -7.51
N ARG B 49 42.83 15.86 -7.85
CA ARG B 49 42.86 17.31 -8.01
C ARG B 49 43.16 18.00 -6.68
N ALA B 50 42.55 17.53 -5.60
CA ALA B 50 42.78 18.13 -4.28
C ALA B 50 44.24 17.99 -3.85
N ILE B 51 44.88 16.88 -4.23
CA ILE B 51 46.26 16.63 -3.84
C ILE B 51 47.22 17.41 -4.74
N LEU B 52 47.05 17.29 -6.07
CA LEU B 52 48.01 17.89 -6.98
C LEU B 52 47.92 19.40 -6.99
N GLN B 53 46.69 19.95 -6.94
CA GLN B 53 46.55 21.40 -6.88
C GLN B 53 47.03 21.99 -5.56
N ASN B 54 47.23 21.18 -4.54
CA ASN B 54 47.86 21.59 -3.28
C ASN B 54 49.22 20.93 -3.09
N HIS B 55 50.00 20.82 -4.19
CA HIS B 55 51.24 20.05 -4.12
C HIS B 55 52.19 20.59 -3.04
N THR B 56 52.16 21.89 -2.76
CA THR B 56 53.02 22.45 -1.73
C THR B 56 52.76 21.82 -0.38
N ASP B 57 51.55 21.35 -0.13
CA ASP B 57 51.22 20.64 1.11
C ASP B 57 51.86 19.25 1.16
N PHE B 58 52.36 18.74 0.04
CA PHE B 58 52.96 17.41 0.00
C PHE B 58 54.44 17.42 -0.36
N LYS B 59 54.91 18.40 -1.13
CA LYS B 59 56.29 18.42 -1.61
C LYS B 59 57.27 18.28 -0.46
N ASP B 60 58.08 17.21 -0.50
CA ASP B 60 59.11 16.93 0.50
C ASP B 60 58.54 16.71 1.89
N LYS B 61 57.29 16.27 1.98
CA LYS B 61 56.61 16.03 3.23
C LYS B 61 56.54 14.53 3.54
N ILE B 62 56.22 14.24 4.80
CA ILE B 62 55.94 12.89 5.26
C ILE B 62 54.42 12.72 5.29
N VAL B 63 53.92 11.66 4.67
CA VAL B 63 52.48 11.44 4.49
C VAL B 63 52.08 10.12 5.13
N LEU B 64 50.90 10.10 5.74
CA LEU B 64 50.27 8.86 6.20
C LEU B 64 48.96 8.68 5.43
N ASP B 65 48.80 7.51 4.82
CA ASP B 65 47.61 7.17 4.05
C ASP B 65 46.84 6.08 4.82
N VAL B 66 45.67 6.44 5.34
CA VAL B 66 44.92 5.54 6.22
C VAL B 66 43.94 4.74 5.38
N GLY B 67 44.07 3.42 5.40
CA GLY B 67 43.20 2.57 4.63
C GLY B 67 43.43 2.71 3.13
N CYS B 68 44.69 2.52 2.72
CA CYS B 68 45.12 2.84 1.36
C CYS B 68 44.55 1.89 0.32
N GLY B 69 44.09 0.71 0.73
CA GLY B 69 43.62 -0.26 -0.26
C GLY B 69 44.74 -0.56 -1.24
N SER B 70 44.43 -0.43 -2.53
CA SER B 70 45.41 -0.66 -3.58
C SER B 70 46.47 0.43 -3.64
N GLY B 71 46.22 1.58 -3.00
CA GLY B 71 47.25 2.59 -2.81
C GLY B 71 47.14 3.85 -3.65
N ILE B 72 46.02 4.05 -4.34
CA ILE B 72 45.91 5.14 -5.31
C ILE B 72 46.24 6.49 -4.66
N LEU B 73 45.72 6.75 -3.46
CA LEU B 73 45.99 8.04 -2.83
C LEU B 73 47.48 8.21 -2.54
N SER B 74 48.14 7.14 -2.12
CA SER B 74 49.58 7.20 -1.90
C SER B 74 50.32 7.51 -3.20
N PHE B 75 49.82 7.01 -4.33
CA PHE B 75 50.44 7.37 -5.60
C PHE B 75 50.19 8.84 -5.95
N PHE B 76 49.01 9.37 -5.63
CA PHE B 76 48.77 10.80 -5.86
C PHE B 76 49.71 11.65 -5.02
N ALA B 77 49.93 11.26 -3.77
CA ALA B 77 50.87 11.99 -2.92
C ALA B 77 52.29 11.92 -3.44
N ALA B 78 52.68 10.79 -4.04
CA ALA B 78 54.01 10.70 -4.64
C ALA B 78 54.13 11.60 -5.86
N GLN B 79 53.07 11.66 -6.68
CA GLN B 79 53.09 12.55 -7.85
C GLN B 79 53.23 14.00 -7.43
N ALA B 80 52.65 14.38 -6.28
CA ALA B 80 52.78 15.73 -5.76
C ALA B 80 54.10 15.98 -5.05
N GLY B 81 55.01 15.00 -5.00
CA GLY B 81 56.35 15.22 -4.50
C GLY B 81 56.59 14.86 -3.06
N ALA B 82 55.76 14.02 -2.46
CA ALA B 82 55.99 13.62 -1.08
C ALA B 82 57.35 12.93 -0.96
N ARG B 83 58.02 13.16 0.17
CA ARG B 83 59.31 12.50 0.41
C ARG B 83 59.12 11.08 0.89
N LYS B 84 58.12 10.84 1.73
CA LYS B 84 57.89 9.51 2.31
C LYS B 84 56.41 9.36 2.59
N ILE B 85 55.83 8.24 2.16
CA ILE B 85 54.42 7.98 2.33
C ILE B 85 54.27 6.64 3.01
N TYR B 86 53.68 6.63 4.21
CA TYR B 86 53.35 5.40 4.90
C TYR B 86 51.90 5.06 4.58
N ALA B 87 51.69 3.90 3.92
CA ALA B 87 50.40 3.46 3.45
C ALA B 87 49.93 2.30 4.32
N VAL B 88 48.95 2.55 5.19
CA VAL B 88 48.48 1.57 6.16
C VAL B 88 47.21 0.93 5.64
N GLU B 89 47.15 -0.40 5.67
CA GLU B 89 45.99 -1.13 5.20
C GLU B 89 45.88 -2.43 5.98
N ALA B 90 44.69 -2.73 6.49
CA ALA B 90 44.50 -3.89 7.35
C ALA B 90 44.00 -5.12 6.60
N SER B 91 43.54 -4.98 5.36
CA SER B 91 43.11 -6.13 4.57
C SER B 91 44.28 -6.73 3.80
N THR B 92 44.02 -7.86 3.15
CA THR B 92 45.06 -8.47 2.32
C THR B 92 45.35 -7.65 1.07
N MET B 93 44.54 -6.63 0.78
CA MET B 93 44.86 -5.71 -0.32
C MET B 93 46.23 -5.08 -0.14
N ALA B 94 46.75 -5.04 1.09
CA ALA B 94 48.05 -4.43 1.32
C ALA B 94 49.13 -5.11 0.49
N GLN B 95 48.99 -6.41 0.24
CA GLN B 95 49.96 -7.12 -0.59
C GLN B 95 49.88 -6.71 -2.05
N HIS B 96 48.68 -6.41 -2.56
CA HIS B 96 48.58 -5.89 -3.92
C HIS B 96 49.11 -4.45 -4.01
N ALA B 97 48.92 -3.66 -2.96
CA ALA B 97 49.56 -2.34 -2.93
C ALA B 97 51.06 -2.46 -3.09
N GLU B 98 51.69 -3.38 -2.37
CA GLU B 98 53.14 -3.56 -2.46
C GLU B 98 53.56 -3.89 -3.88
N VAL B 99 52.82 -4.77 -4.55
CA VAL B 99 53.12 -5.12 -5.94
C VAL B 99 53.12 -3.86 -6.80
N LEU B 100 52.09 -3.02 -6.65
CA LEU B 100 52.04 -1.80 -7.48
C LEU B 100 53.17 -0.83 -7.14
N VAL B 101 53.60 -0.77 -5.88
CA VAL B 101 54.67 0.16 -5.53
C VAL B 101 55.98 -0.26 -6.21
N LYS B 102 56.26 -1.56 -6.23
CA LYS B 102 57.45 -2.05 -6.95
C LYS B 102 57.30 -1.85 -8.45
N SER B 103 56.19 -2.29 -9.04
CA SER B 103 56.04 -2.20 -10.48
C SER B 103 55.98 -0.76 -10.97
N ASN B 104 55.65 0.20 -10.11
CA ASN B 104 55.70 1.62 -10.44
C ASN B 104 56.99 2.30 -9.99
N ASN B 105 57.97 1.53 -9.50
CA ASN B 105 59.30 2.05 -9.19
C ASN B 105 59.26 3.13 -8.10
N LEU B 106 58.46 2.90 -7.05
CA LEU B 106 58.30 3.86 -5.96
C LEU B 106 58.65 3.27 -4.61
N THR B 107 59.46 2.20 -4.59
CA THR B 107 59.86 1.54 -3.34
C THR B 107 60.66 2.45 -2.43
N ASP B 108 61.28 3.50 -2.97
CA ASP B 108 62.04 4.44 -2.16
C ASP B 108 61.17 5.48 -1.48
N ARG B 109 59.88 5.54 -1.80
CA ARG B 109 59.03 6.61 -1.28
C ARG B 109 57.74 6.10 -0.62
N ILE B 110 57.12 5.05 -1.14
CA ILE B 110 55.87 4.52 -0.59
C ILE B 110 56.20 3.24 0.16
N VAL B 111 55.93 3.25 1.46
CA VAL B 111 56.17 2.13 2.35
C VAL B 111 54.80 1.63 2.82
N VAL B 112 54.41 0.45 2.35
CA VAL B 112 53.18 -0.19 2.81
C VAL B 112 53.43 -0.77 4.19
N ILE B 113 52.49 -0.53 5.11
CA ILE B 113 52.59 -1.04 6.47
C ILE B 113 51.31 -1.81 6.78
N PRO B 114 51.30 -3.14 6.69
CA PRO B 114 50.05 -3.87 6.85
C PRO B 114 49.58 -3.89 8.31
N GLY B 115 48.28 -3.78 8.49
CA GLY B 115 47.68 -3.83 9.79
C GLY B 115 46.71 -2.68 10.02
N LYS B 116 46.07 -2.72 11.19
CA LYS B 116 45.12 -1.69 11.57
C LYS B 116 45.87 -0.44 12.02
N VAL B 117 45.35 0.73 11.65
CA VAL B 117 46.06 1.96 12.00
C VAL B 117 46.13 2.14 13.50
N GLU B 118 45.24 1.51 14.26
CA GLU B 118 45.27 1.58 15.72
C GLU B 118 46.27 0.62 16.33
N GLU B 119 46.89 -0.24 15.53
CA GLU B 119 47.76 -1.31 16.03
C GLU B 119 49.17 -1.30 15.48
N VAL B 120 49.40 -0.65 14.34
CA VAL B 120 50.72 -0.65 13.72
C VAL B 120 51.65 0.30 14.46
N SER B 121 52.87 0.48 13.94
CA SER B 121 53.86 1.33 14.57
C SER B 121 54.57 2.12 13.48
N LEU B 122 54.26 3.42 13.37
CA LEU B 122 54.86 4.22 12.32
C LEU B 122 56.24 4.69 12.75
N PRO B 123 57.22 4.72 11.85
CA PRO B 123 58.59 5.09 12.25
C PRO B 123 58.75 6.54 12.64
N GLU B 124 57.79 7.41 12.32
CA GLU B 124 57.98 8.84 12.57
C GLU B 124 56.65 9.56 12.43
N GLN B 125 56.61 10.77 12.98
CA GLN B 125 55.44 11.62 12.85
C GLN B 125 55.34 12.17 11.43
N VAL B 126 54.12 12.50 11.02
CA VAL B 126 53.86 12.86 9.63
C VAL B 126 53.34 14.28 9.56
N ASP B 127 53.47 14.88 8.37
CA ASP B 127 52.99 16.23 8.13
C ASP B 127 51.52 16.28 7.73
N ILE B 128 51.01 15.23 7.10
CA ILE B 128 49.65 15.26 6.59
C ILE B 128 49.11 13.83 6.52
N ILE B 129 47.86 13.67 6.92
CA ILE B 129 47.15 12.40 6.79
C ILE B 129 46.16 12.53 5.65
N ILE B 130 46.15 11.54 4.77
CA ILE B 130 45.17 11.44 3.69
C ILE B 130 44.43 10.12 3.87
N SER B 131 43.15 10.12 3.53
CA SER B 131 42.33 8.94 3.68
C SER B 131 41.03 9.17 2.93
N GLU B 132 40.28 8.10 2.77
CA GLU B 132 38.95 8.11 2.17
C GLU B 132 38.02 7.42 3.15
N PRO B 133 37.72 8.06 4.27
CA PRO B 133 36.99 7.39 5.35
C PRO B 133 35.48 7.47 5.28
N MET B 134 34.91 8.04 4.23
CA MET B 134 33.47 8.28 4.17
C MET B 134 32.74 7.03 3.66
N GLY B 135 31.77 6.56 4.45
CA GLY B 135 30.85 5.54 4.00
C GLY B 135 29.53 6.15 3.54
N TYR B 136 28.56 5.28 3.31
CA TYR B 136 27.19 5.73 3.10
C TYR B 136 26.78 6.62 4.25
N MET B 137 26.14 7.74 3.91
CA MET B 137 25.72 8.70 4.93
C MET B 137 26.90 9.22 5.74
N LEU B 138 28.10 9.11 5.16
CA LEU B 138 29.36 9.57 5.76
C LEU B 138 29.88 8.63 6.84
N PHE B 139 29.02 8.28 7.80
CA PHE B 139 29.49 7.65 9.03
C PHE B 139 29.54 6.13 8.97
N ASN B 140 28.85 5.49 8.02
CA ASN B 140 28.87 4.05 7.98
C ASN B 140 30.29 3.54 7.83
N GLU B 141 30.58 2.43 8.52
CA GLU B 141 31.87 1.75 8.62
C GLU B 141 32.73 2.29 9.76
N ARG B 142 32.31 3.38 10.43
CA ARG B 142 33.05 3.97 11.55
C ARG B 142 34.51 4.17 11.20
N MET B 143 34.79 4.46 9.94
CA MET B 143 36.17 4.69 9.51
C MET B 143 36.66 6.08 9.90
N LEU B 144 35.76 7.05 10.10
CA LEU B 144 36.21 8.35 10.55
C LEU B 144 36.95 8.26 11.88
N GLU B 145 36.64 7.26 12.70
CA GLU B 145 37.27 7.15 14.00
C GLU B 145 38.71 6.66 13.88
N SER B 146 38.98 5.76 12.92
CA SER B 146 40.36 5.37 12.62
C SER B 146 41.14 6.55 12.04
N TYR B 147 40.49 7.32 11.16
CA TYR B 147 41.11 8.51 10.60
C TYR B 147 41.51 9.48 11.71
N LEU B 148 40.63 9.69 12.69
CA LEU B 148 40.91 10.61 13.77
C LEU B 148 41.88 10.02 14.78
N HIS B 149 41.80 8.71 14.99
CA HIS B 149 42.80 8.03 15.81
C HIS B 149 44.21 8.27 15.28
N ALA B 150 44.35 8.29 13.95
CA ALA B 150 45.65 8.43 13.31
C ALA B 150 46.32 9.77 13.58
N LYS B 151 45.59 10.74 14.15
CA LYS B 151 46.19 12.03 14.45
C LYS B 151 47.28 11.92 15.52
N LYS B 152 47.38 10.80 16.23
CA LYS B 152 48.50 10.62 17.15
C LYS B 152 49.84 10.63 16.44
N TYR B 153 49.88 10.38 15.13
CA TYR B 153 51.11 10.46 14.35
C TYR B 153 51.29 11.80 13.62
N LEU B 154 50.40 12.76 13.83
CA LEU B 154 50.41 14.00 13.07
C LEU B 154 51.17 15.09 13.83
N LYS B 155 52.08 15.78 13.13
CA LYS B 155 52.82 16.87 13.75
C LYS B 155 51.86 17.98 14.19
N PRO B 156 52.30 18.84 15.11
CA PRO B 156 51.42 19.95 15.52
C PRO B 156 50.99 20.82 14.37
N SER B 157 51.85 21.05 13.39
CA SER B 157 51.49 21.87 12.24
C SER B 157 50.73 21.10 11.16
N GLY B 158 50.31 19.85 11.45
CA GLY B 158 49.85 18.96 10.42
C GLY B 158 48.46 19.26 9.89
N ASN B 159 48.19 18.73 8.70
CA ASN B 159 46.92 18.92 8.02
C ASN B 159 46.28 17.56 7.77
N MET B 160 44.99 17.59 7.45
CA MET B 160 44.20 16.40 7.17
C MET B 160 43.50 16.60 5.85
N PHE B 161 43.51 15.56 5.02
CA PHE B 161 42.86 15.56 3.71
C PHE B 161 41.99 14.32 3.62
N PRO B 162 40.65 14.45 3.75
CA PRO B 162 39.85 15.68 3.86
C PRO B 162 39.97 16.38 5.20
N THR B 163 39.66 17.68 5.22
CA THR B 163 39.79 18.52 6.42
C THR B 163 38.50 18.61 7.23
N ILE B 164 37.35 18.72 6.56
CA ILE B 164 36.06 18.81 7.24
C ILE B 164 35.03 17.97 6.49
N GLY B 165 33.97 17.61 7.19
CA GLY B 165 32.85 16.91 6.59
C GLY B 165 31.51 17.51 6.96
N ASP B 166 30.65 17.75 5.98
CA ASP B 166 29.31 18.29 6.20
C ASP B 166 28.28 17.22 5.88
N VAL B 167 27.40 16.95 6.83
CA VAL B 167 26.23 16.10 6.61
C VAL B 167 25.03 17.01 6.38
N HIS B 168 24.29 16.75 5.31
CA HIS B 168 23.08 17.48 4.96
C HIS B 168 21.88 16.57 5.10
N LEU B 169 20.80 17.10 5.66
CA LEU B 169 19.54 16.38 5.72
C LEU B 169 18.40 17.32 5.33
N ALA B 170 17.39 16.75 4.67
CA ALA B 170 16.25 17.51 4.23
C ALA B 170 15.04 16.59 4.16
N PRO B 171 13.84 17.08 4.47
CA PRO B 171 12.64 16.25 4.34
C PRO B 171 12.23 16.09 2.89
N PHE B 172 11.72 14.90 2.56
CA PHE B 172 11.33 14.60 1.20
C PHE B 172 9.94 13.97 1.14
N THR B 173 9.38 13.97 -0.07
CA THR B 173 8.12 13.31 -0.36
C THR B 173 8.35 12.35 -1.51
N ASP B 174 7.97 11.08 -1.30
CA ASP B 174 8.16 10.08 -2.34
C ASP B 174 7.18 8.93 -2.04
N GLU B 175 5.96 9.07 -2.54
CA GLU B 175 4.91 8.09 -2.29
C GLU B 175 5.25 6.73 -2.88
N GLN B 176 5.94 6.70 -4.02
CA GLN B 176 6.27 5.43 -4.66
C GLN B 176 7.26 4.63 -3.82
N LEU B 177 8.28 5.29 -3.29
CA LEU B 177 9.24 4.58 -2.45
C LEU B 177 8.57 4.07 -1.18
N TYR B 178 7.78 4.93 -0.53
CA TYR B 178 7.09 4.52 0.69
C TYR B 178 6.21 3.30 0.44
N MET B 179 5.42 3.34 -0.65
CA MET B 179 4.54 2.22 -0.96
C MET B 179 5.31 1.00 -1.40
N GLU B 180 6.47 1.20 -2.02
CA GLU B 180 7.32 0.06 -2.40
C GLU B 180 7.76 -0.72 -1.17
N GLN B 181 8.25 -0.01 -0.15
CA GLN B 181 8.67 -0.69 1.09
C GLN B 181 7.46 -1.18 1.88
N PHE B 182 6.37 -0.41 1.88
CA PHE B 182 5.17 -0.83 2.59
C PHE B 182 4.63 -2.14 2.02
N THR B 183 4.68 -2.29 0.69
CA THR B 183 4.16 -3.49 0.07
C THR B 183 4.94 -4.73 0.47
N LYS B 184 6.27 -4.64 0.47
CA LYS B 184 7.10 -5.78 0.86
C LYS B 184 6.70 -6.33 2.21
N ALA B 185 6.44 -5.45 3.18
CA ALA B 185 6.03 -5.89 4.50
C ALA B 185 4.62 -6.47 4.51
N ASN B 186 3.77 -6.10 3.53
CA ASN B 186 2.40 -6.59 3.50
C ASN B 186 2.31 -8.07 3.22
N PHE B 187 3.41 -8.71 2.82
CA PHE B 187 3.41 -10.16 2.70
C PHE B 187 3.04 -10.81 4.03
N TRP B 188 3.53 -10.25 5.13
CA TRP B 188 3.30 -10.79 6.47
C TRP B 188 1.97 -10.36 7.04
N TYR B 189 1.09 -9.87 6.18
CA TYR B 189 -0.28 -9.55 6.52
C TYR B 189 -1.25 -10.65 6.08
N GLN B 190 -0.76 -11.65 5.34
CA GLN B 190 -1.65 -12.67 4.79
C GLN B 190 -2.21 -13.55 5.91
N PRO B 191 -3.53 -13.76 5.97
CA PRO B 191 -4.09 -14.67 6.96
C PRO B 191 -4.14 -16.13 6.54
N SER B 192 -3.73 -16.47 5.32
CA SER B 192 -3.85 -17.85 4.84
C SER B 192 -2.80 -18.15 3.77
N PHE B 193 -1.52 -17.88 4.07
CA PHE B 193 -0.43 -18.23 3.16
C PHE B 193 -0.25 -19.73 3.17
N HIS B 194 -0.69 -20.41 2.10
CA HIS B 194 -0.74 -21.87 2.09
C HIS B 194 -1.50 -22.38 3.31
N GLY B 195 -2.53 -21.65 3.70
CA GLY B 195 -3.33 -22.03 4.84
C GLY B 195 -2.79 -21.58 6.18
N VAL B 196 -1.72 -20.79 6.21
CA VAL B 196 -1.04 -20.38 7.43
C VAL B 196 -1.28 -18.89 7.64
N ASP B 197 -1.65 -18.50 8.86
CA ASP B 197 -1.90 -17.11 9.21
C ASP B 197 -0.58 -16.46 9.63
N LEU B 198 -0.09 -15.54 8.81
CA LEU B 198 1.13 -14.80 9.08
C LEU B 198 0.90 -13.45 9.75
N SER B 199 -0.36 -13.00 9.85
CA SER B 199 -0.65 -11.61 10.20
C SER B 199 -0.06 -11.19 11.55
N ALA B 200 0.18 -12.13 12.45
CA ALA B 200 0.70 -11.75 13.76
C ALA B 200 2.10 -11.14 13.69
N LEU B 201 2.84 -11.37 12.61
CA LEU B 201 4.18 -10.83 12.44
C LEU B 201 4.22 -9.59 11.56
N ARG B 202 3.06 -9.10 11.10
CA ARG B 202 3.06 -7.96 10.19
C ARG B 202 3.78 -6.77 10.80
N GLY B 203 3.53 -6.50 12.09
CA GLY B 203 4.19 -5.39 12.74
C GLY B 203 5.71 -5.52 12.71
N ALA B 204 6.22 -6.70 13.04
CA ALA B 204 7.66 -6.91 13.02
C ALA B 204 8.23 -6.76 11.62
N ALA B 205 7.48 -7.18 10.61
CA ALA B 205 7.96 -7.05 9.24
C ALA B 205 8.11 -5.58 8.86
N VAL B 206 7.08 -4.77 9.13
CA VAL B 206 7.16 -3.35 8.82
C VAL B 206 8.36 -2.72 9.50
N ASP B 207 8.56 -3.02 10.80
CA ASP B 207 9.69 -2.48 11.53
C ASP B 207 11.01 -2.85 10.87
N GLU B 208 11.14 -4.12 10.44
CA GLU B 208 12.37 -4.55 9.80
C GLU B 208 12.59 -3.81 8.49
N TYR B 209 11.55 -3.75 7.64
CA TYR B 209 11.74 -3.14 6.32
C TYR B 209 12.05 -1.66 6.43
N PHE B 210 11.39 -0.95 7.34
CA PHE B 210 11.64 0.49 7.49
C PHE B 210 12.88 0.79 8.32
N ARG B 211 13.51 -0.23 8.91
CA ARG B 211 14.81 -0.07 9.52
C ARG B 211 15.92 0.10 8.50
N GLN B 212 15.64 -0.14 7.22
CA GLN B 212 16.65 -0.10 6.18
C GLN B 212 16.71 1.28 5.56
N PRO B 213 17.80 2.02 5.67
CA PRO B 213 17.94 3.23 4.87
C PRO B 213 18.03 2.86 3.40
N VAL B 214 17.47 3.73 2.56
CA VAL B 214 17.41 3.49 1.12
C VAL B 214 18.57 4.23 0.46
N VAL B 215 19.41 3.50 -0.28
CA VAL B 215 20.56 4.06 -0.94
C VAL B 215 20.27 4.10 -2.43
N ASP B 216 20.12 5.30 -2.96
CA ASP B 216 19.92 5.51 -4.39
C ASP B 216 19.90 7.01 -4.63
N THR B 217 19.74 7.43 -5.87
CA THR B 217 19.61 8.85 -6.17
C THR B 217 18.14 9.20 -6.37
N PHE B 218 17.88 10.50 -6.50
CA PHE B 218 16.53 11.01 -6.67
C PHE B 218 16.58 12.41 -7.25
N ASP B 219 15.45 12.81 -7.83
CA ASP B 219 15.29 14.17 -8.34
C ASP B 219 15.16 15.14 -7.17
N ILE B 220 15.83 16.30 -7.28
CA ILE B 220 15.82 17.30 -6.21
C ILE B 220 14.44 17.89 -5.96
N ARG B 221 13.48 17.65 -6.85
CA ARG B 221 12.15 18.23 -6.68
C ARG B 221 11.32 17.51 -5.63
N ILE B 222 11.80 16.37 -5.11
CA ILE B 222 11.11 15.72 -3.99
C ILE B 222 11.44 16.34 -2.64
N LEU B 223 12.39 17.26 -2.59
CA LEU B 223 12.79 17.86 -1.32
C LEU B 223 11.87 19.02 -0.98
N MET B 224 11.43 19.08 0.28
CA MET B 224 10.36 19.97 0.70
C MET B 224 10.85 21.15 1.53
N ALA B 225 12.14 21.22 1.83
CA ALA B 225 12.69 22.35 2.57
C ALA B 225 14.19 22.37 2.38
N LYS B 226 14.80 23.49 2.74
CA LYS B 226 16.24 23.65 2.63
C LYS B 226 16.95 22.74 3.63
N SER B 227 18.06 22.16 3.20
CA SER B 227 18.76 21.19 4.03
C SER B 227 19.34 21.85 5.26
N VAL B 228 19.41 21.08 6.35
CA VAL B 228 20.16 21.42 7.55
C VAL B 228 21.52 20.73 7.48
N LYS B 229 22.55 21.40 8.00
CA LYS B 229 23.94 20.98 7.83
C LYS B 229 24.59 20.71 9.18
N TYR B 230 25.29 19.58 9.27
CA TYR B 230 26.06 19.22 10.45
C TYR B 230 27.51 19.01 10.05
N THR B 231 28.42 19.72 10.70
CA THR B 231 29.81 19.78 10.28
C THR B 231 30.70 19.09 11.29
N VAL B 232 31.60 18.25 10.78
CA VAL B 232 32.65 17.63 11.58
C VAL B 232 33.97 18.18 11.09
N ASN B 233 34.74 18.78 12.00
CA ASN B 233 36.09 19.26 11.69
C ASN B 233 37.08 18.17 12.05
N PHE B 234 37.67 17.52 11.03
CA PHE B 234 38.56 16.39 11.29
C PHE B 234 39.84 16.86 11.98
N LEU B 235 40.27 18.10 11.76
CA LEU B 235 41.47 18.58 12.44
C LEU B 235 41.26 18.73 13.94
N GLU B 236 40.04 19.00 14.38
CA GLU B 236 39.76 19.27 15.78
C GLU B 236 39.02 18.14 16.49
N ALA B 237 38.18 17.39 15.79
CA ALA B 237 37.38 16.37 16.45
C ALA B 237 38.25 15.29 17.06
N LYS B 238 37.72 14.67 18.11
CA LYS B 238 38.34 13.53 18.78
C LYS B 238 37.53 12.27 18.49
N GLU B 239 38.21 11.12 18.59
CA GLU B 239 37.56 9.85 18.33
C GLU B 239 36.23 9.74 19.06
N GLY B 240 36.22 10.11 20.34
CA GLY B 240 35.03 9.96 21.17
C GLY B 240 33.84 10.79 20.70
N ASP B 241 34.09 11.82 19.89
CA ASP B 241 32.99 12.66 19.42
C ASP B 241 32.02 11.86 18.56
N LEU B 242 32.49 10.82 17.87
CA LEU B 242 31.67 10.10 16.91
C LEU B 242 30.95 8.91 17.51
N HIS B 243 31.03 8.71 18.83
CA HIS B 243 30.28 7.61 19.45
C HIS B 243 28.79 7.93 19.51
N ARG B 244 28.46 9.20 19.75
N ARG B 244 28.46 9.19 19.77
CA ARG B 244 27.07 9.65 19.83
CA ARG B 244 27.07 9.65 19.83
C ARG B 244 26.99 10.98 19.08
C ARG B 244 27.01 10.97 19.07
N ILE B 245 26.30 10.98 17.94
CA ILE B 245 26.19 12.16 17.09
C ILE B 245 24.74 12.62 17.11
N GLU B 246 24.51 13.82 17.63
CA GLU B 246 23.18 14.38 17.80
C GLU B 246 23.01 15.54 16.83
N ILE B 247 22.04 15.42 15.92
CA ILE B 247 21.81 16.41 14.88
C ILE B 247 20.40 16.97 15.01
N PRO B 248 20.20 18.04 15.78
CA PRO B 248 18.88 18.66 15.80
C PRO B 248 18.59 19.38 14.49
N PHE B 249 17.31 19.55 14.20
CA PHE B 249 16.93 20.17 12.93
C PHE B 249 15.61 20.91 13.10
N LYS B 250 15.45 21.97 12.32
CA LYS B 250 14.22 22.75 12.28
C LYS B 250 14.05 23.20 10.83
N PHE B 251 13.13 22.56 10.11
CA PHE B 251 12.90 22.84 8.70
C PHE B 251 11.70 23.78 8.53
N HIS B 252 11.86 24.77 7.66
CA HIS B 252 10.77 25.66 7.28
C HIS B 252 10.21 25.14 5.96
N MET B 253 9.04 24.52 6.03
CA MET B 253 8.53 23.78 4.88
C MET B 253 8.22 24.72 3.73
N LEU B 254 8.81 24.44 2.56
CA LEU B 254 8.61 25.26 1.38
C LEU B 254 7.47 24.75 0.49
N HIS B 255 7.04 23.50 0.68
CA HIS B 255 5.93 22.94 -0.07
C HIS B 255 5.04 22.16 0.89
N SER B 256 3.78 22.02 0.51
CA SER B 256 2.84 21.21 1.28
C SER B 256 2.80 19.80 0.72
N GLY B 257 2.49 18.85 1.58
CA GLY B 257 2.40 17.47 1.19
C GLY B 257 2.81 16.55 2.33
N LEU B 258 2.83 15.26 2.02
CA LEU B 258 3.24 14.27 3.00
C LEU B 258 4.76 14.18 3.06
N VAL B 259 5.30 14.27 4.28
CA VAL B 259 6.72 14.06 4.51
C VAL B 259 6.92 12.59 4.77
N HIS B 260 7.59 11.90 3.86
CA HIS B 260 7.82 10.47 3.99
C HIS B 260 9.13 10.12 4.68
N GLY B 261 9.98 11.09 4.96
CA GLY B 261 11.23 10.81 5.67
C GLY B 261 12.24 11.92 5.45
N LEU B 262 13.51 11.60 5.73
CA LEU B 262 14.61 12.52 5.57
C LEU B 262 15.63 11.94 4.60
N ALA B 263 16.17 12.80 3.73
CA ALA B 263 17.23 12.43 2.79
C ALA B 263 18.55 12.98 3.31
N PHE B 264 19.63 12.20 3.13
CA PHE B 264 20.95 12.51 3.66
C PHE B 264 21.99 12.46 2.54
N TRP B 265 22.90 13.43 2.57
CA TRP B 265 24.09 13.41 1.74
C TRP B 265 25.20 14.13 2.49
N PHE B 266 26.40 14.12 1.92
CA PHE B 266 27.54 14.72 2.59
C PHE B 266 28.49 15.38 1.60
N ASP B 267 29.23 16.37 2.08
CA ASP B 267 30.34 16.98 1.37
C ASP B 267 31.60 16.91 2.23
N VAL B 268 32.76 16.79 1.59
CA VAL B 268 34.04 16.95 2.29
C VAL B 268 34.85 18.04 1.58
N ALA B 269 35.62 18.78 2.35
CA ALA B 269 36.52 19.79 1.82
C ALA B 269 37.96 19.41 2.10
N PHE B 270 38.82 19.57 1.10
CA PHE B 270 40.27 19.46 1.23
C PHE B 270 40.82 20.87 1.32
N ILE B 271 40.93 21.37 2.54
CA ILE B 271 41.35 22.75 2.77
C ILE B 271 42.87 22.80 2.73
N GLY B 272 43.43 23.06 1.54
CA GLY B 272 44.85 23.10 1.35
C GLY B 272 45.43 24.51 1.43
N SER B 273 46.75 24.58 1.32
CA SER B 273 47.42 25.87 1.41
C SER B 273 47.19 26.71 0.17
N ILE B 274 46.93 26.08 -0.97
CA ILE B 274 46.73 26.78 -2.23
C ILE B 274 45.24 27.00 -2.53
N MET B 275 44.41 25.99 -2.31
CA MET B 275 42.99 26.13 -2.58
C MET B 275 42.22 25.04 -1.86
N THR B 276 40.93 25.30 -1.67
CA THR B 276 40.02 24.35 -1.06
C THR B 276 39.26 23.63 -2.18
N VAL B 277 39.29 22.31 -2.14
CA VAL B 277 38.61 21.46 -3.12
C VAL B 277 37.50 20.72 -2.41
N TRP B 278 36.32 20.72 -3.00
CA TRP B 278 35.13 20.10 -2.42
C TRP B 278 34.77 18.84 -3.20
N LEU B 279 34.41 17.80 -2.45
CA LEU B 279 33.84 16.59 -3.02
C LEU B 279 32.44 16.45 -2.44
N SER B 280 31.44 16.52 -3.31
CA SER B 280 30.04 16.54 -2.89
C SER B 280 29.30 15.32 -3.41
N THR B 281 28.38 14.81 -2.60
CA THR B 281 27.45 13.75 -2.99
C THR B 281 26.00 14.26 -3.01
N ALA B 282 25.81 15.56 -3.11
CA ALA B 282 24.47 16.12 -3.10
C ALA B 282 23.70 15.73 -4.35
N PRO B 283 22.36 15.68 -4.27
CA PRO B 283 21.57 15.32 -5.46
C PRO B 283 21.57 16.38 -6.54
N THR B 284 22.08 17.58 -6.25
CA THR B 284 22.30 18.59 -7.27
C THR B 284 23.64 18.43 -7.97
N GLU B 285 24.43 17.43 -7.60
CA GLU B 285 25.77 17.23 -8.15
C GLU B 285 25.85 15.92 -8.90
N PRO B 286 26.85 15.76 -9.77
CA PRO B 286 26.99 14.49 -10.49
C PRO B 286 27.07 13.30 -9.56
N LEU B 287 26.54 12.19 -10.02
CA LEU B 287 26.34 11.03 -9.16
C LEU B 287 27.67 10.37 -8.83
N THR B 288 27.81 9.95 -7.58
CA THR B 288 28.97 9.20 -7.11
C THR B 288 28.49 7.84 -6.61
N HIS B 289 29.45 6.97 -6.29
CA HIS B 289 29.12 5.67 -5.74
CA HIS B 289 29.11 5.66 -5.75
C HIS B 289 28.55 5.75 -4.33
N TRP B 290 28.55 6.93 -3.71
CA TRP B 290 27.85 7.08 -2.44
C TRP B 290 26.37 7.32 -2.63
N TYR B 291 25.95 7.79 -3.80
CA TYR B 291 24.57 8.16 -4.05
C TYR B 291 24.05 9.10 -2.96
N GLN B 292 22.79 8.91 -2.56
CA GLN B 292 22.20 9.56 -1.40
C GLN B 292 21.52 8.48 -0.56
N VAL B 293 21.07 8.89 0.63
CA VAL B 293 20.49 7.99 1.61
C VAL B 293 19.21 8.61 2.15
N ARG B 294 18.13 7.84 2.15
CA ARG B 294 16.84 8.29 2.66
C ARG B 294 16.39 7.34 3.77
N CYS B 295 15.95 7.92 4.88
CA CYS B 295 15.36 7.19 5.99
C CYS B 295 13.87 7.42 5.98
N LEU B 296 13.10 6.37 5.78
CA LEU B 296 11.66 6.47 5.68
C LEU B 296 11.02 6.48 7.06
N PHE B 297 9.95 7.27 7.18
CA PHE B 297 9.06 7.17 8.34
C PHE B 297 8.05 6.06 8.09
N GLN B 298 7.79 5.26 9.12
CA GLN B 298 6.73 4.26 9.01
C GLN B 298 5.40 4.91 8.70
N SER B 299 5.14 6.07 9.30
CA SER B 299 3.92 6.83 9.03
C SER B 299 4.31 8.23 8.59
N PRO B 300 4.04 8.63 7.34
CA PRO B 300 4.42 9.99 6.91
C PRO B 300 3.73 11.07 7.75
N LEU B 301 4.33 12.26 7.71
CA LEU B 301 3.81 13.43 8.40
C LEU B 301 3.27 14.40 7.37
N PHE B 302 2.05 14.86 7.59
CA PHE B 302 1.45 15.86 6.72
C PHE B 302 1.85 17.25 7.20
N ALA B 303 2.31 18.08 6.28
CA ALA B 303 2.75 19.42 6.61
C ALA B 303 2.28 20.40 5.55
N LYS B 304 2.13 21.66 5.97
CA LYS B 304 1.77 22.75 5.07
C LYS B 304 2.99 23.64 4.83
N ALA B 305 3.04 24.23 3.65
CA ALA B 305 4.04 25.24 3.37
C ALA B 305 3.96 26.33 4.43
N GLY B 306 5.09 26.60 5.08
CA GLY B 306 5.16 27.55 6.17
C GLY B 306 5.22 26.90 7.53
N ASP B 307 4.88 25.63 7.64
CA ASP B 307 5.01 24.93 8.90
C ASP B 307 6.49 24.69 9.22
N THR B 308 6.74 24.37 10.48
CA THR B 308 8.08 23.99 10.94
C THR B 308 8.06 22.51 11.30
N LEU B 309 9.06 21.78 10.80
CA LEU B 309 9.29 20.38 11.11
C LEU B 309 10.59 20.31 11.92
N SER B 310 10.47 20.02 13.22
CA SER B 310 11.62 20.02 14.11
C SER B 310 11.79 18.64 14.72
N GLY B 311 13.01 18.38 15.18
CA GLY B 311 13.31 17.09 15.79
C GLY B 311 14.80 16.86 15.86
N THR B 312 15.17 15.58 16.02
CA THR B 312 16.55 15.19 16.24
C THR B 312 16.85 13.93 15.45
N CYS B 313 17.98 13.93 14.75
CA CYS B 313 18.58 12.72 14.22
C CYS B 313 19.74 12.36 15.12
N LEU B 314 19.69 11.15 15.70
CA LEU B 314 20.66 10.71 16.69
C LEU B 314 21.31 9.41 16.23
N LEU B 315 22.63 9.43 16.05
CA LEU B 315 23.39 8.27 15.62
C LEU B 315 24.20 7.72 16.77
N ILE B 316 23.91 6.49 17.18
CA ILE B 316 24.64 5.81 18.24
C ILE B 316 25.51 4.73 17.59
N ALA B 317 26.83 4.89 17.70
CA ALA B 317 27.75 3.91 17.14
C ALA B 317 27.58 2.56 17.82
N ASN B 318 27.66 1.50 17.02
CA ASN B 318 27.53 0.13 17.51
C ASN B 318 28.81 -0.65 17.17
N LYS B 319 28.89 -1.87 17.69
CA LYS B 319 30.11 -2.65 17.55
C LYS B 319 30.17 -3.42 16.24
N ARG B 320 29.17 -3.28 15.38
CA ARG B 320 29.23 -3.79 14.01
C ARG B 320 29.75 -2.75 13.03
N GLN B 321 30.53 -1.78 13.50
CA GLN B 321 31.19 -0.79 12.64
C GLN B 321 30.17 0.09 11.93
N SER B 322 29.08 0.41 12.61
CA SER B 322 28.04 1.23 12.00
C SER B 322 27.31 1.97 13.12
N TYR B 323 26.10 2.44 12.82
CA TYR B 323 25.36 3.29 13.75
C TYR B 323 23.90 2.85 13.82
N ASP B 324 23.34 2.95 15.02
CA ASP B 324 21.90 2.88 15.22
C ASP B 324 21.37 4.30 15.06
N ILE B 325 20.44 4.49 14.13
CA ILE B 325 19.89 5.80 13.82
C ILE B 325 18.49 5.89 14.40
N SER B 326 18.24 6.94 15.18
CA SER B 326 16.89 7.25 15.64
C SER B 326 16.53 8.63 15.14
N ILE B 327 15.38 8.75 14.49
CA ILE B 327 14.88 10.01 13.97
C ILE B 327 13.52 10.29 14.61
N VAL B 328 13.41 11.42 15.29
CA VAL B 328 12.16 11.90 15.83
C VAL B 328 11.83 13.22 15.16
N ALA B 329 10.71 13.26 14.45
CA ALA B 329 10.29 14.45 13.72
C ALA B 329 8.88 14.84 14.14
N GLN B 330 8.62 16.14 14.16
CA GLN B 330 7.36 16.64 14.68
C GLN B 330 6.96 17.90 13.91
N VAL B 331 5.71 17.93 13.43
CA VAL B 331 5.14 19.12 12.84
C VAL B 331 4.67 20.02 13.98
N ASP B 332 5.38 21.12 14.20
CA ASP B 332 5.12 21.94 15.39
C ASP B 332 3.69 22.47 15.42
N GLN B 333 3.15 22.86 14.27
CA GLN B 333 1.83 23.47 14.24
C GLN B 333 0.75 22.51 14.75
N THR B 334 0.87 21.21 14.43
CA THR B 334 -0.17 20.25 14.78
C THR B 334 0.25 19.24 15.84
N GLY B 335 1.52 19.20 16.22
CA GLY B 335 1.98 18.18 17.15
C GLY B 335 1.95 16.78 16.59
N SER B 336 1.90 16.63 15.27
CA SER B 336 1.98 15.31 14.64
C SER B 336 3.44 14.84 14.67
N LYS B 337 3.69 13.70 15.33
CA LYS B 337 5.03 13.27 15.67
C LYS B 337 5.32 11.91 15.07
N SER B 338 6.57 11.71 14.64
CA SER B 338 7.01 10.44 14.08
C SER B 338 8.36 10.04 14.66
N SER B 339 8.46 8.80 15.11
CA SER B 339 9.67 8.26 15.71
C SER B 339 10.10 7.02 14.93
N ASN B 340 11.38 6.94 14.61
CA ASN B 340 11.87 5.88 13.72
C ASN B 340 13.26 5.44 14.14
N LEU B 341 13.53 4.15 13.94
CA LEU B 341 14.84 3.56 14.24
C LEU B 341 15.33 2.83 13.01
N LEU B 342 16.59 3.05 12.64
CA LEU B 342 17.15 2.45 11.43
C LEU B 342 18.53 1.89 11.72
N ASP B 343 18.88 0.85 10.96
CA ASP B 343 20.13 0.12 11.11
C ASP B 343 20.99 0.42 9.88
N LEU B 344 21.92 1.37 10.02
CA LEU B 344 22.69 1.86 8.89
C LEU B 344 23.62 0.79 8.31
N LYS B 345 23.90 -0.27 9.06
CA LYS B 345 24.84 -1.29 8.58
C LYS B 345 24.30 -2.05 7.39
N ASN B 346 22.97 -2.15 7.26
CA ASN B 346 22.34 -3.01 6.26
C ASN B 346 21.29 -2.22 5.50
N PRO B 347 21.69 -1.35 4.59
CA PRO B 347 20.74 -0.52 3.85
C PRO B 347 20.14 -1.28 2.67
N PHE B 348 19.07 -0.70 2.14
CA PHE B 348 18.43 -1.20 0.92
C PHE B 348 19.04 -0.49 -0.27
N PHE B 349 19.75 -1.23 -1.10
CA PHE B 349 20.34 -0.69 -2.32
CA PHE B 349 20.34 -0.69 -2.32
C PHE B 349 19.28 -0.72 -3.42
N ARG B 350 18.63 0.42 -3.64
CA ARG B 350 17.51 0.51 -4.56
C ARG B 350 17.94 0.86 -5.98
N TYR B 351 19.13 1.44 -6.15
CA TYR B 351 19.59 1.80 -7.48
CA TYR B 351 19.62 1.80 -7.48
C TYR B 351 19.85 0.59 -8.37
N THR B 352 19.88 -0.61 -7.79
CA THR B 352 20.11 -1.90 -8.47
C THR B 352 21.29 -2.60 -7.81
N SER C 10 -38.67 13.78 23.04
CA SER C 10 -37.65 14.78 23.31
C SER C 10 -37.69 15.92 22.31
N VAL C 11 -36.93 16.98 22.59
CA VAL C 11 -36.84 18.10 21.65
C VAL C 11 -36.41 17.59 20.27
N PHE C 12 -35.38 16.75 20.22
CA PHE C 12 -34.86 16.30 18.93
C PHE C 12 -35.90 15.52 18.15
N SER C 13 -36.60 14.60 18.81
CA SER C 13 -37.58 13.78 18.11
C SER C 13 -38.82 14.59 17.74
N GLU C 14 -39.21 15.55 18.56
CA GLU C 14 -40.37 16.37 18.25
C GLU C 14 -40.17 17.16 16.95
N ARG C 15 -38.93 17.53 16.65
CA ARG C 15 -38.63 18.34 15.47
C ARG C 15 -38.06 17.54 14.30
N THR C 16 -37.95 16.22 14.43
CA THR C 16 -37.29 15.41 13.41
C THR C 16 -38.18 14.23 13.03
N GLU C 17 -38.36 14.02 11.73
CA GLU C 17 -39.06 12.84 11.25
C GLU C 17 -38.17 11.62 11.43
N GLU C 18 -38.78 10.54 11.93
CA GLU C 18 -37.99 9.36 12.31
C GLU C 18 -37.17 8.85 11.13
N SER C 19 -37.78 8.76 9.95
CA SER C 19 -37.06 8.27 8.78
C SER C 19 -35.83 9.12 8.50
N SER C 20 -35.91 10.43 8.75
CA SER C 20 -34.78 11.30 8.48
C SER C 20 -33.67 11.09 9.51
N ALA C 21 -34.03 10.88 10.77
CA ALA C 21 -33.03 10.67 11.82
C ALA C 21 -32.32 9.35 11.64
N VAL C 22 -33.04 8.29 11.27
CA VAL C 22 -32.40 7.00 11.02
C VAL C 22 -31.32 7.17 9.97
N GLN C 23 -31.70 7.63 8.77
CA GLN C 23 -30.73 7.83 7.71
C GLN C 23 -29.60 8.76 8.16
N TYR C 24 -29.92 9.76 8.98
CA TYR C 24 -28.93 10.76 9.38
C TYR C 24 -27.80 10.11 10.17
N PHE C 25 -28.14 9.36 11.22
CA PHE C 25 -27.11 8.79 12.08
C PHE C 25 -26.43 7.57 11.48
N GLN C 26 -27.06 6.90 10.51
CA GLN C 26 -26.34 5.89 9.75
C GLN C 26 -25.20 6.52 8.96
N PHE C 27 -25.46 7.67 8.34
CA PHE C 27 -24.43 8.37 7.58
C PHE C 27 -23.21 8.64 8.44
N TYR C 28 -23.42 9.17 9.64
CA TYR C 28 -22.30 9.52 10.51
C TYR C 28 -21.73 8.35 11.29
N GLY C 29 -22.34 7.17 11.20
CA GLY C 29 -21.73 5.97 11.76
C GLY C 29 -20.56 5.44 10.96
N TYR C 30 -20.39 5.93 9.73
CA TYR C 30 -19.30 5.47 8.89
C TYR C 30 -18.01 6.18 9.25
N LEU C 31 -16.92 5.40 9.36
CA LEU C 31 -15.60 5.97 9.59
C LEU C 31 -15.13 6.79 8.40
N SER C 32 -15.62 6.46 7.20
CA SER C 32 -15.24 7.20 6.01
C SER C 32 -15.81 8.62 6.03
N GLN C 33 -16.98 8.82 6.61
CA GLN C 33 -17.52 10.16 6.72
C GLN C 33 -16.81 10.96 7.80
N GLN C 34 -16.46 10.32 8.92
CA GLN C 34 -15.61 10.98 9.89
C GLN C 34 -14.27 11.35 9.26
N GLN C 35 -13.68 10.42 8.52
CA GLN C 35 -12.44 10.71 7.82
C GLN C 35 -12.60 11.91 6.88
N ASN C 36 -13.72 11.97 6.17
CA ASN C 36 -13.99 13.09 5.26
C ASN C 36 -13.89 14.42 5.99
N MET C 37 -14.48 14.50 7.18
CA MET C 37 -14.41 15.74 7.95
C MET C 37 -13.01 15.97 8.51
N MET C 38 -12.36 14.90 8.99
CA MET C 38 -11.10 15.03 9.73
C MET C 38 -9.95 15.43 8.82
N GLN C 39 -9.94 14.96 7.57
CA GLN C 39 -8.83 15.28 6.68
C GLN C 39 -9.03 16.61 5.95
N ASP C 40 -10.10 17.34 6.25
CA ASP C 40 -10.22 18.73 5.81
C ASP C 40 -9.35 19.54 6.75
N TYR C 41 -8.16 19.93 6.27
CA TYR C 41 -7.20 20.60 7.15
C TYR C 41 -7.73 21.93 7.66
N VAL C 42 -8.46 22.66 6.83
CA VAL C 42 -9.03 23.95 7.27
C VAL C 42 -9.90 23.74 8.49
N ARG C 43 -10.85 22.80 8.41
CA ARG C 43 -11.71 22.50 9.53
C ARG C 43 -10.91 22.00 10.74
N THR C 44 -10.12 20.94 10.56
CA THR C 44 -9.47 20.30 11.70
C THR C 44 -8.30 21.13 12.22
N GLY C 45 -7.53 21.74 11.32
CA GLY C 45 -6.43 22.57 11.76
C GLY C 45 -6.88 23.79 12.53
N THR C 46 -7.96 24.43 12.07
CA THR C 46 -8.42 25.67 12.70
C THR C 46 -9.01 25.39 14.09
N TYR C 47 -9.82 24.34 14.22
CA TYR C 47 -10.29 23.96 15.55
C TYR C 47 -9.11 23.75 16.50
N GLN C 48 -8.16 22.89 16.12
CA GLN C 48 -7.02 22.62 16.99
C GLN C 48 -6.27 23.90 17.35
N ARG C 49 -6.06 24.77 16.36
CA ARG C 49 -5.34 26.02 16.59
C ARG C 49 -6.12 26.97 17.49
N ALA C 50 -7.44 26.95 17.41
CA ALA C 50 -8.23 27.83 18.27
C ALA C 50 -8.27 27.34 19.70
N ILE C 51 -8.26 26.02 19.90
CA ILE C 51 -8.29 25.48 21.25
C ILE C 51 -6.93 25.65 21.93
N LEU C 52 -5.84 25.28 21.24
CA LEU C 52 -4.52 25.33 21.86
C LEU C 52 -4.05 26.76 22.09
N GLN C 53 -4.30 27.66 21.13
CA GLN C 53 -3.88 29.04 21.29
C GLN C 53 -4.69 29.76 22.37
N ASN C 54 -5.83 29.21 22.78
CA ASN C 54 -6.60 29.76 23.90
C ASN C 54 -6.57 28.77 25.05
N HIS C 55 -5.37 28.29 25.39
CA HIS C 55 -5.24 27.20 26.36
C HIS C 55 -5.83 27.59 27.71
N THR C 56 -5.79 28.87 28.07
CA THR C 56 -6.30 29.29 29.38
C THR C 56 -7.81 29.10 29.50
N ASP C 57 -8.52 28.96 28.38
CA ASP C 57 -9.94 28.66 28.41
C ASP C 57 -10.23 27.18 28.62
N PHE C 58 -9.21 26.33 28.66
CA PHE C 58 -9.43 24.90 28.77
C PHE C 58 -8.71 24.30 29.97
N LYS C 59 -7.60 24.91 30.38
CA LYS C 59 -6.76 24.35 31.44
C LYS C 59 -7.58 24.11 32.70
N ASP C 60 -7.59 22.85 33.15
CA ASP C 60 -8.28 22.45 34.37
C ASP C 60 -9.75 22.85 34.35
N LYS C 61 -10.39 22.72 33.19
CA LYS C 61 -11.79 23.10 33.01
C LYS C 61 -12.64 21.86 32.72
N ILE C 62 -13.95 22.07 32.80
CA ILE C 62 -14.93 21.05 32.44
C ILE C 62 -15.45 21.40 31.05
N VAL C 63 -15.35 20.46 30.11
CA VAL C 63 -15.64 20.68 28.70
C VAL C 63 -16.75 19.74 28.25
N LEU C 64 -17.62 20.24 27.39
CA LEU C 64 -18.64 19.43 26.72
C LEU C 64 -18.38 19.46 25.22
N ASP C 65 -18.32 18.26 24.61
CA ASP C 65 -18.17 18.10 23.17
C ASP C 65 -19.48 17.54 22.61
N VAL C 66 -20.18 18.36 21.81
CA VAL C 66 -21.50 17.98 21.30
C VAL C 66 -21.33 17.33 19.94
N GLY C 67 -21.72 16.06 19.84
CA GLY C 67 -21.56 15.31 18.61
C GLY C 67 -20.10 15.12 18.28
N CYS C 68 -19.39 14.43 19.18
CA CYS C 68 -17.93 14.33 19.08
C CYS C 68 -17.48 13.52 17.89
N GLY C 69 -18.35 12.67 17.35
CA GLY C 69 -17.91 11.82 16.26
C GLY C 69 -16.81 10.91 16.74
N SER C 70 -15.67 10.92 16.04
CA SER C 70 -14.51 10.14 16.45
C SER C 70 -13.85 10.69 17.71
N GLY C 71 -14.22 11.88 18.16
CA GLY C 71 -13.67 12.46 19.37
C GLY C 71 -12.50 13.39 19.16
N ILE C 72 -12.19 13.76 17.92
CA ILE C 72 -10.96 14.50 17.63
C ILE C 72 -10.94 15.81 18.40
N LEU C 73 -12.07 16.50 18.48
CA LEU C 73 -12.08 17.79 19.18
C LEU C 73 -11.86 17.61 20.68
N SER C 74 -12.40 16.54 21.27
CA SER C 74 -12.14 16.27 22.68
C SER C 74 -10.65 16.08 22.94
N PHE C 75 -9.95 15.36 22.04
CA PHE C 75 -8.52 15.17 22.22
C PHE C 75 -7.78 16.51 22.20
N PHE C 76 -8.19 17.43 21.34
CA PHE C 76 -7.59 18.76 21.36
C PHE C 76 -7.84 19.44 22.69
N ALA C 77 -9.05 19.31 23.24
CA ALA C 77 -9.33 19.89 24.54
C ALA C 77 -8.41 19.29 25.61
N ALA C 78 -8.13 18.00 25.49
CA ALA C 78 -7.22 17.37 26.44
C ALA C 78 -5.79 17.86 26.24
N GLN C 79 -5.36 18.05 24.99
CA GLN C 79 -4.05 18.65 24.74
C GLN C 79 -3.94 20.04 25.36
N ALA C 80 -5.06 20.72 25.55
CA ALA C 80 -5.07 22.06 26.15
C ALA C 80 -5.18 22.02 27.67
N GLY C 81 -5.19 20.85 28.29
CA GLY C 81 -5.20 20.74 29.72
C GLY C 81 -6.55 20.65 30.39
N ALA C 82 -7.58 20.22 29.67
CA ALA C 82 -8.90 20.14 30.26
C ALA C 82 -8.93 19.10 31.38
N ARG C 83 -9.62 19.44 32.47
CA ARG C 83 -9.71 18.52 33.60
C ARG C 83 -10.60 17.33 33.28
N LYS C 84 -11.78 17.59 32.72
CA LYS C 84 -12.69 16.51 32.35
C LYS C 84 -13.51 16.94 31.14
N ILE C 85 -13.62 16.03 30.18
CA ILE C 85 -14.30 16.29 28.91
C ILE C 85 -15.44 15.29 28.78
N TYR C 86 -16.64 15.80 28.52
CA TYR C 86 -17.81 14.99 28.23
C TYR C 86 -18.08 15.06 26.74
N ALA C 87 -18.00 13.91 26.06
CA ALA C 87 -18.16 13.83 24.61
C ALA C 87 -19.43 13.04 24.28
N VAL C 88 -20.45 13.73 23.78
CA VAL C 88 -21.75 13.15 23.48
C VAL C 88 -21.81 12.82 22.00
N GLU C 89 -22.27 11.61 21.68
CA GLU C 89 -22.36 11.16 20.30
C GLU C 89 -23.54 10.21 20.17
N ALA C 90 -24.43 10.49 19.22
CA ALA C 90 -25.68 9.77 19.08
C ALA C 90 -25.62 8.61 18.10
N SER C 91 -24.65 8.61 17.19
CA SER C 91 -24.51 7.51 16.24
C SER C 91 -23.69 6.39 16.86
N THR C 92 -23.56 5.28 16.13
CA THR C 92 -22.71 4.18 16.58
C THR C 92 -21.23 4.56 16.59
N MET C 93 -20.86 5.75 16.10
CA MET C 93 -19.47 6.18 16.20
C MET C 93 -19.01 6.31 17.63
N ALA C 94 -19.93 6.40 18.59
CA ALA C 94 -19.55 6.51 19.99
C ALA C 94 -18.71 5.33 20.44
N GLN C 95 -18.95 4.14 19.88
CA GLN C 95 -18.12 2.98 20.20
C GLN C 95 -16.68 3.21 19.78
N HIS C 96 -16.46 3.79 18.59
CA HIS C 96 -15.10 4.01 18.09
C HIS C 96 -14.41 5.11 18.87
N ALA C 97 -15.12 6.19 19.18
CA ALA C 97 -14.54 7.25 20.00
C ALA C 97 -14.06 6.69 21.33
N GLU C 98 -14.86 5.84 21.97
CA GLU C 98 -14.44 5.26 23.23
C GLU C 98 -13.23 4.36 23.06
N VAL C 99 -13.10 3.71 21.90
CA VAL C 99 -11.90 2.92 21.60
C VAL C 99 -10.67 3.81 21.58
N LEU C 100 -10.75 4.95 20.88
CA LEU C 100 -9.63 5.87 20.82
C LEU C 100 -9.31 6.44 22.19
N VAL C 101 -10.34 6.71 23.00
CA VAL C 101 -10.10 7.21 24.35
C VAL C 101 -9.26 6.20 25.14
N LYS C 102 -9.56 4.91 24.97
CA LYS C 102 -8.75 3.89 25.63
C LYS C 102 -7.33 3.87 25.10
N SER C 103 -7.18 3.76 23.78
CA SER C 103 -5.85 3.60 23.18
C SER C 103 -4.96 4.81 23.40
N ASN C 104 -5.54 5.99 23.65
CA ASN C 104 -4.78 7.20 23.93
C ASN C 104 -4.65 7.47 25.42
N ASN C 105 -4.93 6.48 26.27
CA ASN C 105 -4.72 6.57 27.72
C ASN C 105 -5.31 7.84 28.32
N LEU C 106 -6.57 8.13 27.95
CA LEU C 106 -7.27 9.31 28.42
C LEU C 106 -8.60 8.96 29.07
N THR C 107 -8.76 7.73 29.56
CA THR C 107 -10.03 7.32 30.14
C THR C 107 -10.37 8.13 31.39
N ASP C 108 -9.35 8.64 32.08
CA ASP C 108 -9.57 9.46 33.27
C ASP C 108 -9.92 10.91 32.95
N ARG C 109 -9.88 11.31 31.68
CA ARG C 109 -10.14 12.68 31.29
C ARG C 109 -11.29 12.83 30.33
N ILE C 110 -11.51 11.87 29.43
CA ILE C 110 -12.57 11.93 28.43
C ILE C 110 -13.58 10.83 28.73
N VAL C 111 -14.84 11.21 28.84
CA VAL C 111 -15.95 10.29 29.11
C VAL C 111 -16.90 10.34 27.93
N VAL C 112 -16.96 9.27 27.16
CA VAL C 112 -17.87 9.19 26.02
C VAL C 112 -19.26 8.86 26.52
N ILE C 113 -20.25 9.57 25.99
CA ILE C 113 -21.64 9.41 26.40
C ILE C 113 -22.47 9.11 25.15
N PRO C 114 -22.80 7.85 24.88
CA PRO C 114 -23.63 7.57 23.70
C PRO C 114 -25.05 8.06 23.91
N GLY C 115 -25.59 8.74 22.89
CA GLY C 115 -26.94 9.28 22.96
C GLY C 115 -27.04 10.70 22.43
N LYS C 116 -28.27 11.21 22.35
CA LYS C 116 -28.53 12.54 21.82
C LYS C 116 -28.39 13.58 22.94
N VAL C 117 -27.76 14.70 22.62
CA VAL C 117 -27.48 15.69 23.66
C VAL C 117 -28.77 16.21 24.28
N GLU C 118 -29.88 16.15 23.53
CA GLU C 118 -31.19 16.53 24.05
C GLU C 118 -31.78 15.50 25.00
N GLU C 119 -31.25 14.28 25.02
CA GLU C 119 -31.81 13.18 25.80
C GLU C 119 -30.87 12.63 26.86
N VAL C 120 -29.56 12.71 26.67
CA VAL C 120 -28.62 12.15 27.63
C VAL C 120 -28.67 12.94 28.92
N SER C 121 -28.10 12.38 29.99
CA SER C 121 -28.09 13.01 31.31
C SER C 121 -26.64 13.26 31.70
N LEU C 122 -26.23 14.55 31.70
CA LEU C 122 -24.88 14.86 32.15
C LEU C 122 -24.87 15.15 33.65
N PRO C 123 -23.77 14.84 34.34
CA PRO C 123 -23.75 14.96 35.80
C PRO C 123 -23.57 16.38 36.32
N GLU C 124 -22.77 17.20 35.63
CA GLU C 124 -22.40 18.51 36.14
C GLU C 124 -22.41 19.54 35.02
N GLN C 125 -22.34 20.81 35.42
CA GLN C 125 -22.23 21.92 34.49
C GLN C 125 -20.80 22.06 34.00
N VAL C 126 -20.65 22.67 32.83
CA VAL C 126 -19.37 22.73 32.15
C VAL C 126 -18.96 24.19 32.00
N ASP C 127 -17.65 24.40 31.77
CA ASP C 127 -17.08 25.72 31.59
C ASP C 127 -17.07 26.17 30.14
N ILE C 128 -17.11 25.24 29.19
CA ILE C 128 -17.08 25.60 27.77
C ILE C 128 -17.64 24.43 26.97
N ILE C 129 -18.39 24.75 25.92
CA ILE C 129 -18.92 23.77 25.00
C ILE C 129 -18.19 23.92 23.67
N ILE C 130 -17.73 22.80 23.12
CA ILE C 130 -17.09 22.77 21.80
C ILE C 130 -17.91 21.86 20.90
N SER C 131 -17.90 22.16 19.61
CA SER C 131 -18.66 21.37 18.65
C SER C 131 -18.36 21.88 17.26
N GLU C 132 -18.59 21.01 16.27
CA GLU C 132 -18.49 21.37 14.86
C GLU C 132 -19.81 20.99 14.19
N PRO C 133 -20.85 21.82 14.34
CA PRO C 133 -22.17 21.49 13.80
C PRO C 133 -22.55 22.20 12.50
N MET C 134 -21.63 22.94 11.87
CA MET C 134 -21.97 23.67 10.67
C MET C 134 -22.20 22.72 9.50
N GLY C 135 -23.19 23.04 8.67
CA GLY C 135 -23.45 22.29 7.45
C GLY C 135 -23.50 23.23 6.27
N TYR C 136 -23.92 22.73 5.10
CA TYR C 136 -24.13 23.59 3.94
C TYR C 136 -24.88 24.84 4.32
N MET C 137 -24.43 25.98 3.76
CA MET C 137 -24.81 27.32 4.20
C MET C 137 -25.08 27.35 5.69
N LEU C 138 -24.13 26.82 6.48
CA LEU C 138 -24.13 26.91 7.93
C LEU C 138 -25.23 26.09 8.60
N PHE C 139 -26.49 26.28 8.20
CA PHE C 139 -27.61 25.78 8.99
C PHE C 139 -28.06 24.38 8.59
N ASN C 140 -27.67 23.88 7.42
CA ASN C 140 -28.17 22.57 7.00
C ASN C 140 -27.84 21.51 8.04
N GLU C 141 -28.77 20.58 8.25
CA GLU C 141 -28.73 19.48 9.21
C GLU C 141 -29.30 19.90 10.57
N ARG C 142 -29.45 21.21 10.83
CA ARG C 142 -30.10 21.72 12.02
C ARG C 142 -29.37 21.31 13.31
N MET C 143 -28.08 21.01 13.21
CA MET C 143 -27.34 20.62 14.41
C MET C 143 -26.93 21.81 15.27
N LEU C 144 -27.01 23.03 14.74
CA LEU C 144 -26.79 24.20 15.57
C LEU C 144 -27.83 24.32 16.68
N GLU C 145 -29.01 23.72 16.50
CA GLU C 145 -30.02 23.76 17.57
C GLU C 145 -29.65 22.82 18.71
N SER C 146 -29.03 21.68 18.39
CA SER C 146 -28.50 20.80 19.42
C SER C 146 -27.32 21.45 20.13
N TYR C 147 -26.52 22.21 19.39
CA TYR C 147 -25.40 22.94 19.98
C TYR C 147 -25.91 23.97 20.99
N LEU C 148 -26.94 24.74 20.59
CA LEU C 148 -27.52 25.73 21.49
C LEU C 148 -28.32 25.07 22.61
N HIS C 149 -29.02 23.98 22.29
CA HIS C 149 -29.73 23.25 23.33
C HIS C 149 -28.79 22.81 24.44
N ALA C 150 -27.51 22.56 24.13
CA ALA C 150 -26.56 22.10 25.13
C ALA C 150 -26.22 23.14 26.18
N LYS C 151 -26.59 24.41 25.96
CA LYS C 151 -26.29 25.47 26.92
C LYS C 151 -27.05 25.32 28.23
N LYS C 152 -27.98 24.35 28.32
CA LYS C 152 -28.54 24.03 29.62
C LYS C 152 -27.50 23.43 30.56
N TYR C 153 -26.42 22.89 30.01
CA TYR C 153 -25.33 22.35 30.82
C TYR C 153 -24.18 23.34 31.00
N LEU C 154 -24.30 24.55 30.47
CA LEU C 154 -23.23 25.54 30.52
C LEU C 154 -23.38 26.47 31.71
N LYS C 155 -22.27 26.72 32.40
CA LYS C 155 -22.28 27.69 33.48
C LYS C 155 -22.60 29.07 32.94
N PRO C 156 -23.24 29.94 33.74
CA PRO C 156 -23.60 31.27 33.24
C PRO C 156 -22.42 32.03 32.65
N SER C 157 -21.24 31.90 33.25
CA SER C 157 -20.03 32.56 32.76
C SER C 157 -19.24 31.68 31.80
N GLY C 158 -19.88 30.71 31.15
CA GLY C 158 -19.20 29.80 30.26
C GLY C 158 -19.05 30.37 28.86
N ASN C 159 -18.36 29.61 28.01
CA ASN C 159 -18.02 30.05 26.67
C ASN C 159 -18.42 28.97 25.67
N MET C 160 -18.49 29.37 24.40
CA MET C 160 -18.90 28.50 23.30
C MET C 160 -17.83 28.59 22.21
N PHE C 161 -17.41 27.43 21.70
CA PHE C 161 -16.45 27.36 20.60
C PHE C 161 -17.05 26.50 19.49
N PRO C 162 -17.54 27.07 18.38
CA PRO C 162 -17.50 28.48 17.99
C PRO C 162 -18.42 29.39 18.79
N THR C 163 -18.05 30.66 18.89
CA THR C 163 -18.82 31.64 19.65
C THR C 163 -19.86 32.33 18.79
N ILE C 164 -19.55 32.61 17.53
CA ILE C 164 -20.46 33.25 16.60
C ILE C 164 -20.35 32.59 15.24
N GLY C 165 -21.44 32.61 14.50
CA GLY C 165 -21.45 32.16 13.12
C GLY C 165 -22.03 33.23 12.23
N ASP C 166 -21.40 33.43 11.07
CA ASP C 166 -21.84 34.40 10.08
C ASP C 166 -22.13 33.66 8.78
N VAL C 167 -23.35 33.80 8.28
CA VAL C 167 -23.69 33.35 6.94
C VAL C 167 -23.61 34.56 6.02
N HIS C 168 -22.96 34.39 4.87
CA HIS C 168 -22.76 35.45 3.90
C HIS C 168 -23.58 35.17 2.66
N LEU C 169 -24.25 36.20 2.16
CA LEU C 169 -25.08 36.14 0.96
C LEU C 169 -24.58 37.19 -0.02
N ALA C 170 -24.42 36.81 -1.29
CA ALA C 170 -24.01 37.75 -2.33
C ALA C 170 -24.66 37.37 -3.66
N PRO C 171 -25.05 38.37 -4.48
CA PRO C 171 -25.57 38.04 -5.82
C PRO C 171 -24.46 37.62 -6.75
N PHE C 172 -24.83 36.80 -7.74
CA PHE C 172 -23.85 36.29 -8.70
C PHE C 172 -24.47 36.27 -10.09
N THR C 173 -23.61 36.34 -11.10
CA THR C 173 -23.98 36.10 -12.49
C THR C 173 -23.27 34.83 -12.94
N ASP C 174 -24.01 33.94 -13.59
CA ASP C 174 -23.44 32.71 -14.13
C ASP C 174 -24.39 32.22 -15.23
N GLU C 175 -24.19 32.74 -16.45
CA GLU C 175 -25.02 32.36 -17.58
C GLU C 175 -24.98 30.86 -17.81
N GLN C 176 -23.79 30.25 -17.72
CA GLN C 176 -23.68 28.81 -17.94
C GLN C 176 -24.59 28.05 -16.98
N LEU C 177 -24.52 28.37 -15.70
CA LEU C 177 -25.28 27.63 -14.69
C LEU C 177 -26.78 27.77 -14.93
N TYR C 178 -27.24 28.99 -15.23
CA TYR C 178 -28.65 29.21 -15.48
C TYR C 178 -29.11 28.45 -16.71
N MET C 179 -28.37 28.55 -17.81
CA MET C 179 -28.75 27.85 -19.03
C MET C 179 -28.68 26.34 -18.86
N GLU C 180 -27.81 25.86 -17.98
CA GLU C 180 -27.67 24.43 -17.76
C GLU C 180 -28.99 23.78 -17.35
N GLN C 181 -29.82 24.51 -16.58
CA GLN C 181 -31.07 23.94 -16.09
C GLN C 181 -32.03 23.64 -17.23
N PHE C 182 -32.08 24.50 -18.25
CA PHE C 182 -32.99 24.29 -19.36
C PHE C 182 -32.45 23.27 -20.36
N THR C 183 -31.14 23.22 -20.55
CA THR C 183 -30.55 22.20 -21.42
C THR C 183 -30.85 20.79 -20.89
N LYS C 184 -30.76 20.61 -19.58
CA LYS C 184 -31.12 19.32 -19.00
C LYS C 184 -32.61 19.05 -19.14
N ALA C 185 -33.44 20.03 -18.74
CA ALA C 185 -34.89 19.84 -18.80
C ALA C 185 -35.37 19.61 -20.23
N ASN C 186 -34.68 20.18 -21.21
CA ASN C 186 -35.09 20.03 -22.61
C ASN C 186 -34.89 18.61 -23.12
N PHE C 187 -34.30 17.71 -22.34
CA PHE C 187 -34.39 16.30 -22.69
C PHE C 187 -35.84 15.91 -22.95
N TRP C 188 -36.76 16.42 -22.12
CA TRP C 188 -38.15 16.06 -22.22
C TRP C 188 -38.86 16.74 -23.39
N TYR C 189 -38.26 17.77 -23.97
CA TYR C 189 -38.91 18.51 -25.05
C TYR C 189 -38.54 17.89 -26.40
N GLN C 190 -39.04 16.68 -26.60
CA GLN C 190 -38.94 16.04 -27.90
C GLN C 190 -40.22 15.27 -28.19
N PRO C 191 -40.68 15.26 -29.45
CA PRO C 191 -41.99 14.69 -29.75
C PRO C 191 -42.01 13.18 -29.93
N SER C 192 -40.86 12.54 -30.08
CA SER C 192 -40.84 11.11 -30.32
C SER C 192 -39.52 10.55 -29.78
N PHE C 193 -39.44 10.46 -28.45
CA PHE C 193 -38.35 9.72 -27.81
C PHE C 193 -38.72 8.24 -27.86
N HIS C 194 -38.11 7.50 -28.78
CA HIS C 194 -38.47 6.11 -28.99
C HIS C 194 -39.98 5.98 -29.20
N GLY C 195 -40.54 6.97 -29.90
CA GLY C 195 -41.95 6.97 -30.25
C GLY C 195 -42.86 7.68 -29.27
N VAL C 196 -42.34 8.20 -28.16
CA VAL C 196 -43.16 8.77 -27.10
C VAL C 196 -42.92 10.28 -27.08
N ASP C 197 -44.00 11.04 -27.01
CA ASP C 197 -43.92 12.49 -26.84
C ASP C 197 -43.74 12.79 -25.37
N LEU C 198 -42.57 13.32 -24.99
CA LEU C 198 -42.24 13.60 -23.60
C LEU C 198 -42.46 15.04 -23.20
N SER C 199 -42.87 15.90 -24.14
CA SER C 199 -42.78 17.34 -23.93
C SER C 199 -43.72 17.86 -22.83
N ALA C 200 -44.71 17.06 -22.42
CA ALA C 200 -45.64 17.52 -21.40
C ALA C 200 -45.00 17.57 -20.01
N LEU C 201 -43.84 16.94 -19.83
CA LEU C 201 -43.16 16.96 -18.55
C LEU C 201 -42.01 17.96 -18.51
N ARG C 202 -41.78 18.72 -19.58
CA ARG C 202 -40.67 19.65 -19.59
C ARG C 202 -40.80 20.69 -18.48
N GLY C 203 -42.00 21.25 -18.30
CA GLY C 203 -42.20 22.25 -17.25
C GLY C 203 -41.92 21.70 -15.86
N ALA C 204 -42.44 20.51 -15.57
CA ALA C 204 -42.16 19.87 -14.28
C ALA C 204 -40.67 19.64 -14.08
N ALA C 205 -39.96 19.23 -15.15
CA ALA C 205 -38.53 18.99 -15.04
C ALA C 205 -37.77 20.28 -14.74
N VAL C 206 -38.13 21.37 -15.41
CA VAL C 206 -37.56 22.68 -15.09
C VAL C 206 -37.74 23.01 -13.61
N ASP C 207 -38.99 22.94 -13.14
CA ASP C 207 -39.27 23.28 -11.74
C ASP C 207 -38.46 22.42 -10.79
N GLU C 208 -38.30 21.14 -11.10
CA GLU C 208 -37.52 20.25 -10.24
C GLU C 208 -36.09 20.75 -10.10
N TYR C 209 -35.44 21.09 -11.21
CA TYR C 209 -34.04 21.52 -11.14
C TYR C 209 -33.90 22.81 -10.34
N PHE C 210 -34.82 23.76 -10.53
CA PHE C 210 -34.68 25.06 -9.88
C PHE C 210 -34.91 24.98 -8.37
N ARG C 211 -35.57 23.93 -7.89
CA ARG C 211 -35.74 23.75 -6.45
C ARG C 211 -34.49 23.25 -5.75
N GLN C 212 -33.40 22.96 -6.48
CA GLN C 212 -32.19 22.37 -5.92
C GLN C 212 -31.11 23.42 -5.75
N PRO C 213 -30.68 23.76 -4.53
CA PRO C 213 -29.43 24.52 -4.38
C PRO C 213 -28.25 23.76 -4.96
N VAL C 214 -27.31 24.51 -5.53
CA VAL C 214 -26.18 23.96 -6.27
C VAL C 214 -24.95 24.05 -5.37
N VAL C 215 -24.40 22.90 -5.01
CA VAL C 215 -23.21 22.83 -4.16
C VAL C 215 -22.01 22.64 -5.07
N ASP C 216 -21.15 23.65 -5.12
CA ASP C 216 -19.84 23.61 -5.76
C ASP C 216 -19.14 24.92 -5.45
N THR C 217 -17.96 25.10 -6.04
CA THR C 217 -17.21 26.33 -5.88
C THR C 217 -17.31 27.13 -7.17
N PHE C 218 -16.69 28.31 -7.17
CA PHE C 218 -16.72 29.20 -8.31
C PHE C 218 -15.64 30.26 -8.16
N ASP C 219 -15.39 30.95 -9.26
CA ASP C 219 -14.47 32.08 -9.28
C ASP C 219 -15.16 33.31 -8.70
N ILE C 220 -14.47 34.02 -7.80
CA ILE C 220 -15.04 35.18 -7.13
C ILE C 220 -15.41 36.29 -8.10
N ARG C 221 -14.97 36.20 -9.36
CA ARG C 221 -15.32 37.22 -10.34
C ARG C 221 -16.80 37.18 -10.75
N ILE C 222 -17.55 36.14 -10.35
CA ILE C 222 -18.97 36.11 -10.64
C ILE C 222 -19.80 36.87 -9.61
N LEU C 223 -19.21 37.23 -8.48
CA LEU C 223 -19.92 37.99 -7.46
C LEU C 223 -20.07 39.44 -7.90
N MET C 224 -21.28 39.98 -7.74
N MET C 224 -21.28 39.97 -7.75
CA MET C 224 -21.61 41.31 -8.25
CA MET C 224 -21.63 41.31 -8.25
C MET C 224 -21.80 42.34 -7.13
C MET C 224 -21.81 42.33 -7.14
N ALA C 225 -21.60 41.95 -5.88
CA ALA C 225 -21.76 42.91 -4.78
C ALA C 225 -21.11 42.33 -3.54
N LYS C 226 -20.59 43.22 -2.69
CA LYS C 226 -20.12 42.82 -1.38
C LYS C 226 -21.21 42.03 -0.66
N SER C 227 -20.81 40.99 0.06
CA SER C 227 -21.76 40.11 0.69
C SER C 227 -22.50 40.84 1.81
N VAL C 228 -23.70 40.37 2.09
CA VAL C 228 -24.47 40.77 3.27
C VAL C 228 -24.34 39.65 4.29
N LYS C 229 -24.24 40.02 5.56
CA LYS C 229 -23.88 39.09 6.62
C LYS C 229 -25.02 38.98 7.63
N TYR C 230 -25.35 37.75 8.01
CA TYR C 230 -26.31 37.48 9.07
C TYR C 230 -25.60 36.72 10.18
N THR C 231 -25.51 37.33 11.36
CA THR C 231 -24.72 36.81 12.46
C THR C 231 -25.60 36.11 13.48
N VAL C 232 -25.14 34.96 13.95
CA VAL C 232 -25.76 34.26 15.06
C VAL C 232 -24.72 34.16 16.18
N ASN C 233 -25.00 34.83 17.29
CA ASN C 233 -24.14 34.75 18.46
C ASN C 233 -24.57 33.54 19.29
N PHE C 234 -23.75 32.49 19.28
CA PHE C 234 -24.13 31.24 19.94
C PHE C 234 -24.18 31.38 21.46
N LEU C 235 -23.53 32.40 22.02
CA LEU C 235 -23.62 32.61 23.46
C LEU C 235 -24.94 33.25 23.87
N GLU C 236 -25.57 34.01 22.97
CA GLU C 236 -26.82 34.67 23.26
C GLU C 236 -28.04 33.95 22.70
N ALA C 237 -27.88 33.24 21.58
CA ALA C 237 -29.03 32.74 20.85
C ALA C 237 -29.73 31.61 21.58
N LYS C 238 -31.03 31.49 21.31
CA LYS C 238 -31.82 30.31 21.68
C LYS C 238 -32.05 29.47 20.43
N GLU C 239 -32.19 28.15 20.63
CA GLU C 239 -32.40 27.28 19.48
C GLU C 239 -33.68 27.64 18.73
N GLY C 240 -34.64 28.28 19.40
CA GLY C 240 -35.84 28.70 18.71
C GLY C 240 -35.59 29.76 17.66
N ASP C 241 -34.49 30.51 17.80
CA ASP C 241 -34.11 31.52 16.82
C ASP C 241 -33.73 30.92 15.47
N LEU C 242 -33.52 29.60 15.40
CA LEU C 242 -33.11 28.94 14.17
C LEU C 242 -34.26 28.22 13.48
N HIS C 243 -35.47 28.27 14.04
CA HIS C 243 -36.63 27.68 13.39
C HIS C 243 -37.09 28.52 12.20
N ARG C 244 -36.91 29.83 12.29
CA ARG C 244 -37.29 30.76 11.23
C ARG C 244 -36.21 31.83 11.18
N ILE C 245 -35.45 31.85 10.10
CA ILE C 245 -34.32 32.76 9.94
C ILE C 245 -34.65 33.65 8.75
N GLU C 246 -34.97 34.92 9.01
CA GLU C 246 -35.28 35.90 7.97
C GLU C 246 -34.06 36.77 7.76
N ILE C 247 -33.45 36.64 6.59
CA ILE C 247 -32.21 37.36 6.28
C ILE C 247 -32.56 38.46 5.28
N PRO C 248 -32.82 39.68 5.72
CA PRO C 248 -32.97 40.78 4.77
C PRO C 248 -31.63 41.16 4.18
N PHE C 249 -31.65 41.56 2.91
CA PHE C 249 -30.44 41.98 2.23
C PHE C 249 -30.73 43.20 1.39
N LYS C 250 -29.73 44.07 1.29
CA LYS C 250 -29.74 45.19 0.35
C LYS C 250 -28.32 45.25 -0.22
N PHE C 251 -28.16 44.80 -1.45
CA PHE C 251 -26.85 44.72 -2.09
C PHE C 251 -26.58 46.00 -2.87
N HIS C 252 -25.40 46.58 -2.65
CA HIS C 252 -24.94 47.72 -3.43
C HIS C 252 -24.14 47.15 -4.60
N MET C 253 -24.75 47.14 -5.78
CA MET C 253 -24.14 46.49 -6.92
C MET C 253 -22.85 47.18 -7.30
N LEU C 254 -21.78 46.38 -7.39
CA LEU C 254 -20.49 46.87 -7.83
C LEU C 254 -20.29 46.70 -9.34
N HIS C 255 -21.03 45.80 -9.98
CA HIS C 255 -20.89 45.54 -11.40
C HIS C 255 -22.27 45.52 -12.05
N SER C 256 -22.31 45.85 -13.33
CA SER C 256 -23.54 45.83 -14.10
C SER C 256 -23.64 44.50 -14.85
N GLY C 257 -24.84 43.92 -14.84
CA GLY C 257 -25.07 42.66 -15.52
C GLY C 257 -26.35 42.02 -15.04
N LEU C 258 -26.55 40.78 -15.49
CA LEU C 258 -27.71 39.99 -15.10
C LEU C 258 -27.39 39.19 -13.85
N VAL C 259 -28.24 39.33 -12.83
CA VAL C 259 -28.08 38.58 -11.58
C VAL C 259 -28.88 37.30 -11.68
N HIS C 260 -28.22 36.15 -11.58
CA HIS C 260 -28.90 34.87 -11.72
C HIS C 260 -29.30 34.25 -10.40
N GLY C 261 -28.76 34.71 -9.28
CA GLY C 261 -29.15 34.16 -8.00
C GLY C 261 -28.25 34.66 -6.89
N LEU C 262 -28.26 33.93 -5.79
CA LEU C 262 -27.50 34.27 -4.58
C LEU C 262 -26.55 33.14 -4.24
N ALA C 263 -25.32 33.50 -3.90
CA ALA C 263 -24.31 32.58 -3.42
C ALA C 263 -24.22 32.69 -1.90
N PHE C 264 -24.02 31.54 -1.26
CA PHE C 264 -23.97 31.45 0.19
C PHE C 264 -22.66 30.81 0.64
N TRP C 265 -22.08 31.35 1.70
CA TRP C 265 -21.01 30.69 2.45
C TRP C 265 -21.11 31.18 3.88
N PHE C 266 -20.24 30.66 4.75
CA PHE C 266 -20.30 31.01 6.16
C PHE C 266 -18.91 31.12 6.76
N ASP C 267 -18.87 31.84 7.89
CA ASP C 267 -17.70 31.94 8.75
C ASP C 267 -18.12 31.64 10.19
N VAL C 268 -17.20 31.10 10.96
CA VAL C 268 -17.37 31.00 12.41
C VAL C 268 -16.13 31.58 13.05
N ALA C 269 -16.28 31.96 14.32
CA ALA C 269 -15.20 32.57 15.09
C ALA C 269 -15.17 31.97 16.49
N PHE C 270 -13.97 31.69 16.97
CA PHE C 270 -13.73 31.18 18.31
C PHE C 270 -13.17 32.35 19.11
N ILE C 271 -14.01 32.96 19.94
CA ILE C 271 -13.64 34.15 20.70
C ILE C 271 -13.14 33.68 22.05
N GLY C 272 -11.83 33.41 22.14
CA GLY C 272 -11.23 32.97 23.38
C GLY C 272 -10.68 34.14 24.18
N SER C 273 -10.13 33.80 25.35
CA SER C 273 -9.57 34.84 26.22
C SER C 273 -8.24 35.35 25.70
N ILE C 274 -7.45 34.50 25.04
CA ILE C 274 -6.17 34.95 24.50
C ILE C 274 -6.37 35.61 23.14
N MET C 275 -7.12 34.97 22.24
CA MET C 275 -7.28 35.50 20.90
C MET C 275 -8.55 34.96 20.26
N THR C 276 -8.89 35.54 19.12
CA THR C 276 -10.03 35.11 18.31
C THR C 276 -9.51 34.46 17.03
N VAL C 277 -10.01 33.27 16.72
CA VAL C 277 -9.60 32.52 15.54
C VAL C 277 -10.81 32.34 14.63
N TRP C 278 -10.59 32.50 13.33
CA TRP C 278 -11.66 32.47 12.33
C TRP C 278 -11.50 31.26 11.42
N LEU C 279 -12.62 30.56 11.20
CA LEU C 279 -12.73 29.51 10.19
C LEU C 279 -13.68 30.01 9.12
N SER C 280 -13.19 30.13 7.89
CA SER C 280 -13.96 30.72 6.79
C SER C 280 -14.08 29.73 5.63
N THR C 281 -15.28 29.66 5.06
CA THR C 281 -15.55 28.87 3.86
C THR C 281 -15.85 29.76 2.66
N ALA C 282 -15.43 31.02 2.70
CA ALA C 282 -15.68 31.94 1.61
C ALA C 282 -14.94 31.49 0.36
N PRO C 283 -15.42 31.90 -0.82
CA PRO C 283 -14.74 31.52 -2.07
C PRO C 283 -13.40 32.22 -2.26
N THR C 284 -13.08 33.23 -1.45
CA THR C 284 -11.76 33.83 -1.47
C THR C 284 -10.73 33.03 -0.66
N GLU C 285 -11.16 31.96 -0.01
CA GLU C 285 -10.33 31.12 0.84
C GLU C 285 -10.18 29.73 0.24
N PRO C 286 -9.16 28.97 0.66
CA PRO C 286 -9.01 27.60 0.17
C PRO C 286 -10.29 26.79 0.35
N LEU C 287 -10.56 25.93 -0.63
CA LEU C 287 -11.81 25.18 -0.65
C LEU C 287 -11.87 24.19 0.51
N THR C 288 -13.05 24.06 1.09
CA THR C 288 -13.33 23.13 2.19
C THR C 288 -14.38 22.12 1.74
N HIS C 289 -14.67 21.15 2.61
CA HIS C 289 -15.69 20.17 2.28
C HIS C 289 -17.11 20.75 2.36
N TRP C 290 -17.27 21.97 2.88
CA TRP C 290 -18.56 22.65 2.80
C TRP C 290 -18.78 23.31 1.44
N TYR C 291 -17.72 23.52 0.66
CA TYR C 291 -17.82 24.19 -0.63
C TYR C 291 -18.53 25.53 -0.46
N GLN C 292 -19.35 25.89 -1.44
CA GLN C 292 -20.30 26.99 -1.33
C GLN C 292 -21.64 26.54 -1.91
N VAL C 293 -22.66 27.36 -1.74
CA VAL C 293 -24.01 27.04 -2.17
C VAL C 293 -24.57 28.20 -2.98
N ARG C 294 -25.22 27.89 -4.09
CA ARG C 294 -25.85 28.91 -4.94
C ARG C 294 -27.29 28.53 -5.19
N CYS C 295 -28.18 29.51 -5.02
CA CYS C 295 -29.61 29.37 -5.28
C CYS C 295 -29.98 30.31 -6.43
N LEU C 296 -30.51 29.75 -7.50
CA LEU C 296 -30.90 30.54 -8.67
C LEU C 296 -32.23 31.26 -8.42
N PHE C 297 -32.34 32.47 -8.95
CA PHE C 297 -33.64 33.07 -9.20
C PHE C 297 -34.32 32.32 -10.35
N GLN C 298 -35.64 32.38 -10.37
CA GLN C 298 -36.37 31.77 -11.48
C GLN C 298 -36.09 32.51 -12.78
N SER C 299 -35.93 33.82 -12.72
CA SER C 299 -35.58 34.62 -13.89
C SER C 299 -34.51 35.62 -13.46
N PRO C 300 -33.51 35.88 -14.31
CA PRO C 300 -32.46 36.82 -13.92
C PRO C 300 -32.97 38.25 -13.88
N LEU C 301 -32.25 39.08 -13.13
CA LEU C 301 -32.58 40.50 -12.96
C LEU C 301 -31.41 41.35 -13.43
N PHE C 302 -31.68 42.33 -14.28
CA PHE C 302 -30.63 43.23 -14.73
C PHE C 302 -30.43 44.31 -13.67
N ALA C 303 -29.17 44.52 -13.29
CA ALA C 303 -28.83 45.52 -12.29
C ALA C 303 -27.58 46.26 -12.74
N LYS C 304 -27.62 47.59 -12.64
CA LYS C 304 -26.47 48.41 -12.98
C LYS C 304 -25.57 48.57 -11.76
N ALA C 305 -24.28 48.75 -12.00
CA ALA C 305 -23.37 49.09 -10.92
C ALA C 305 -23.84 50.40 -10.28
N GLY C 306 -24.11 50.35 -8.98
CA GLY C 306 -24.68 51.45 -8.25
C GLY C 306 -26.14 51.22 -7.85
N ASP C 307 -26.86 50.40 -8.61
CA ASP C 307 -28.21 50.03 -8.23
C ASP C 307 -28.19 49.23 -6.92
N THR C 308 -29.37 49.11 -6.33
CA THR C 308 -29.55 48.32 -5.12
C THR C 308 -30.49 47.16 -5.40
N LEU C 309 -30.08 45.96 -5.01
CA LEU C 309 -30.90 44.75 -5.11
C LEU C 309 -31.35 44.41 -3.70
N SER C 310 -32.63 44.63 -3.42
CA SER C 310 -33.18 44.44 -2.08
C SER C 310 -34.15 43.26 -2.09
N GLY C 311 -34.30 42.66 -0.91
CA GLY C 311 -35.15 41.49 -0.79
C GLY C 311 -34.88 40.78 0.52
N THR C 312 -35.38 39.55 0.61
CA THR C 312 -35.21 38.75 1.81
C THR C 312 -34.92 37.30 1.41
N CYS C 313 -34.19 36.62 2.28
CA CYS C 313 -34.00 35.18 2.21
C CYS C 313 -34.56 34.60 3.51
N LEU C 314 -35.67 33.89 3.40
CA LEU C 314 -36.34 33.32 4.56
C LEU C 314 -36.07 31.83 4.61
N LEU C 315 -35.42 31.38 5.68
CA LEU C 315 -35.09 29.97 5.87
C LEU C 315 -36.06 29.41 6.91
N ILE C 316 -36.89 28.48 6.49
CA ILE C 316 -37.91 27.88 7.33
C ILE C 316 -37.48 26.45 7.61
N ALA C 317 -37.27 26.12 8.89
CA ALA C 317 -36.85 24.78 9.24
C ALA C 317 -37.99 23.79 9.00
N ASN C 318 -37.61 22.56 8.63
CA ASN C 318 -38.56 21.49 8.40
C ASN C 318 -38.12 20.26 9.20
N LYS C 319 -38.98 19.24 9.22
CA LYS C 319 -38.72 18.06 10.03
C LYS C 319 -37.79 17.06 9.36
N ARG C 320 -37.21 17.42 8.21
N ARG C 320 -37.21 17.42 8.21
CA ARG C 320 -36.18 16.60 7.56
CA ARG C 320 -36.19 16.62 7.56
C ARG C 320 -34.77 17.05 7.92
C ARG C 320 -34.78 17.09 7.90
N GLN C 321 -34.62 17.78 9.04
CA GLN C 321 -33.32 18.27 9.48
C GLN C 321 -32.70 19.20 8.43
N SER C 322 -33.53 19.99 7.76
CA SER C 322 -33.03 20.93 6.78
C SER C 322 -33.98 22.14 6.75
N TYR C 323 -33.90 22.91 5.66
CA TYR C 323 -34.63 24.15 5.53
C TYR C 323 -35.27 24.23 4.15
N ASP C 324 -36.42 24.91 4.10
CA ASP C 324 -36.96 25.41 2.84
C ASP C 324 -36.52 26.86 2.69
N ILE C 325 -36.02 27.20 1.50
CA ILE C 325 -35.37 28.48 1.25
C ILE C 325 -36.27 29.28 0.34
N SER C 326 -36.83 30.36 0.89
CA SER C 326 -37.67 31.29 0.14
C SER C 326 -36.88 32.57 -0.10
N ILE C 327 -36.58 32.85 -1.37
CA ILE C 327 -35.82 34.03 -1.77
C ILE C 327 -36.71 34.95 -2.58
N VAL C 328 -36.68 36.24 -2.23
CA VAL C 328 -37.38 37.28 -2.98
C VAL C 328 -36.39 38.42 -3.18
N ALA C 329 -36.28 38.90 -4.42
CA ALA C 329 -35.35 39.96 -4.75
C ALA C 329 -35.98 40.88 -5.77
N GLN C 330 -35.57 42.15 -5.72
CA GLN C 330 -36.03 43.14 -6.68
C GLN C 330 -34.97 44.22 -6.83
N VAL C 331 -34.84 44.74 -8.04
CA VAL C 331 -33.99 45.90 -8.31
C VAL C 331 -34.82 47.15 -8.03
N ASP C 332 -34.43 47.89 -7.00
CA ASP C 332 -35.25 49.02 -6.55
C ASP C 332 -35.45 50.05 -7.66
N GLN C 333 -34.37 50.38 -8.39
CA GLN C 333 -34.43 51.45 -9.37
C GLN C 333 -35.28 51.11 -10.59
N THR C 334 -35.66 49.84 -10.77
CA THR C 334 -36.47 49.43 -11.91
C THR C 334 -37.77 48.72 -11.51
N GLY C 335 -37.84 48.16 -10.31
CA GLY C 335 -38.99 47.39 -9.91
C GLY C 335 -38.97 45.94 -10.35
N SER C 336 -38.07 45.57 -11.27
CA SER C 336 -37.97 44.19 -11.72
C SER C 336 -37.73 43.26 -10.54
N LYS C 337 -38.51 42.18 -10.45
CA LYS C 337 -38.57 41.33 -9.28
C LYS C 337 -38.50 39.87 -9.69
N SER C 338 -37.89 39.05 -8.84
CA SER C 338 -37.85 37.61 -9.05
C SER C 338 -37.85 36.92 -7.69
N SER C 339 -37.87 35.59 -7.72
CA SER C 339 -37.97 34.81 -6.49
C SER C 339 -37.61 33.36 -6.80
N ASN C 340 -37.52 32.56 -5.74
CA ASN C 340 -37.42 31.11 -5.90
C ASN C 340 -37.71 30.47 -4.56
N LEU C 341 -38.03 29.18 -4.61
CA LEU C 341 -38.34 28.39 -3.43
C LEU C 341 -37.58 27.07 -3.57
N LEU C 342 -36.59 26.85 -2.70
CA LEU C 342 -35.69 25.73 -2.85
C LEU C 342 -35.80 24.79 -1.65
N ASP C 343 -35.33 23.56 -1.86
CA ASP C 343 -35.34 22.50 -0.84
C ASP C 343 -33.88 22.13 -0.54
N LEU C 344 -33.38 22.63 0.60
CA LEU C 344 -31.98 22.44 0.94
C LEU C 344 -31.65 20.99 1.29
N LYS C 345 -32.65 20.18 1.64
CA LYS C 345 -32.37 18.80 1.99
C LYS C 345 -31.85 18.00 0.80
N ASN C 346 -32.21 18.40 -0.43
CA ASN C 346 -31.85 17.67 -1.64
C ASN C 346 -31.07 18.58 -2.59
N PRO C 347 -29.81 18.89 -2.27
CA PRO C 347 -29.02 19.76 -3.14
C PRO C 347 -28.44 18.97 -4.32
N PHE C 348 -28.10 19.72 -5.37
CA PHE C 348 -27.43 19.18 -6.54
C PHE C 348 -25.93 19.42 -6.38
N PHE C 349 -25.16 18.33 -6.22
CA PHE C 349 -23.71 18.41 -6.07
C PHE C 349 -23.10 18.50 -7.47
N ARG C 350 -22.62 19.69 -7.82
CA ARG C 350 -22.13 20.00 -9.15
C ARG C 350 -20.61 19.99 -9.25
N TYR C 351 -19.91 19.94 -8.12
CA TYR C 351 -18.46 20.08 -8.12
C TYR C 351 -17.79 18.94 -8.88
N THR C 352 -16.76 19.28 -9.65
CA THR C 352 -15.98 18.31 -10.40
C THR C 352 -14.49 18.66 -10.40
N SER D 10 -48.58 -5.76 4.42
CA SER D 10 -48.40 -6.38 3.12
C SER D 10 -47.03 -7.02 2.98
N VAL D 11 -46.86 -7.81 1.92
CA VAL D 11 -45.58 -8.50 1.68
C VAL D 11 -44.43 -7.49 1.63
N PHE D 12 -44.66 -6.33 1.01
CA PHE D 12 -43.59 -5.34 0.89
C PHE D 12 -43.20 -4.77 2.25
N SER D 13 -44.17 -4.25 3.00
CA SER D 13 -43.84 -3.62 4.27
C SER D 13 -43.24 -4.62 5.25
N GLU D 14 -43.63 -5.88 5.17
CA GLU D 14 -43.09 -6.87 6.10
C GLU D 14 -41.60 -7.06 5.92
N ARG D 15 -41.09 -6.93 4.70
CA ARG D 15 -39.68 -7.17 4.41
C ARG D 15 -38.87 -5.89 4.26
N THR D 16 -39.47 -4.73 4.52
CA THR D 16 -38.83 -3.44 4.24
C THR D 16 -38.91 -2.54 5.45
N GLU D 17 -37.77 -2.00 5.88
CA GLU D 17 -37.78 -0.97 6.90
C GLU D 17 -38.41 0.29 6.31
N GLU D 18 -39.31 0.92 7.09
CA GLU D 18 -40.02 2.09 6.59
C GLU D 18 -39.05 3.20 6.21
N SER D 19 -37.98 3.37 7.00
CA SER D 19 -36.99 4.39 6.68
C SER D 19 -36.37 4.16 5.32
N SER D 20 -36.10 2.89 4.96
CA SER D 20 -35.54 2.59 3.64
C SER D 20 -36.55 2.87 2.54
N ALA D 21 -37.82 2.49 2.75
CA ALA D 21 -38.83 2.67 1.70
C ALA D 21 -39.11 4.15 1.44
N VAL D 22 -39.13 4.97 2.48
CA VAL D 22 -39.32 6.42 2.29
C VAL D 22 -38.21 6.95 1.38
N GLN D 23 -36.96 6.73 1.77
CA GLN D 23 -35.83 7.17 0.97
C GLN D 23 -35.88 6.58 -0.44
N TYR D 24 -36.29 5.32 -0.54
CA TYR D 24 -36.28 4.63 -1.83
C TYR D 24 -37.25 5.30 -2.81
N PHE D 25 -38.52 5.44 -2.40
CA PHE D 25 -39.50 5.97 -3.33
C PHE D 25 -39.37 7.46 -3.55
N GLN D 26 -38.75 8.19 -2.61
CA GLN D 26 -38.44 9.59 -2.86
C GLN D 26 -37.34 9.74 -3.91
N PHE D 27 -36.39 8.82 -3.95
CA PHE D 27 -35.36 8.84 -4.98
C PHE D 27 -35.98 8.67 -6.37
N TYR D 28 -36.95 7.77 -6.48
CA TYR D 28 -37.56 7.49 -7.77
C TYR D 28 -38.71 8.44 -8.11
N GLY D 29 -38.97 9.45 -7.29
CA GLY D 29 -39.90 10.49 -7.64
C GLY D 29 -39.30 11.61 -8.46
N TYR D 30 -38.00 11.60 -8.69
CA TYR D 30 -37.33 12.68 -9.38
C TYR D 30 -37.29 12.42 -10.89
N LEU D 31 -37.72 13.42 -11.66
CA LEU D 31 -37.69 13.30 -13.11
C LEU D 31 -36.27 13.13 -13.62
N SER D 32 -35.29 13.73 -12.92
CA SER D 32 -33.90 13.60 -13.35
C SER D 32 -33.43 12.15 -13.33
N GLN D 33 -33.91 11.37 -12.35
CA GLN D 33 -33.55 9.95 -12.33
C GLN D 33 -34.19 9.20 -13.48
N GLN D 34 -35.44 9.55 -13.82
CA GLN D 34 -36.09 8.94 -14.98
C GLN D 34 -35.30 9.25 -16.25
N GLN D 35 -34.92 10.51 -16.42
CA GLN D 35 -34.11 10.89 -17.58
C GLN D 35 -32.84 10.04 -17.63
N ASN D 36 -32.23 9.78 -16.47
CA ASN D 36 -30.98 9.02 -16.41
C ASN D 36 -31.19 7.60 -16.92
N MET D 37 -32.19 6.91 -16.40
CA MET D 37 -32.45 5.55 -16.88
C MET D 37 -32.79 5.57 -18.36
N MET D 38 -33.59 6.54 -18.81
CA MET D 38 -34.01 6.56 -20.19
C MET D 38 -32.86 6.83 -21.15
N GLN D 39 -31.86 7.62 -20.71
CA GLN D 39 -30.74 7.93 -21.58
C GLN D 39 -29.73 6.79 -21.69
N ASP D 40 -29.88 5.72 -20.91
CA ASP D 40 -29.11 4.51 -21.16
C ASP D 40 -29.67 3.88 -22.43
N TYR D 41 -29.03 4.17 -23.56
CA TYR D 41 -29.58 3.77 -24.85
C TYR D 41 -29.54 2.25 -25.02
N VAL D 42 -28.53 1.58 -24.46
CA VAL D 42 -28.50 0.13 -24.53
C VAL D 42 -29.73 -0.45 -23.82
N ARG D 43 -30.06 0.11 -22.66
CA ARG D 43 -31.19 -0.39 -21.87
C ARG D 43 -32.51 -0.07 -22.57
N THR D 44 -32.73 1.20 -22.93
CA THR D 44 -33.99 1.57 -23.51
C THR D 44 -34.16 0.93 -24.89
N GLY D 45 -33.14 1.03 -25.73
CA GLY D 45 -33.21 0.45 -27.06
C GLY D 45 -33.42 -1.06 -27.02
N THR D 46 -32.76 -1.74 -26.09
CA THR D 46 -32.91 -3.19 -26.01
C THR D 46 -34.31 -3.58 -25.55
N TYR D 47 -34.85 -2.86 -24.56
CA TYR D 47 -36.22 -3.13 -24.14
C TYR D 47 -37.21 -2.89 -25.26
N GLN D 48 -37.03 -1.81 -26.03
CA GLN D 48 -37.96 -1.54 -27.12
C GLN D 48 -37.88 -2.63 -28.18
N ARG D 49 -36.67 -3.05 -28.54
CA ARG D 49 -36.51 -4.09 -29.54
C ARG D 49 -37.11 -5.40 -29.07
N ALA D 50 -36.86 -5.76 -27.80
CA ALA D 50 -37.45 -6.99 -27.27
C ALA D 50 -38.97 -6.98 -27.41
N ILE D 51 -39.60 -5.83 -27.15
CA ILE D 51 -41.05 -5.75 -27.15
C ILE D 51 -41.59 -5.69 -28.58
N LEU D 52 -41.03 -4.80 -29.41
CA LEU D 52 -41.58 -4.60 -30.75
C LEU D 52 -41.31 -5.81 -31.65
N GLN D 53 -40.12 -6.39 -31.57
CA GLN D 53 -39.83 -7.55 -32.41
C GLN D 53 -40.61 -8.78 -31.96
N ASN D 54 -41.13 -8.79 -30.74
CA ASN D 54 -42.06 -9.82 -30.27
C ASN D 54 -43.47 -9.25 -30.14
N HIS D 55 -43.90 -8.49 -31.15
CA HIS D 55 -45.19 -7.82 -31.09
C HIS D 55 -46.34 -8.81 -30.95
N THR D 56 -46.16 -10.04 -31.44
CA THR D 56 -47.21 -11.05 -31.34
C THR D 56 -47.52 -11.39 -29.89
N ASP D 57 -46.55 -11.26 -28.99
CA ASP D 57 -46.79 -11.50 -27.57
C ASP D 57 -47.55 -10.36 -26.89
N PHE D 58 -47.73 -9.23 -27.57
CA PHE D 58 -48.46 -8.11 -27.03
C PHE D 58 -49.74 -7.78 -27.78
N LYS D 59 -49.84 -8.15 -29.07
CA LYS D 59 -50.98 -7.77 -29.88
C LYS D 59 -52.29 -8.23 -29.24
N ASP D 60 -53.14 -7.25 -28.90
CA ASP D 60 -54.45 -7.49 -28.31
C ASP D 60 -54.36 -8.24 -26.98
N LYS D 61 -53.24 -8.09 -26.28
CA LYS D 61 -53.05 -8.76 -25.00
C LYS D 61 -53.28 -7.80 -23.84
N ILE D 62 -53.41 -8.38 -22.65
CA ILE D 62 -53.51 -7.63 -21.40
C ILE D 62 -52.13 -7.66 -20.75
N VAL D 63 -51.62 -6.49 -20.38
CA VAL D 63 -50.24 -6.33 -19.94
C VAL D 63 -50.21 -5.72 -18.54
N LEU D 64 -49.22 -6.15 -17.75
CA LEU D 64 -48.91 -5.54 -16.46
C LEU D 64 -47.47 -5.05 -16.48
N ASP D 65 -47.27 -3.78 -16.18
CA ASP D 65 -45.95 -3.17 -16.10
C ASP D 65 -45.67 -2.84 -14.64
N VAL D 66 -44.71 -3.55 -14.04
CA VAL D 66 -44.41 -3.42 -12.61
C VAL D 66 -43.29 -2.41 -12.42
N GLY D 67 -43.55 -1.35 -11.66
CA GLY D 67 -42.61 -0.28 -11.45
C GLY D 67 -42.38 0.50 -12.73
N CYS D 68 -43.45 1.09 -13.27
CA CYS D 68 -43.41 1.64 -14.62
C CYS D 68 -42.67 2.97 -14.69
N GLY D 69 -42.44 3.63 -13.56
CA GLY D 69 -41.76 4.92 -13.61
C GLY D 69 -42.57 5.89 -14.45
N SER D 70 -41.90 6.57 -15.38
CA SER D 70 -42.59 7.50 -16.25
C SER D 70 -43.43 6.80 -17.31
N GLY D 71 -43.29 5.48 -17.45
CA GLY D 71 -44.20 4.69 -18.27
C GLY D 71 -43.65 4.19 -19.59
N ILE D 72 -42.34 4.33 -19.83
CA ILE D 72 -41.80 4.10 -21.17
C ILE D 72 -42.11 2.68 -21.65
N LEU D 73 -41.98 1.68 -20.78
CA LEU D 73 -42.24 0.31 -21.21
C LEU D 73 -43.71 0.13 -21.59
N SER D 74 -44.62 0.78 -20.87
CA SER D 74 -46.03 0.70 -21.23
C SER D 74 -46.29 1.29 -22.61
N PHE D 75 -45.57 2.36 -22.96
CA PHE D 75 -45.69 2.91 -24.30
C PHE D 75 -45.18 1.94 -25.36
N PHE D 76 -44.10 1.22 -25.06
CA PHE D 76 -43.63 0.20 -25.99
C PHE D 76 -44.67 -0.90 -26.16
N ALA D 77 -45.28 -1.34 -25.06
CA ALA D 77 -46.33 -2.34 -25.16
C ALA D 77 -47.50 -1.82 -26.01
N ALA D 78 -47.86 -0.55 -25.85
CA ALA D 78 -48.91 0.03 -26.67
C ALA D 78 -48.50 0.06 -28.14
N GLN D 79 -47.25 0.43 -28.43
CA GLN D 79 -46.79 0.45 -29.82
C GLN D 79 -46.85 -0.92 -30.45
N ALA D 80 -46.66 -1.97 -29.66
CA ALA D 80 -46.68 -3.34 -30.17
C ALA D 80 -48.08 -3.90 -30.32
N GLY D 81 -49.12 -3.16 -29.92
CA GLY D 81 -50.49 -3.55 -30.17
C GLY D 81 -51.27 -4.00 -28.95
N ALA D 82 -50.76 -3.81 -27.74
CA ALA D 82 -51.44 -4.27 -26.54
C ALA D 82 -52.83 -3.65 -26.44
N ARG D 83 -53.80 -4.44 -25.95
CA ARG D 83 -55.15 -3.95 -25.77
C ARG D 83 -55.27 -3.11 -24.51
N LYS D 84 -54.70 -3.57 -23.41
CA LYS D 84 -54.79 -2.84 -22.15
C LYS D 84 -53.53 -3.09 -21.34
N ILE D 85 -52.97 -2.02 -20.78
CA ILE D 85 -51.74 -2.08 -20.01
C ILE D 85 -52.01 -1.47 -18.66
N TYR D 86 -51.85 -2.27 -17.60
CA TYR D 86 -51.89 -1.76 -16.24
C TYR D 86 -50.46 -1.42 -15.82
N ALA D 87 -50.22 -0.16 -15.51
CA ALA D 87 -48.89 0.35 -15.19
C ALA D 87 -48.87 0.72 -13.71
N VAL D 88 -48.23 -0.13 -12.90
CA VAL D 88 -48.20 0.04 -11.45
C VAL D 88 -46.92 0.79 -11.06
N GLU D 89 -47.06 1.77 -10.17
CA GLU D 89 -45.93 2.59 -9.74
C GLU D 89 -46.23 3.13 -8.35
N ALA D 90 -45.31 2.88 -7.42
CA ALA D 90 -45.51 3.27 -6.03
C ALA D 90 -45.07 4.70 -5.73
N SER D 91 -44.11 5.24 -6.49
CA SER D 91 -43.64 6.58 -6.21
C SER D 91 -44.59 7.61 -6.81
N THR D 92 -44.33 8.88 -6.49
CA THR D 92 -45.12 9.97 -7.05
C THR D 92 -44.90 10.14 -8.55
N MET D 93 -43.96 9.40 -9.15
CA MET D 93 -43.78 9.42 -10.59
C MET D 93 -45.03 8.95 -11.33
N ALA D 94 -45.96 8.29 -10.64
CA ALA D 94 -47.17 7.79 -11.30
C ALA D 94 -48.03 8.92 -11.84
N GLN D 95 -48.06 10.06 -11.16
CA GLN D 95 -48.83 11.21 -11.66
C GLN D 95 -48.21 11.77 -12.93
N HIS D 96 -46.88 11.76 -13.02
CA HIS D 96 -46.21 12.17 -14.26
C HIS D 96 -46.44 11.15 -15.36
N ALA D 97 -46.54 9.87 -15.02
CA ALA D 97 -46.88 8.87 -16.03
C ALA D 97 -48.26 9.13 -16.61
N GLU D 98 -49.23 9.49 -15.76
CA GLU D 98 -50.57 9.75 -16.27
C GLU D 98 -50.59 10.95 -17.20
N VAL D 99 -49.79 11.98 -16.89
CA VAL D 99 -49.69 13.14 -17.79
C VAL D 99 -49.29 12.70 -19.18
N LEU D 100 -48.25 11.86 -19.28
CA LEU D 100 -47.78 11.42 -20.59
C LEU D 100 -48.81 10.56 -21.30
N VAL D 101 -49.54 9.73 -20.56
CA VAL D 101 -50.58 8.92 -21.19
C VAL D 101 -51.61 9.81 -21.86
N LYS D 102 -52.04 10.87 -21.15
CA LYS D 102 -53.00 11.78 -21.73
C LYS D 102 -52.40 12.54 -22.90
N SER D 103 -51.18 13.06 -22.75
CA SER D 103 -50.58 13.86 -23.82
C SER D 103 -50.30 13.01 -25.07
N ASN D 104 -50.10 11.69 -24.91
CA ASN D 104 -49.90 10.81 -26.05
C ASN D 104 -51.18 10.13 -26.51
N ASN D 105 -52.34 10.55 -25.98
CA ASN D 105 -53.65 10.07 -26.42
C ASN D 105 -53.77 8.55 -26.32
N LEU D 106 -53.36 8.00 -25.18
CA LEU D 106 -53.39 6.55 -24.95
C LEU D 106 -54.20 6.17 -23.72
N THR D 107 -55.12 7.06 -23.30
CA THR D 107 -55.95 6.81 -22.13
C THR D 107 -56.78 5.55 -22.28
N ASP D 108 -57.08 5.13 -23.51
CA ASP D 108 -57.86 3.93 -23.73
C ASP D 108 -57.03 2.66 -23.68
N ARG D 109 -55.71 2.76 -23.50
CA ARG D 109 -54.88 1.56 -23.54
C ARG D 109 -53.94 1.44 -22.35
N ILE D 110 -53.48 2.57 -21.79
CA ILE D 110 -52.57 2.56 -20.65
C ILE D 110 -53.32 3.06 -19.43
N VAL D 111 -53.35 2.26 -18.38
CA VAL D 111 -54.06 2.58 -17.13
C VAL D 111 -53.03 2.55 -16.00
N VAL D 112 -52.63 3.74 -15.55
CA VAL D 112 -51.71 3.83 -14.42
C VAL D 112 -52.46 3.45 -13.14
N ILE D 113 -51.81 2.62 -12.32
CA ILE D 113 -52.36 2.19 -11.04
C ILE D 113 -51.38 2.62 -9.94
N PRO D 114 -51.65 3.72 -9.24
CA PRO D 114 -50.72 4.15 -8.19
C PRO D 114 -50.68 3.16 -7.03
N GLY D 115 -49.48 2.90 -6.54
CA GLY D 115 -49.29 2.07 -5.36
C GLY D 115 -48.31 0.94 -5.60
N LYS D 116 -48.11 0.15 -4.54
CA LYS D 116 -47.19 -0.97 -4.60
C LYS D 116 -47.86 -2.19 -5.19
N VAL D 117 -47.14 -2.89 -6.07
CA VAL D 117 -47.71 -4.05 -6.75
C VAL D 117 -48.16 -5.10 -5.76
N GLU D 118 -47.64 -5.08 -4.54
CA GLU D 118 -48.06 -6.01 -3.51
C GLU D 118 -49.36 -5.59 -2.83
N GLU D 119 -49.91 -4.42 -3.15
CA GLU D 119 -51.04 -3.87 -2.41
C GLU D 119 -52.23 -3.54 -3.29
N VAL D 120 -51.99 -3.20 -4.55
CA VAL D 120 -53.04 -2.70 -5.43
C VAL D 120 -53.93 -3.85 -5.91
N SER D 121 -55.07 -3.50 -6.50
CA SER D 121 -55.99 -4.45 -7.10
C SER D 121 -56.08 -4.20 -8.59
N LEU D 122 -56.04 -5.27 -9.38
CA LEU D 122 -56.25 -5.18 -10.82
C LEU D 122 -57.59 -5.81 -11.19
N PRO D 123 -58.30 -5.28 -12.20
CA PRO D 123 -59.62 -5.83 -12.55
C PRO D 123 -59.58 -7.19 -13.21
N GLU D 124 -58.42 -7.66 -13.69
CA GLU D 124 -58.37 -8.89 -14.45
C GLU D 124 -56.94 -9.42 -14.45
N GLN D 125 -56.80 -10.69 -14.81
CA GLN D 125 -55.50 -11.31 -14.98
C GLN D 125 -54.86 -10.84 -16.29
N VAL D 126 -53.54 -10.99 -16.38
CA VAL D 126 -52.82 -10.44 -17.53
C VAL D 126 -52.16 -11.58 -18.30
N ASP D 127 -51.88 -11.29 -19.57
CA ASP D 127 -51.21 -12.25 -20.45
C ASP D 127 -49.70 -12.20 -20.33
N ILE D 128 -49.13 -11.05 -19.95
CA ILE D 128 -47.69 -10.90 -19.92
C ILE D 128 -47.35 -9.79 -18.94
N ILE D 129 -46.26 -10.00 -18.19
CA ILE D 129 -45.74 -9.01 -17.25
C ILE D 129 -44.45 -8.46 -17.82
N ILE D 130 -44.33 -7.14 -17.83
CA ILE D 130 -43.11 -6.46 -18.25
C ILE D 130 -42.62 -5.63 -17.07
N SER D 131 -41.31 -5.42 -17.02
CA SER D 131 -40.68 -4.69 -15.92
C SER D 131 -39.18 -4.60 -16.18
N GLU D 132 -38.56 -3.67 -15.48
CA GLU D 132 -37.10 -3.53 -15.46
C GLU D 132 -36.72 -3.55 -13.99
N PRO D 133 -36.64 -4.74 -13.39
CA PRO D 133 -36.37 -4.85 -11.95
C PRO D 133 -34.90 -4.98 -11.57
N MET D 134 -33.96 -4.92 -12.52
CA MET D 134 -32.57 -5.22 -12.24
C MET D 134 -31.87 -4.02 -11.60
N GLY D 135 -31.29 -4.24 -10.42
CA GLY D 135 -30.38 -3.29 -9.82
C GLY D 135 -28.92 -3.67 -10.05
N TYR D 136 -28.03 -2.92 -9.41
CA TYR D 136 -26.60 -3.28 -9.41
C TYR D 136 -26.44 -4.72 -8.96
N MET D 137 -25.63 -5.47 -9.68
CA MET D 137 -25.40 -6.87 -9.34
C MET D 137 -26.69 -7.69 -9.45
N LEU D 138 -27.65 -7.18 -10.23
CA LEU D 138 -28.95 -7.78 -10.49
C LEU D 138 -29.91 -7.61 -9.32
N PHE D 139 -29.49 -8.03 -8.13
CA PHE D 139 -30.42 -8.22 -7.01
C PHE D 139 -30.62 -6.97 -6.16
N ASN D 140 -29.75 -5.97 -6.27
CA ASN D 140 -29.91 -4.80 -5.41
C ASN D 140 -31.29 -4.17 -5.62
N GLU D 141 -31.87 -3.66 -4.53
CA GLU D 141 -33.19 -3.04 -4.44
C GLU D 141 -34.31 -4.05 -4.19
N ARG D 142 -34.06 -5.35 -4.36
CA ARG D 142 -35.04 -6.40 -4.10
C ARG D 142 -36.31 -6.23 -4.94
N MET D 143 -36.16 -5.63 -6.12
CA MET D 143 -37.30 -5.44 -7.01
C MET D 143 -37.71 -6.75 -7.68
N LEU D 144 -36.79 -7.72 -7.80
CA LEU D 144 -37.13 -8.99 -8.42
C LEU D 144 -38.21 -9.72 -7.64
N GLU D 145 -38.23 -9.54 -6.32
CA GLU D 145 -39.28 -10.14 -5.50
C GLU D 145 -40.63 -9.52 -5.80
N SER D 146 -40.67 -8.20 -6.05
CA SER D 146 -41.93 -7.57 -6.44
C SER D 146 -42.36 -8.04 -7.82
N TYR D 147 -41.40 -8.20 -8.73
CA TYR D 147 -41.67 -8.73 -10.06
C TYR D 147 -42.29 -10.12 -9.96
N LEU D 148 -41.69 -11.00 -9.16
CA LEU D 148 -42.20 -12.36 -9.03
C LEU D 148 -43.53 -12.38 -8.28
N HIS D 149 -43.66 -11.51 -7.27
CA HIS D 149 -44.93 -11.40 -6.55
C HIS D 149 -46.08 -11.09 -7.50
N ALA D 150 -45.83 -10.27 -8.52
CA ALA D 150 -46.87 -9.88 -9.46
C ALA D 150 -47.38 -11.04 -10.30
N LYS D 151 -46.73 -12.20 -10.25
CA LYS D 151 -47.22 -13.36 -11.00
C LYS D 151 -48.57 -13.84 -10.50
N LYS D 152 -49.03 -13.35 -9.34
CA LYS D 152 -50.37 -13.66 -8.89
C LYS D 152 -51.44 -13.14 -9.85
N TYR D 153 -51.09 -12.17 -10.70
CA TYR D 153 -52.00 -11.64 -11.71
C TYR D 153 -51.80 -12.28 -13.07
N LEU D 154 -50.87 -13.22 -13.20
CA LEU D 154 -50.51 -13.77 -14.49
C LEU D 154 -51.41 -14.97 -14.81
N LYS D 155 -52.01 -14.95 -16.00
CA LYS D 155 -52.77 -16.11 -16.46
C LYS D 155 -51.84 -17.32 -16.54
N PRO D 156 -52.39 -18.53 -16.41
CA PRO D 156 -51.55 -19.72 -16.63
C PRO D 156 -50.91 -19.67 -18.00
N SER D 157 -49.65 -20.09 -18.06
CA SER D 157 -48.87 -20.06 -19.30
C SER D 157 -48.67 -18.64 -19.82
N GLY D 158 -48.75 -17.65 -18.94
CA GLY D 158 -48.37 -16.29 -19.31
C GLY D 158 -46.86 -16.14 -19.42
N ASN D 159 -46.45 -15.01 -19.97
CA ASN D 159 -45.05 -14.72 -20.24
C ASN D 159 -44.52 -13.65 -19.29
N MET D 160 -43.19 -13.63 -19.15
CA MET D 160 -42.48 -12.67 -18.33
C MET D 160 -41.39 -12.02 -19.17
N PHE D 161 -41.32 -10.70 -19.14
CA PHE D 161 -40.36 -9.93 -19.93
C PHE D 161 -39.64 -8.96 -19.00
N PRO D 162 -38.39 -9.28 -18.58
CA PRO D 162 -37.55 -10.40 -18.99
C PRO D 162 -37.98 -11.75 -18.43
N THR D 163 -37.55 -12.83 -19.09
CA THR D 163 -37.94 -14.19 -18.76
C THR D 163 -36.95 -14.88 -17.83
N ILE D 164 -35.65 -14.65 -18.03
CA ILE D 164 -34.63 -15.25 -17.19
C ILE D 164 -33.54 -14.21 -16.92
N GLY D 165 -32.79 -14.44 -15.86
CA GLY D 165 -31.64 -13.62 -15.51
C GLY D 165 -30.43 -14.47 -15.13
N ASP D 166 -29.27 -14.15 -15.69
CA ASP D 166 -28.02 -14.86 -15.43
C ASP D 166 -27.06 -13.96 -14.68
N VAL D 167 -26.61 -14.41 -13.51
CA VAL D 167 -25.53 -13.75 -12.79
C VAL D 167 -24.21 -14.41 -13.17
N HIS D 168 -23.23 -13.60 -13.54
CA HIS D 168 -21.89 -14.07 -13.86
C HIS D 168 -20.90 -13.56 -12.83
N LEU D 169 -19.99 -14.45 -12.40
CA LEU D 169 -18.95 -14.08 -11.47
C LEU D 169 -17.64 -14.71 -11.91
N ALA D 170 -16.56 -13.93 -11.80
CA ALA D 170 -15.24 -14.37 -12.25
C ALA D 170 -14.18 -13.71 -11.38
N PRO D 171 -13.10 -14.43 -11.03
CA PRO D 171 -12.02 -13.79 -10.26
C PRO D 171 -11.21 -12.84 -11.13
N PHE D 172 -10.70 -11.79 -10.49
CA PHE D 172 -9.98 -10.73 -11.19
C PHE D 172 -8.72 -10.35 -10.42
N THR D 173 -7.80 -9.71 -11.14
CA THR D 173 -6.59 -9.14 -10.57
C THR D 173 -6.56 -7.66 -10.91
N ASP D 174 -6.36 -6.81 -9.91
CA ASP D 174 -6.30 -5.37 -10.12
C ASP D 174 -5.60 -4.72 -8.93
N GLU D 175 -4.26 -4.76 -8.96
CA GLU D 175 -3.47 -4.21 -7.87
C GLU D 175 -3.85 -2.76 -7.59
N GLN D 176 -4.07 -1.97 -8.64
CA GLN D 176 -4.34 -0.55 -8.46
C GLN D 176 -5.60 -0.33 -7.63
N LEU D 177 -6.69 -1.04 -7.98
CA LEU D 177 -7.92 -0.88 -7.22
C LEU D 177 -7.72 -1.30 -5.77
N TYR D 178 -7.05 -2.43 -5.54
CA TYR D 178 -6.83 -2.90 -4.18
C TYR D 178 -6.10 -1.86 -3.35
N MET D 179 -4.97 -1.35 -3.85
CA MET D 179 -4.20 -0.37 -3.09
C MET D 179 -4.96 0.93 -2.93
N GLU D 180 -5.87 1.24 -3.86
CA GLU D 180 -6.68 2.44 -3.75
C GLU D 180 -7.59 2.37 -2.52
N GLN D 181 -8.30 1.25 -2.36
CA GLN D 181 -9.13 1.09 -1.17
C GLN D 181 -8.29 0.88 0.07
N PHE D 182 -7.18 0.13 -0.06
CA PHE D 182 -6.26 -0.05 1.05
C PHE D 182 -5.75 1.29 1.56
N THR D 183 -5.44 2.21 0.65
CA THR D 183 -4.91 3.52 1.06
C THR D 183 -5.94 4.30 1.87
N LYS D 184 -7.20 4.28 1.44
CA LYS D 184 -8.25 5.01 2.16
C LYS D 184 -8.38 4.51 3.59
N ALA D 185 -8.22 3.21 3.82
CA ALA D 185 -8.35 2.66 5.16
C ALA D 185 -7.12 2.92 6.01
N ASN D 186 -5.95 3.06 5.40
CA ASN D 186 -4.73 3.32 6.16
C ASN D 186 -4.68 4.73 6.73
N PHE D 187 -5.66 5.58 6.45
CA PHE D 187 -5.79 6.82 7.19
C PHE D 187 -5.85 6.55 8.68
N TRP D 188 -6.60 5.53 9.07
CA TRP D 188 -6.75 5.15 10.47
C TRP D 188 -5.57 4.34 10.99
N TYR D 189 -4.47 4.31 10.24
CA TYR D 189 -3.21 3.74 10.69
C TYR D 189 -2.30 4.78 11.34
N GLN D 190 -2.64 6.07 11.22
CA GLN D 190 -1.79 7.13 11.71
C GLN D 190 -1.67 7.06 13.24
N PRO D 191 -0.46 7.02 13.79
CA PRO D 191 -0.32 7.08 15.25
C PRO D 191 -0.23 8.48 15.82
N SER D 192 -0.29 9.52 15.00
CA SER D 192 -0.16 10.90 15.49
C SER D 192 -0.85 11.85 14.52
N PHE D 193 -2.14 11.63 14.28
CA PHE D 193 -2.96 12.55 13.51
C PHE D 193 -3.27 13.74 14.40
N HIS D 194 -2.62 14.88 14.14
CA HIS D 194 -2.70 16.04 15.03
C HIS D 194 -2.40 15.65 16.47
N GLY D 195 -1.50 14.68 16.67
CA GLY D 195 -1.14 14.23 17.99
C GLY D 195 -1.97 13.09 18.53
N VAL D 196 -2.94 12.59 17.76
CA VAL D 196 -3.87 11.57 18.21
C VAL D 196 -3.53 10.25 17.53
N ASP D 197 -3.48 9.18 18.34
CA ASP D 197 -3.24 7.83 17.81
C ASP D 197 -4.58 7.24 17.36
N LEU D 198 -4.71 7.05 16.04
CA LEU D 198 -5.91 6.46 15.45
C LEU D 198 -5.79 4.96 15.20
N SER D 199 -4.60 4.39 15.39
CA SER D 199 -4.29 3.04 14.90
C SER D 199 -5.19 1.97 15.50
N ALA D 200 -5.85 2.25 16.63
CA ALA D 200 -6.72 1.25 17.23
C ALA D 200 -7.96 0.97 16.38
N LEU D 201 -8.38 1.91 15.54
CA LEU D 201 -9.51 1.71 14.64
C LEU D 201 -9.13 1.22 13.25
N ARG D 202 -7.84 0.94 13.03
CA ARG D 202 -7.40 0.56 11.69
C ARG D 202 -8.09 -0.72 11.21
N GLY D 203 -8.32 -1.67 12.10
CA GLY D 203 -9.04 -2.87 11.72
C GLY D 203 -10.47 -2.58 11.30
N ALA D 204 -11.17 -1.74 12.07
CA ALA D 204 -12.55 -1.40 11.75
C ALA D 204 -12.64 -0.68 10.41
N ALA D 205 -11.69 0.21 10.13
CA ALA D 205 -11.74 0.96 8.87
C ALA D 205 -11.56 0.02 7.68
N VAL D 206 -10.56 -0.86 7.73
CA VAL D 206 -10.39 -1.85 6.66
C VAL D 206 -11.69 -2.60 6.43
N ASP D 207 -12.31 -3.08 7.50
CA ASP D 207 -13.58 -3.81 7.38
C ASP D 207 -14.62 -2.97 6.67
N GLU D 208 -14.77 -1.71 7.07
CA GLU D 208 -15.78 -0.85 6.48
C GLU D 208 -15.51 -0.61 5.01
N TYR D 209 -14.25 -0.25 4.67
CA TYR D 209 -13.94 0.11 3.30
C TYR D 209 -14.07 -1.08 2.35
N PHE D 210 -13.78 -2.29 2.81
CA PHE D 210 -13.86 -3.47 1.97
C PHE D 210 -15.23 -4.10 1.95
N ARG D 211 -16.17 -3.62 2.77
CA ARG D 211 -17.56 -4.03 2.66
C ARG D 211 -18.27 -3.38 1.47
N GLN D 212 -17.65 -2.39 0.84
CA GLN D 212 -18.28 -1.68 -0.27
C GLN D 212 -17.97 -2.40 -1.57
N PRO D 213 -18.97 -2.87 -2.32
CA PRO D 213 -18.71 -3.29 -3.70
C PRO D 213 -18.34 -2.09 -4.56
N VAL D 214 -17.47 -2.34 -5.53
CA VAL D 214 -16.98 -1.28 -6.41
C VAL D 214 -17.77 -1.34 -7.72
N VAL D 215 -18.49 -0.27 -8.03
CA VAL D 215 -19.30 -0.19 -9.23
C VAL D 215 -18.53 0.65 -10.25
N ASP D 216 -18.05 -0.01 -11.29
CA ASP D 216 -17.40 0.66 -12.41
C ASP D 216 -17.07 -0.38 -13.47
N THR D 217 -16.54 0.04 -14.60
CA THR D 217 -16.15 -0.91 -15.63
C THR D 217 -14.64 -1.15 -15.57
N PHE D 218 -14.20 -2.14 -16.35
CA PHE D 218 -12.82 -2.54 -16.37
C PHE D 218 -12.57 -3.27 -17.68
N ASP D 219 -11.28 -3.49 -17.97
CA ASP D 219 -10.86 -4.27 -19.12
C ASP D 219 -10.99 -5.75 -18.79
N ILE D 220 -11.33 -6.55 -19.81
CA ILE D 220 -11.58 -7.97 -19.59
C ILE D 220 -10.31 -8.75 -19.28
N ARG D 221 -9.13 -8.19 -19.60
CA ARG D 221 -7.88 -8.92 -19.37
C ARG D 221 -7.55 -9.06 -17.89
N ILE D 222 -8.22 -8.34 -17.01
CA ILE D 222 -8.00 -8.51 -15.57
C ILE D 222 -8.66 -9.77 -15.03
N LEU D 223 -9.49 -10.45 -15.83
CA LEU D 223 -10.21 -11.62 -15.37
C LEU D 223 -9.34 -12.86 -15.55
N MET D 224 -9.27 -13.68 -14.51
CA MET D 224 -8.30 -14.76 -14.43
C MET D 224 -8.91 -16.13 -14.70
N ALA D 225 -10.20 -16.20 -15.03
CA ALA D 225 -10.84 -17.48 -15.31
C ALA D 225 -12.20 -17.18 -15.94
N LYS D 226 -12.70 -18.15 -16.71
CA LYS D 226 -14.02 -18.00 -17.29
C LYS D 226 -15.06 -17.90 -16.18
N SER D 227 -16.13 -17.16 -16.47
CA SER D 227 -17.14 -16.87 -15.46
C SER D 227 -17.98 -18.11 -15.15
N VAL D 228 -18.56 -18.10 -13.96
CA VAL D 228 -19.56 -19.07 -13.54
C VAL D 228 -20.93 -18.41 -13.63
N LYS D 229 -21.92 -19.17 -14.08
CA LYS D 229 -23.25 -18.65 -14.33
C LYS D 229 -24.20 -19.16 -13.25
N TYR D 230 -25.03 -18.25 -12.73
CA TYR D 230 -26.13 -18.61 -11.85
C TYR D 230 -27.41 -18.04 -12.46
N THR D 231 -28.39 -18.91 -12.70
CA THR D 231 -29.57 -18.57 -13.49
C THR D 231 -30.81 -18.54 -12.61
N VAL D 232 -31.57 -17.45 -12.74
CA VAL D 232 -32.89 -17.31 -12.14
C VAL D 232 -33.91 -17.34 -13.26
N ASN D 233 -34.80 -18.32 -13.24
CA ASN D 233 -35.88 -18.43 -14.21
C ASN D 233 -37.13 -17.75 -13.63
N PHE D 234 -37.45 -16.55 -14.14
CA PHE D 234 -38.53 -15.76 -13.56
C PHE D 234 -39.90 -16.39 -13.78
N LEU D 235 -40.04 -17.30 -14.74
CA LEU D 235 -41.30 -18.00 -14.91
C LEU D 235 -41.55 -19.01 -13.80
N GLU D 236 -40.48 -19.55 -13.22
CA GLU D 236 -40.59 -20.59 -12.20
C GLU D 236 -40.28 -20.11 -10.79
N ALA D 237 -39.40 -19.12 -10.64
CA ALA D 237 -38.94 -18.72 -9.32
C ALA D 237 -40.09 -18.15 -8.50
N LYS D 238 -40.02 -18.38 -7.19
CA LYS D 238 -40.89 -17.73 -6.23
C LYS D 238 -40.08 -16.69 -5.46
N GLU D 239 -40.75 -15.63 -5.03
CA GLU D 239 -40.03 -14.54 -4.39
C GLU D 239 -39.26 -15.03 -3.17
N GLY D 240 -39.76 -16.07 -2.51
CA GLY D 240 -39.02 -16.65 -1.40
C GLY D 240 -37.63 -17.14 -1.78
N ASP D 241 -37.46 -17.58 -3.03
CA ASP D 241 -36.17 -18.07 -3.49
C ASP D 241 -35.10 -17.00 -3.46
N LEU D 242 -35.46 -15.73 -3.32
CA LEU D 242 -34.49 -14.65 -3.35
C LEU D 242 -34.13 -14.14 -1.96
N HIS D 243 -34.69 -14.72 -0.91
CA HIS D 243 -34.33 -14.30 0.44
C HIS D 243 -32.92 -14.78 0.81
N ARG D 244 -32.50 -15.92 0.29
N ARG D 244 -32.50 -15.92 0.29
CA ARG D 244 -31.18 -16.48 0.56
CA ARG D 244 -31.18 -16.48 0.56
C ARG D 244 -30.70 -17.16 -0.72
C ARG D 244 -30.70 -17.16 -0.71
N ILE D 245 -29.69 -16.57 -1.36
CA ILE D 245 -29.19 -17.03 -2.65
C ILE D 245 -27.77 -17.55 -2.46
N GLU D 246 -27.58 -18.85 -2.70
CA GLU D 246 -26.29 -19.51 -2.56
C GLU D 246 -25.74 -19.83 -3.94
N ILE D 247 -24.57 -19.27 -4.25
CA ILE D 247 -23.95 -19.45 -5.56
C ILE D 247 -22.62 -20.18 -5.40
N PRO D 248 -22.59 -21.50 -5.53
CA PRO D 248 -21.30 -22.21 -5.49
C PRO D 248 -20.51 -21.96 -6.77
N PHE D 249 -19.18 -21.92 -6.62
CA PHE D 249 -18.31 -21.68 -7.77
C PHE D 249 -17.05 -22.53 -7.66
N LYS D 250 -16.57 -22.96 -8.82
CA LYS D 250 -15.29 -23.67 -8.94
C LYS D 250 -14.63 -23.15 -10.21
N PHE D 251 -13.60 -22.33 -10.04
CA PHE D 251 -12.90 -21.71 -11.16
C PHE D 251 -11.64 -22.49 -11.50
N HIS D 252 -11.35 -22.58 -12.78
CA HIS D 252 -10.11 -23.19 -13.25
C HIS D 252 -9.23 -22.05 -13.74
N MET D 253 -8.21 -21.73 -12.96
CA MET D 253 -7.41 -20.54 -13.21
C MET D 253 -6.69 -20.64 -14.54
N LEU D 254 -6.88 -19.63 -15.39
CA LEU D 254 -6.20 -19.56 -16.68
C LEU D 254 -4.90 -18.79 -16.60
N HIS D 255 -4.74 -17.90 -15.62
CA HIS D 255 -3.52 -17.12 -15.46
C HIS D 255 -3.03 -17.25 -14.02
N SER D 256 -1.75 -16.98 -13.84
CA SER D 256 -1.14 -16.95 -12.52
C SER D 256 -1.03 -15.51 -12.03
N GLY D 257 -1.17 -15.34 -10.73
CA GLY D 257 -1.09 -14.02 -10.13
C GLY D 257 -1.98 -13.95 -8.89
N LEU D 258 -2.17 -12.72 -8.42
CA LEU D 258 -2.97 -12.45 -7.23
C LEU D 258 -4.44 -12.29 -7.62
N VAL D 259 -5.32 -12.95 -6.88
CA VAL D 259 -6.76 -12.79 -7.02
C VAL D 259 -7.20 -11.76 -5.99
N HIS D 260 -7.62 -10.60 -6.45
CA HIS D 260 -8.04 -9.52 -5.57
C HIS D 260 -9.53 -9.56 -5.24
N GLY D 261 -10.30 -10.45 -5.87
CA GLY D 261 -11.70 -10.58 -5.53
C GLY D 261 -12.48 -11.16 -6.70
N LEU D 262 -13.80 -10.98 -6.65
CA LEU D 262 -14.68 -11.47 -7.69
C LEU D 262 -15.37 -10.30 -8.38
N ALA D 263 -15.49 -10.39 -9.70
CA ALA D 263 -16.23 -9.43 -10.49
C ALA D 263 -17.58 -10.03 -10.87
N PHE D 264 -18.63 -9.19 -10.84
CA PHE D 264 -20.01 -9.61 -11.08
C PHE D 264 -20.64 -8.80 -12.20
N TRP D 265 -21.39 -9.48 -13.06
CA TRP D 265 -22.27 -8.82 -14.01
C TRP D 265 -23.48 -9.72 -14.24
N PHE D 266 -24.40 -9.31 -15.10
CA PHE D 266 -25.60 -10.10 -15.32
C PHE D 266 -26.13 -9.90 -16.73
N ASP D 267 -26.87 -10.90 -17.20
CA ASP D 267 -27.64 -10.81 -18.43
C ASP D 267 -29.08 -11.20 -18.14
N VAL D 268 -30.01 -10.56 -18.85
CA VAL D 268 -31.41 -10.97 -18.86
C VAL D 268 -31.80 -11.27 -20.31
N ALA D 269 -32.68 -12.24 -20.48
CA ALA D 269 -33.19 -12.60 -21.80
C ALA D 269 -34.70 -12.42 -21.86
N PHE D 270 -35.17 -11.86 -22.97
CA PHE D 270 -36.59 -11.74 -23.26
C PHE D 270 -36.93 -12.83 -24.26
N ILE D 271 -37.60 -13.88 -23.78
CA ILE D 271 -37.81 -15.10 -24.57
C ILE D 271 -39.23 -15.01 -25.14
N GLY D 272 -39.35 -14.37 -26.29
CA GLY D 272 -40.63 -14.16 -26.92
C GLY D 272 -40.91 -15.18 -28.02
N SER D 273 -42.14 -15.10 -28.55
CA SER D 273 -42.58 -16.07 -29.54
C SER D 273 -41.93 -15.89 -30.90
N ILE D 274 -41.31 -14.73 -31.15
CA ILE D 274 -40.70 -14.45 -32.43
C ILE D 274 -39.18 -14.58 -32.35
N MET D 275 -38.57 -14.15 -31.26
CA MET D 275 -37.12 -14.24 -31.11
C MET D 275 -36.73 -13.94 -29.67
N THR D 276 -35.58 -14.45 -29.28
CA THR D 276 -35.01 -14.16 -27.98
C THR D 276 -34.09 -12.95 -28.11
N VAL D 277 -34.24 -11.99 -27.20
CA VAL D 277 -33.44 -10.77 -27.17
C VAL D 277 -32.74 -10.71 -25.83
N TRP D 278 -31.44 -10.43 -25.86
CA TRP D 278 -30.62 -10.39 -24.66
C TRP D 278 -30.23 -8.97 -24.31
N LEU D 279 -30.28 -8.66 -23.02
CA LEU D 279 -29.73 -7.43 -22.45
C LEU D 279 -28.58 -7.85 -21.54
N SER D 280 -27.36 -7.47 -21.90
CA SER D 280 -26.16 -7.88 -21.17
C SER D 280 -25.43 -6.67 -20.59
N THR D 281 -24.91 -6.86 -19.38
CA THR D 281 -24.01 -5.89 -18.75
C THR D 281 -22.60 -6.46 -18.60
N ALA D 282 -22.23 -7.39 -19.46
CA ALA D 282 -20.91 -8.00 -19.38
C ALA D 282 -19.84 -6.99 -19.80
N PRO D 283 -18.61 -7.13 -19.26
CA PRO D 283 -17.54 -6.21 -19.65
C PRO D 283 -17.13 -6.33 -21.11
N THR D 284 -17.46 -7.44 -21.78
CA THR D 284 -17.25 -7.56 -23.21
C THR D 284 -18.29 -6.81 -24.03
N GLU D 285 -19.29 -6.21 -23.39
CA GLU D 285 -20.40 -5.56 -24.08
C GLU D 285 -20.40 -4.07 -23.80
N PRO D 286 -21.04 -3.27 -24.65
CA PRO D 286 -21.06 -1.82 -24.44
C PRO D 286 -21.59 -1.48 -23.05
N LEU D 287 -21.06 -0.37 -22.51
CA LEU D 287 -21.33 0.00 -21.13
C LEU D 287 -22.80 0.40 -20.94
N THR D 288 -23.35 0.04 -19.78
CA THR D 288 -24.68 0.45 -19.37
C THR D 288 -24.58 1.13 -18.01
N HIS D 289 -25.69 1.70 -17.56
CA HIS D 289 -25.73 2.34 -16.25
C HIS D 289 -25.62 1.34 -15.11
N TRP D 290 -25.63 0.04 -15.41
CA TRP D 290 -25.32 -0.97 -14.40
C TRP D 290 -23.81 -1.19 -14.24
N TYR D 291 -23.01 -0.84 -15.26
CA TYR D 291 -21.58 -1.07 -15.21
C TYR D 291 -21.30 -2.54 -14.85
N GLN D 292 -20.34 -2.77 -13.96
CA GLN D 292 -20.08 -4.08 -13.37
C GLN D 292 -19.77 -3.87 -11.90
N VAL D 293 -19.77 -4.97 -11.14
CA VAL D 293 -19.56 -4.91 -9.69
C VAL D 293 -18.41 -5.83 -9.31
N ARG D 294 -17.53 -5.32 -8.44
CA ARG D 294 -16.41 -6.12 -7.93
C ARG D 294 -16.45 -6.10 -6.41
N CYS D 295 -16.30 -7.28 -5.82
CA CYS D 295 -16.16 -7.43 -4.38
C CYS D 295 -14.70 -7.77 -4.09
N LEU D 296 -14.02 -6.89 -3.35
CA LEU D 296 -12.60 -7.05 -3.07
C LEU D 296 -12.38 -7.94 -1.86
N PHE D 297 -11.26 -8.67 -1.89
CA PHE D 297 -10.76 -9.39 -0.73
C PHE D 297 -9.88 -8.47 0.10
N GLN D 298 -10.00 -8.57 1.43
CA GLN D 298 -9.08 -7.82 2.28
C GLN D 298 -7.62 -8.23 2.03
N SER D 299 -7.38 -9.50 1.73
CA SER D 299 -6.06 -9.98 1.34
C SER D 299 -6.19 -10.89 0.13
N PRO D 300 -5.52 -10.58 -0.98
CA PRO D 300 -5.66 -11.42 -2.17
C PRO D 300 -5.10 -12.82 -1.96
N LEU D 301 -5.56 -13.73 -2.81
CA LEU D 301 -5.06 -15.09 -2.86
C LEU D 301 -4.13 -15.25 -4.05
N PHE D 302 -3.05 -16.00 -3.87
CA PHE D 302 -2.15 -16.32 -4.96
C PHE D 302 -2.55 -17.65 -5.57
N ALA D 303 -2.62 -17.68 -6.91
CA ALA D 303 -2.94 -18.90 -7.62
C ALA D 303 -2.06 -18.99 -8.85
N LYS D 304 -1.90 -20.21 -9.35
CA LYS D 304 -1.20 -20.47 -10.59
C LYS D 304 -2.20 -20.98 -11.63
N ALA D 305 -1.86 -20.75 -12.91
CA ALA D 305 -2.63 -21.35 -13.98
C ALA D 305 -2.74 -22.84 -13.75
N GLY D 306 -3.97 -23.36 -13.85
CA GLY D 306 -4.25 -24.75 -13.62
C GLY D 306 -4.89 -25.04 -12.27
N ASP D 307 -4.67 -24.16 -11.29
CA ASP D 307 -5.29 -24.35 -9.97
C ASP D 307 -6.80 -24.16 -10.05
N THR D 308 -7.48 -24.63 -9.00
CA THR D 308 -8.92 -24.47 -8.86
C THR D 308 -9.19 -23.56 -7.67
N LEU D 309 -10.01 -22.53 -7.90
CA LEU D 309 -10.47 -21.60 -6.87
C LEU D 309 -11.92 -21.93 -6.55
N SER D 310 -12.17 -22.45 -5.36
CA SER D 310 -13.48 -22.94 -4.96
C SER D 310 -14.06 -22.10 -3.83
N GLY D 311 -15.39 -22.09 -3.75
CA GLY D 311 -16.03 -21.40 -2.65
C GLY D 311 -17.52 -21.19 -2.94
N THR D 312 -18.09 -20.26 -2.16
CA THR D 312 -19.51 -19.95 -2.25
C THR D 312 -19.72 -18.46 -2.07
N CYS D 313 -20.64 -17.91 -2.85
CA CYS D 313 -21.14 -16.56 -2.67
C CYS D 313 -22.56 -16.65 -2.14
N LEU D 314 -22.79 -16.07 -0.96
CA LEU D 314 -24.06 -16.19 -0.26
C LEU D 314 -24.68 -14.80 -0.09
N LEU D 315 -25.88 -14.61 -0.65
CA LEU D 315 -26.59 -13.32 -0.58
C LEU D 315 -27.79 -13.47 0.34
N ILE D 316 -27.76 -12.78 1.48
CA ILE D 316 -28.87 -12.76 2.42
C ILE D 316 -29.59 -11.41 2.30
N ALA D 317 -30.85 -11.46 1.88
CA ALA D 317 -31.61 -10.23 1.73
C ALA D 317 -31.88 -9.58 3.08
N ASN D 318 -31.85 -8.26 3.11
CA ASN D 318 -32.06 -7.52 4.34
C ASN D 318 -33.28 -6.61 4.21
N LYS D 319 -33.65 -5.98 5.32
CA LYS D 319 -34.84 -5.13 5.35
C LYS D 319 -34.57 -3.74 4.79
N ARG D 320 -33.36 -3.45 4.35
CA ARG D 320 -33.05 -2.20 3.68
C ARG D 320 -33.07 -2.33 2.16
N GLN D 321 -33.86 -3.27 1.66
CA GLN D 321 -34.07 -3.44 0.22
C GLN D 321 -32.76 -3.78 -0.49
N SER D 322 -31.91 -4.54 0.19
CA SER D 322 -30.64 -4.92 -0.41
C SER D 322 -30.20 -6.29 0.09
N TYR D 323 -28.90 -6.55 0.05
CA TYR D 323 -28.37 -7.86 0.39
C TYR D 323 -27.08 -7.71 1.20
N ASP D 324 -26.91 -8.61 2.17
CA ASP D 324 -25.63 -8.81 2.82
C ASP D 324 -24.93 -9.94 2.07
N ILE D 325 -23.69 -9.72 1.67
CA ILE D 325 -22.96 -10.61 0.77
C ILE D 325 -21.82 -11.26 1.54
N SER D 326 -21.74 -12.58 1.46
CA SER D 326 -20.66 -13.35 2.05
C SER D 326 -19.96 -14.11 0.95
N ILE D 327 -18.65 -13.91 0.82
CA ILE D 327 -17.83 -14.61 -0.17
C ILE D 327 -16.75 -15.37 0.58
N VAL D 328 -16.76 -16.70 0.43
CA VAL D 328 -15.69 -17.55 0.93
C VAL D 328 -15.07 -18.23 -0.28
N ALA D 329 -13.74 -18.18 -0.36
CA ALA D 329 -13.02 -18.74 -1.49
C ALA D 329 -11.68 -19.30 -1.03
N GLN D 330 -11.24 -20.40 -1.66
CA GLN D 330 -9.97 -21.02 -1.33
C GLN D 330 -9.29 -21.53 -2.58
N VAL D 331 -7.96 -21.50 -2.57
CA VAL D 331 -7.15 -22.16 -3.58
C VAL D 331 -6.99 -23.61 -3.15
N ASP D 332 -7.66 -24.52 -3.86
CA ASP D 332 -7.72 -25.91 -3.42
C ASP D 332 -6.32 -26.50 -3.26
N GLN D 333 -5.41 -26.19 -4.18
CA GLN D 333 -4.10 -26.84 -4.19
C GLN D 333 -3.26 -26.46 -2.98
N THR D 334 -3.48 -25.28 -2.40
CA THR D 334 -2.66 -24.79 -1.28
C THR D 334 -3.42 -24.60 0.02
N GLY D 335 -4.75 -24.63 0.01
CA GLY D 335 -5.53 -24.37 1.20
C GLY D 335 -5.62 -22.92 1.61
N SER D 336 -5.20 -22.00 0.76
CA SER D 336 -5.27 -20.58 1.08
C SER D 336 -6.72 -20.10 0.96
N LYS D 337 -7.27 -19.55 2.04
CA LYS D 337 -8.70 -19.23 2.13
C LYS D 337 -8.91 -17.74 2.36
N SER D 338 -9.97 -17.21 1.75
CA SER D 338 -10.37 -15.83 1.97
C SER D 338 -11.87 -15.79 2.32
N SER D 339 -12.21 -15.03 3.37
CA SER D 339 -13.59 -14.87 3.81
C SER D 339 -13.89 -13.38 3.89
N ASN D 340 -14.98 -12.95 3.25
CA ASN D 340 -15.28 -11.53 3.13
C ASN D 340 -16.78 -11.27 3.22
N LEU D 341 -17.11 -10.12 3.77
CA LEU D 341 -18.50 -9.69 3.94
C LEU D 341 -18.67 -8.32 3.28
N LEU D 342 -19.80 -8.13 2.59
CA LEU D 342 -20.03 -6.89 1.88
C LEU D 342 -21.47 -6.45 2.03
N ASP D 343 -21.66 -5.13 2.01
CA ASP D 343 -22.98 -4.51 2.12
C ASP D 343 -23.32 -3.88 0.77
N LEU D 344 -24.14 -4.58 -0.01
CA LEU D 344 -24.48 -4.14 -1.36
C LEU D 344 -25.26 -2.84 -1.36
N LYS D 345 -25.93 -2.50 -0.25
CA LYS D 345 -26.76 -1.31 -0.21
C LYS D 345 -25.98 -0.06 -0.57
N ASN D 346 -24.74 0.06 -0.06
CA ASN D 346 -23.95 1.28 -0.18
C ASN D 346 -22.64 0.98 -0.90
N PRO D 347 -22.65 0.93 -2.23
CA PRO D 347 -21.43 0.65 -2.98
C PRO D 347 -20.57 1.90 -3.15
N PHE D 348 -19.36 1.67 -3.64
CA PHE D 348 -18.43 2.75 -3.98
C PHE D 348 -18.48 2.92 -5.49
N PHE D 349 -18.95 4.08 -5.93
CA PHE D 349 -19.02 4.40 -7.36
C PHE D 349 -17.69 5.01 -7.78
N ARG D 350 -16.96 4.29 -8.60
CA ARG D 350 -15.59 4.65 -8.97
C ARG D 350 -15.46 5.22 -10.37
N TYR D 351 -16.38 4.88 -11.27
CA TYR D 351 -16.35 5.38 -12.65
CA TYR D 351 -16.32 5.38 -12.64
C TYR D 351 -16.36 6.91 -12.70
N1 GJV E . 20.59 -25.76 13.94
C2 GJV E . 19.40 -25.14 13.87
N3 GJV E . 18.93 -24.35 12.91
C4 GJV E . 19.81 -24.20 11.93
C5 GJV E . 21.07 -24.76 11.85
C6 GJV E . 21.46 -25.59 12.92
N6 GJV E . 22.65 -26.17 13.01
N7 GJV E . 21.71 -24.39 10.67
C8 GJV E . 20.84 -23.61 10.08
N9 GJV E . 19.67 -23.45 10.78
N10 GJV E . 18.01 -23.99 2.57
N11 GJV E . 19.84 -22.77 1.97
C1' GJV E . 18.51 -22.67 10.36
C2' GJV E . 18.81 -21.26 9.86
O2' GJV E . 18.87 -20.33 10.94
C3' GJV E . 17.61 -20.98 8.96
O3' GJV E . 16.58 -20.24 9.61
C4' GJV E . 17.08 -22.38 8.59
O4' GJV E . 17.93 -23.33 9.27
C5' GJV E . 17.10 -22.75 7.13
C6' GJV E . 18.47 -22.65 6.49
C7' GJV E . 18.55 -23.58 5.30
N8' GJV E . 19.32 -23.04 4.19
C9' GJV E . 19.05 -23.26 2.91
H2 GJV E . 18.76 -25.34 14.72
H1N6 GJV E . 23.36 -26.05 12.28
H2N6 GJV E . 22.90 -26.75 13.81
H8 GJV E . 21.03 -23.15 9.11
H10 GJV E . 17.39 -24.41 3.26
H20' GJV E . 17.75 -24.22 1.62
H11 GJV E . 20.66 -22.20 2.18
H21 GJV E . 19.69 -22.91 0.99
H1' GJV E . 17.76 -22.70 11.17
H2' GJV E . 19.73 -21.22 9.30
HO2' GJV E . 17.98 -20.34 11.38
H3' GJV E . 17.85 -20.36 8.09
HO3' GJV E . 16.09 -20.83 10.25
H4' GJV E . 16.08 -22.53 9.00
H15' GJV E . 16.70 -23.76 6.99
H25' GJV E . 16.36 -22.12 6.64
H16' GJV E . 19.24 -22.87 7.23
H26' GJV E . 18.66 -21.62 6.17
H17' GJV E . 17.53 -23.79 4.96
H27' GJV E . 18.96 -24.54 5.62
HN8' GJV E . 20.10 -22.45 4.45
C4 DXE F . 22.83 -17.99 0.89
O2 DXE F . 22.84 -17.78 2.27
C3 DXE F . 24.07 -17.31 2.76
C2 DXE F . 23.98 -17.20 4.28
O1 DXE F . 25.11 -16.54 4.76
C1 DXE F . 25.11 -15.15 4.63
H41 DXE F . 22.91 -17.13 0.44
H42 DXE F . 21.99 -18.39 0.63
H43 DXE F . 23.56 -18.56 0.64
H31 DXE F . 24.27 -16.45 2.37
H32 DXE F . 24.77 -17.94 2.53
H21 DXE F . 23.92 -18.08 4.67
H22 DXE F . 23.19 -16.68 4.52
H11 DXE F . 25.90 -14.78 5.05
H12 DXE F . 25.09 -14.91 3.69
H13 DXE F . 24.32 -14.80 5.06
C4 DXE G . -4.31 -28.00 1.33
O2 DXE G . -4.68 -29.33 1.11
C3 DXE G . -4.63 -29.73 -0.24
C2 DXE G . -5.22 -31.14 -0.38
O1 DXE G . -4.44 -32.06 0.36
C1 DXE G . -5.19 -33.05 1.02
H41 DXE G . -4.85 -27.42 0.77
H42 DXE G . -4.46 -27.77 2.26
H43 DXE G . -3.37 -27.87 1.11
H31 DXE G . -5.16 -29.12 -0.77
H32 DXE G . -3.71 -29.73 -0.55
H21 DXE G . -6.13 -31.15 -0.05
H22 DXE G . -5.21 -31.40 -1.31
H11 DXE G . -5.76 -32.64 1.69
H12 DXE G . -4.59 -33.68 1.45
H13 DXE G . -5.75 -33.51 0.38
C1 EDO H . 12.87 -36.38 -12.03
O1 EDO H . 13.76 -35.32 -12.00
C2 EDO H . 13.66 -37.69 -11.95
O2 EDO H . 12.75 -38.75 -11.91
H11 EDO H . 12.36 -36.36 -12.86
H12 EDO H . 12.27 -36.32 -11.28
HO1 EDO H . 13.34 -34.59 -12.04
H21 EDO H . 14.24 -37.77 -12.72
H22 EDO H . 14.20 -37.69 -11.15
HO2 EDO H . 13.18 -39.48 -11.91
C1 EDO I . 11.81 -22.35 -18.21
O1 EDO I . 12.87 -23.27 -18.30
C2 EDO I . 10.59 -23.09 -17.69
O2 EDO I . 10.35 -24.20 -18.51
H11 EDO I . 11.63 -21.98 -19.08
H12 EDO I . 12.05 -21.63 -17.59
HO1 EDO I . 13.58 -22.85 -18.50
H21 EDO I . 9.82 -22.51 -17.71
H22 EDO I . 10.75 -23.39 -16.78
HO2 EDO I . 9.68 -24.63 -18.22
C1 EDO J . 13.58 -16.81 -9.54
O1 EDO J . 14.07 -15.50 -9.48
C2 EDO J . 13.14 -17.20 -8.12
O2 EDO J . 12.12 -18.15 -8.22
H11 EDO J . 14.27 -17.41 -9.83
H12 EDO J . 12.82 -16.85 -10.14
HO1 EDO J . 14.35 -15.27 -10.25
H21 EDO J . 12.81 -16.41 -7.66
H22 EDO J . 13.89 -17.57 -7.63
HO2 EDO J . 11.92 -18.43 -7.45
O1 PG4 K . 49.05 -26.65 -10.55
C1 PG4 K . 48.70 -27.53 -11.59
C2 PG4 K . 49.65 -28.73 -11.53
O2 PG4 K . 49.98 -29.14 -12.83
C3 PG4 K . 49.30 -30.26 -13.33
C4 PG4 K . 50.12 -30.87 -14.46
O3 PG4 K . 49.37 -31.88 -15.09
C5 PG4 K . 50.06 -32.53 -16.12
C6 PG4 K . 49.17 -33.60 -16.77
O4 PG4 K . 48.54 -34.37 -15.79
C7 PG4 K . 47.66 -35.34 -16.29
C8 PG4 K . 46.94 -36.05 -15.15
O5 PG4 K . 45.92 -35.22 -14.66
HO1 PG4 K . 48.53 -25.87 -10.61
H11 PG4 K . 47.68 -27.86 -11.48
H12 PG4 K . 48.82 -27.02 -12.55
H21 PG4 K . 49.16 -29.55 -11.02
H22 PG4 K . 50.55 -28.46 -11.00
H31 PG4 K . 49.17 -30.99 -12.54
H32 PG4 K . 48.32 -29.96 -13.70
H41 PG4 K . 50.37 -30.10 -15.18
H42 PG4 K . 51.04 -31.29 -14.06
H51 PG4 K . 50.94 -33.00 -15.72
H52 PG4 K . 50.35 -31.80 -16.87
H61 PG4 K . 48.42 -33.11 -17.38
H62 PG4 K . 49.78 -34.24 -17.40
H71 PG4 K . 48.23 -36.07 -16.87
H72 PG4 K . 46.93 -34.87 -16.94
H81 PG4 K . 47.64 -36.26 -14.35
H82 PG4 K . 46.51 -36.97 -15.50
HO5 PG4 K . 45.51 -35.63 -13.91
C1 PEG L . 11.02 -45.56 6.04
O1 PEG L . 12.31 -46.11 6.12
C2 PEG L . 10.33 -46.15 4.81
O2 PEG L . 9.27 -45.31 4.44
C3 PEG L . 8.36 -45.87 3.53
C4 PEG L . 8.54 -45.21 2.17
O4 PEG L . 8.10 -46.10 1.19
H11 PEG L . 10.51 -45.80 6.84
H12 PEG L . 11.07 -44.60 5.95
HO1 PEG L . 12.67 -45.86 6.84
H21 PEG L . 10.97 -46.22 4.07
H22 PEG L . 9.98 -47.04 5.02
H31 PEG L . 8.53 -46.83 3.46
H32 PEG L . 7.46 -45.74 3.85
H41 PEG L . 9.47 -45.00 2.02
H42 PEG L . 8.01 -44.40 2.13
HO4 PEG L . 8.17 -45.74 0.42
N1 GJV M . 43.11 0.32 9.69
C2 GJV M . 43.56 0.18 8.44
N3 GJV M . 42.85 0.04 7.31
C4 GJV M . 41.55 0.10 7.55
C5 GJV M . 40.93 0.23 8.79
C6 GJV M . 41.78 0.32 9.91
N6 GJV M . 41.34 0.35 11.17
N7 GJV M . 39.56 0.29 8.65
C8 GJV M . 39.37 0.21 7.35
N9 GJV M . 40.52 0.09 6.63
N10 GJV M . 33.82 3.37 1.97
N11 GJV M . 35.78 4.54 1.76
C1' GJV M . 40.63 0.00 5.18
C2' GJV M . 39.78 -1.09 4.54
O2' GJV M . 40.45 -2.34 4.67
C3' GJV M . 39.66 -0.55 3.12
O3' GJV M . 40.80 -0.83 2.31
C4' GJV M . 39.51 0.95 3.36
O4' GJV M . 40.19 1.22 4.61
C5' GJV M . 38.09 1.44 3.51
C6' GJV M . 37.96 2.94 3.43
C7' GJV M . 36.75 3.44 4.18
N8' GJV M . 35.48 3.12 3.53
C9' GJV M . 35.03 3.66 2.41
H2 GJV M . 44.64 0.17 8.35
H1N6 GJV M . 40.35 0.30 11.40
H2N6 GJV M . 42.00 0.42 11.93
H8 GJV M . 38.38 0.23 6.90
H10 GJV M . 33.20 2.73 2.45
H20' GJV M . 33.43 3.76 1.12
H11 GJV M . 36.70 4.82 2.08
H21 GJV M . 35.50 5.00 0.89
H1' GJV M . 41.69 -0.08 4.92
H2' GJV M . 38.79 -1.16 5.02
HO2' GJV M . 41.22 -2.30 4.04
H3' GJV M . 38.85 -1.00 2.55
HO3' GJV M . 41.61 -0.41 2.72
H4' GJV M . 40.03 1.52 2.59
H15' GJV M . 37.65 1.08 4.44
H25' GJV M . 37.50 0.94 2.74
H16' GJV M . 37.94 3.25 2.39
H26' GJV M . 38.86 3.42 3.83
H17' GJV M . 36.83 4.53 4.29
H27' GJV M . 36.76 3.05 5.20
HN8' GJV M . 34.93 2.40 4.00
C1 EDO N . 0.85 21.00 19.23
O1 EDO N . 0.44 22.22 19.80
C2 EDO N . -0.24 19.95 19.46
O2 EDO N . 0.15 19.12 20.51
H11 EDO N . 0.98 21.12 18.28
H12 EDO N . 1.68 20.71 19.64
HO1 EDO N . 1.00 22.83 19.59
H21 EDO N . -1.08 20.40 19.69
H22 EDO N . -0.36 19.43 18.65
HO2 EDO N . -0.40 18.47 20.59
C1 EDO O . 31.85 -3.74 4.55
O1 EDO O . 31.04 -2.98 3.70
C2 EDO O . 31.02 -4.87 5.17
O2 EDO O . 30.25 -5.45 4.16
H11 EDO O . 32.20 -3.17 5.26
H12 EDO O . 32.58 -4.12 4.05
HO1 EDO O . 31.44 -2.26 3.49
H21 EDO O . 30.44 -4.50 5.87
H22 EDO O . 31.61 -5.53 5.56
HO2 EDO O . 29.84 -6.13 4.47
C1 PEG P . 30.59 23.96 -0.79
O1 PEG P . 30.46 25.04 -1.67
C2 PEG P . 29.61 22.84 -1.17
O2 PEG P . 29.55 22.76 -2.57
C3 PEG P . 30.13 21.61 -3.12
C4 PEG P . 30.54 21.90 -4.58
O4 PEG P . 31.26 20.79 -5.07
H11 PEG P . 30.41 24.25 0.12
H12 PEG P . 31.50 23.62 -0.84
HO1 PEG P . 30.60 25.77 -1.25
H21 PEG P . 29.93 21.99 -0.81
H22 PEG P . 28.74 23.04 -0.80
H31 PEG P . 29.50 20.88 -3.10
H32 PEG P . 30.92 21.38 -2.61
H41 PEG P . 31.10 22.69 -4.61
H42 PEG P . 29.74 22.03 -5.11
HO4 PEG P . 31.32 20.84 -5.91
N1 GJV Q . -26.83 14.48 19.73
C2 GJV Q . -25.65 13.86 19.66
N3 GJV Q . -24.83 13.74 18.61
C4 GJV Q . -25.33 14.35 17.53
C5 GJV Q . -26.54 15.02 17.46
C6 GJV Q . -27.32 15.08 18.63
N6 GJV Q . -28.51 15.65 18.69
N7 GJV Q . -26.73 15.54 16.18
C8 GJV Q . -25.66 15.17 15.53
N9 GJV Q . -24.76 14.45 16.29
N10 GJV Q . -22.44 19.08 9.26
N11 GJV Q . -20.99 19.73 10.90
C1' GJV Q . -23.47 13.93 15.86
C2' GJV Q . -23.49 13.12 14.57
O2' GJV Q . -23.88 11.79 14.83
C3' GJV Q . -22.02 13.24 14.12
O3' GJV Q . -21.24 12.10 14.50
C4' GJV Q . -21.50 14.50 14.84
O4' GJV Q . -22.61 15.01 15.61
C5' GJV Q . -20.95 15.60 13.97
C6' GJV Q . -21.90 16.04 12.87
C7' GJV Q . -21.55 17.44 12.41
N8' GJV Q . -22.18 17.79 11.14
C9' GJV Q . -21.88 18.87 10.44
H2 GJV Q . -25.33 13.39 20.59
H1N6 GJV Q . -28.94 16.10 17.89
H2N6 GJV Q . -29.04 15.67 19.56
H8 GJV Q . -25.49 15.41 14.49
H10 GJV Q . -23.11 18.44 8.85
H20' GJV Q . -22.26 19.90 8.69
H11 GJV Q . -20.52 19.59 11.79
H21 GJV Q . -20.70 20.58 10.43
H1' GJV Q . -23.02 13.39 16.70
H2' GJV Q . -24.15 13.56 13.83
HO2' GJV Q . -23.21 11.41 15.45
H3' GJV Q . -21.90 13.26 13.04
HO3' GJV Q . -21.00 12.18 15.46
H4' GJV Q . -20.75 14.22 15.58
H15' GJV Q . -20.67 16.47 14.58
H25' GJV Q . -20.01 15.24 13.57
H16' GJV Q . -22.92 15.97 13.22
H26' GJV Q . -21.86 15.35 12.03
H17' GJV Q . -20.48 17.52 12.31
H27' GJV Q . -21.84 18.17 13.18
HN8' GJV Q . -22.88 17.14 10.81
C4 DXE R . -27.39 11.96 4.18
O2 DXE R . -27.92 12.89 5.09
C3 DXE R . -27.15 13.12 6.24
C2 DXE R . -25.82 13.79 5.89
O1 DXE R . -26.03 14.95 5.13
C1 DXE R . -24.85 15.66 4.84
H41 DXE R . -27.20 11.13 4.63
H42 DXE R . -28.05 11.80 3.47
H43 DXE R . -26.58 12.32 3.79
H31 DXE R . -26.98 12.28 6.68
H32 DXE R . -27.65 13.70 6.84
H21 DXE R . -25.27 13.17 5.38
H22 DXE R . -25.36 14.03 6.71
H11 DXE R . -24.46 15.99 5.66
H12 DXE R . -25.07 16.41 4.26
H13 DXE R . -24.21 15.08 4.41
C4 DXE S . -12.05 40.26 10.14
O2 DXE S . -12.68 39.00 10.04
C3 DXE S . -12.39 38.31 8.86
C2 DXE S . -12.80 36.84 9.01
O1 DXE S . -12.50 36.16 7.83
C1 DXE S . -11.19 35.64 7.79
H41 DXE S . -12.38 40.72 10.93
H42 DXE S . -11.09 40.13 10.22
H43 DXE S . -12.25 40.78 9.36
H31 DXE S . -12.86 38.71 8.12
H32 DXE S . -11.43 38.35 8.69
H21 DXE S . -13.76 36.80 9.17
H22 DXE S . -12.34 36.44 9.76
H11 DXE S . -11.08 35.12 6.98
H12 DXE S . -10.56 36.37 7.79
H13 DXE S . -11.04 35.07 8.56
C1 EDO T . -25.22 30.70 29.80
O1 EDO T . -24.77 31.64 28.86
C2 EDO T . -26.22 29.77 29.09
O2 EDO T . -26.67 28.82 30.01
H11 EDO T . -24.48 30.18 30.13
H12 EDO T . -25.67 31.15 30.53
HO1 EDO T . -24.28 32.21 29.26
H21 EDO T . -26.97 30.29 28.77
H22 EDO T . -25.78 29.33 28.35
HO2 EDO T . -27.23 28.31 29.64
C1 EDO U . -11.34 19.89 0.21
O1 EDO U . -11.09 19.46 1.53
C2 EDO U . -12.52 19.09 -0.33
O2 EDO U . -12.94 19.68 -1.53
H11 EDO U . -10.56 19.73 -0.34
H12 EDO U . -11.56 20.83 0.22
HO1 EDO U . -10.37 19.83 1.81
H21 EDO U . -12.25 18.18 -0.50
H22 EDO U . -13.25 19.11 0.32
HO2 EDO U . -13.57 19.22 -1.87
C1 EDO V . -8.85 31.37 -3.76
O1 EDO V . -7.60 31.12 -3.18
C2 EDO V . -9.35 30.09 -4.42
O2 EDO V . -9.01 29.01 -3.58
H11 EDO V . -8.76 32.07 -4.42
H12 EDO V . -9.48 31.65 -3.07
HO1 EDO V . -7.24 31.84 -2.96
H21 EDO V . -10.31 30.13 -4.53
H22 EDO V . -8.93 29.99 -5.28
HO2 EDO V . -9.34 28.29 -3.91
C4 DXE W . -14.99 35.19 27.27
O2 DXE W . -13.68 35.52 26.91
C3 DXE W . -13.58 36.26 25.72
C2 DXE W . -12.74 37.52 25.98
O1 DXE W . -12.76 38.34 24.84
C1 DXE W . -11.99 39.51 24.95
H41 DXE W . -14.98 34.59 28.04
H42 DXE W . -15.49 35.99 27.50
H43 DXE W . -15.44 34.74 26.53
H31 DXE W . -13.16 35.72 25.03
H32 DXE W . -14.47 36.52 25.42
H21 DXE W . -11.83 37.25 26.16
H22 DXE W . -13.10 38.00 26.74
H11 DXE W . -12.00 39.98 24.09
H12 DXE W . -11.07 39.28 25.16
H13 DXE W . -12.34 40.08 25.64
N1 GJV X . -44.37 -1.54 -6.31
C2 GJV X . -44.47 -0.63 -7.28
N3 GJV X . -43.49 0.10 -7.83
C4 GJV X . -42.31 -0.20 -7.30
C5 GJV X . -42.06 -1.11 -6.30
C6 GJV X . -43.16 -1.82 -5.79
N6 GJV X . -43.08 -2.75 -4.83
N7 GJV X . -40.70 -1.16 -6.00
C8 GJV X . -40.18 -0.28 -6.80
N9 GJV X . -41.08 0.34 -7.63
N10 GJV X . -34.14 -0.79 -12.39
N11 GJV X . -32.94 -0.30 -10.50
C1' GJV X . -40.79 1.32 -8.67
C2' GJV X . -39.91 2.49 -8.23
O2' GJV X . -40.65 3.54 -7.63
C3' GJV X . -39.29 2.88 -9.57
O3' GJV X . -40.16 3.63 -10.41
C4' GJV X . -39.01 1.52 -10.19
O4' GJV X . -40.07 0.67 -9.70
C5' GJV X . -37.70 0.89 -9.78
C6' GJV X . -37.65 -0.61 -10.01
C7' GJV X . -36.51 -0.96 -10.93
N8' GJV X . -35.20 -0.63 -10.38
C9' GJV X . -34.09 -0.56 -11.09
H2 GJV X . -45.48 -0.45 -7.65
H1N6 GJV X . -42.20 -3.00 -4.40
H2N6 GJV X . -43.92 -3.23 -4.51
H8 GJV X . -39.11 -0.07 -6.83
H10 GJV X . -35.01 -1.01 -12.88
H20' GJV X . -33.34 -0.76 -13.02
H11 GJV X . -32.06 -0.24 -11.01
H21 GJV X . -32.85 -0.15 -9.51
H1' GJV X . -41.74 1.64 -9.12
H2' GJV X . -39.13 2.17 -7.53
HO2' GJV X . -41.24 3.89 -8.35
H3' GJV X . -38.41 3.52 -9.48
HO3' GJV X . -40.98 3.09 -10.62
H4' GJV X . -39.10 1.55 -11.28
H15' GJV X . -36.87 1.37 -10.29
H25' GJV X . -37.55 1.15 -8.73
H16' GJV X . -38.60 -0.95 -10.41
H26' GJV X . -37.53 -1.14 -9.06
H17' GJV X . -36.65 -0.43 -11.88
H27' GJV X . -36.55 -2.02 -11.18
HN8' GJV X . -35.19 -0.43 -9.38
C4 DXE Y . -24.96 -11.29 -26.09
O2 DXE Y . -25.58 -12.27 -25.30
C3 DXE Y . -24.94 -12.50 -24.08
C2 DXE Y . -25.39 -13.86 -23.51
O1 DXE Y . -26.46 -14.36 -24.26
C1 DXE Y . -26.11 -15.30 -25.25
H41 DXE Y . -25.39 -11.25 -26.95
H42 DXE Y . -25.03 -10.42 -25.65
H43 DXE Y . -24.03 -11.51 -26.20
H31 DXE Y . -23.99 -12.51 -24.21
H32 DXE Y . -25.18 -11.80 -23.45
H21 DXE Y . -24.65 -14.48 -23.55
H22 DXE Y . -25.67 -13.74 -22.59
H11 DXE Y . -26.92 -15.63 -25.67
H12 DXE Y . -25.63 -16.03 -24.83
H13 DXE Y . -25.56 -14.87 -25.92
C1 EDO Z . -32.55 3.90 -4.38
O1 EDO Z . -31.82 4.63 -3.43
C2 EDO Z . -31.75 2.64 -4.73
O2 EDO Z . -30.62 3.01 -5.45
H11 EDO Z . -33.40 3.65 -4.01
H12 EDO Z . -32.68 4.43 -5.17
HO1 EDO Z . -32.23 5.36 -3.28
H21 EDO Z . -32.31 2.05 -5.27
H22 EDO Z . -31.49 2.18 -3.91
HO2 EDO Z . -30.21 2.31 -5.73
#